data_2HKZ
# 
_entry.id   2HKZ 
# 
_audit_conform.dict_name       mmcif_pdbx.dic 
_audit_conform.dict_version    5.380 
_audit_conform.dict_location   http://mmcif.pdb.org/dictionaries/ascii/mmcif_pdbx.dic 
# 
loop_
_database_2.database_id 
_database_2.database_code 
_database_2.pdbx_database_accession 
_database_2.pdbx_DOI 
PDB   2HKZ         pdb_00002hkz 10.2210/pdb2hkz/pdb 
RCSB  RCSB038466   ?            ?                   
WWPDB D_1000038466 ?            ?                   
# 
loop_
_pdbx_database_related.db_name 
_pdbx_database_related.db_id 
_pdbx_database_related.details 
_pdbx_database_related.content_type 
PDB 1Y2Q 'The same protein without ligand'                              unspecified 
PDB 2HL0 
;The same protein in complex with seryl-3'-aminoadenosine
;
unspecified 
PDB 2HL1 
;The same protein in complex with seryl-3'-aminoadenosine
;
unspecified 
PDB 2HL2 'The same protein in complex with an analog of seryladenylate' unspecified 
# 
_pdbx_database_status.status_code                     REL 
_pdbx_database_status.entry_id                        2HKZ 
_pdbx_database_status.recvd_initial_deposition_date   2006-07-06 
_pdbx_database_status.deposit_site                    RCSB 
_pdbx_database_status.process_site                    PDBJ 
_pdbx_database_status.status_code_sf                  REL 
_pdbx_database_status.status_code_mr                  ? 
_pdbx_database_status.SG_entry                        ? 
_pdbx_database_status.pdb_format_compatible           Y 
_pdbx_database_status.status_code_cs                  ? 
_pdbx_database_status.status_code_nmr_data            ? 
_pdbx_database_status.methods_development_category    ? 
# 
loop_
_audit_author.name 
_audit_author.pdbx_ordinal 
'Dwivedi, S.'          1 
'Kruparani, S.P.'      2 
'Sankaranarayanan, R.' 3 
# 
loop_
_citation.id 
_citation.title 
_citation.journal_abbrev 
_citation.journal_volume 
_citation.page_first 
_citation.page_last 
_citation.year 
_citation.journal_id_ASTM 
_citation.country 
_citation.journal_id_ISSN 
_citation.journal_id_CSD 
_citation.book_publisher 
_citation.pdbx_database_id_PubMed 
_citation.pdbx_database_id_DOI 
primary 'Post-transfer editing mechanism of a D-aminoacyl-tRNA deacylase-like domain in threonyl-tRNA synthetase from archaea' 
'Embo J.'            25 4152 4162 2006 EMJODG UK 0261-4189 0897 ? 16902403 10.1038/sj.emboj.7601278 
1       'A D-amino acid editing module coupled to the translational apparatus in archaea'                                      
Nat.Struct.Mol.Biol. 12 556  557  2005 ?      US 1545-9993 ?    ? 15908961 10.1038/nsmb943          
# 
loop_
_citation_author.citation_id 
_citation_author.name 
_citation_author.ordinal 
_citation_author.identifier_ORCID 
primary 'Hussain, T.'          1  ? 
primary 'Kruparani, S.P.'      2  ? 
primary 'Pal, B.'              3  ? 
primary 'Dock-Bregeon, A.C.'   4  ? 
primary 'Dwivedi, S.'          5  ? 
primary 'Shekar, M.R.'         6  ? 
primary 'Sureshbabu, K.'       7  ? 
primary 'Sankaranarayanan, R.' 8  ? 
1       'Dwivedi, S.'          9  ? 
1       'Kruparani, S.P.'      10 ? 
1       'Sankaranarayanan, R.' 11 ? 
# 
_cell.entry_id           2HKZ 
_cell.length_a           61.906 
_cell.length_b           61.906 
_cell.length_c           64.607 
_cell.angle_alpha        90.00 
_cell.angle_beta         90.00 
_cell.angle_gamma        120.00 
_cell.Z_PDB              6 
_cell.pdbx_unique_axis   ? 
_cell.length_a_esd       ? 
_cell.length_b_esd       ? 
_cell.length_c_esd       ? 
_cell.angle_alpha_esd    ? 
_cell.angle_beta_esd     ? 
_cell.angle_gamma_esd    ? 
# 
_symmetry.entry_id                         2HKZ 
_symmetry.space_group_name_H-M             'P 32 2 1' 
_symmetry.pdbx_full_space_group_name_H-M   ? 
_symmetry.cell_setting                     ? 
_symmetry.Int_Tables_number                154 
_symmetry.space_group_name_Hall            ? 
# 
loop_
_entity.id 
_entity.type 
_entity.src_method 
_entity.pdbx_description 
_entity.formula_weight 
_entity.pdbx_number_of_molecules 
_entity.pdbx_ec 
_entity.pdbx_mutation 
_entity.pdbx_fragment 
_entity.details 
1 polymer     man 'Threonyl-tRNA synthetase' 16281.795 1   6.1.1.3 ? 'editing domain (residues 1-143)' ? 
2 non-polymer syn SERINE                     105.093   1   ?       ? ?                                 ? 
3 water       nat water                      18.015    106 ?       ? ?                                 ? 
# 
_entity_name_com.entity_id   1 
_entity_name_com.name        'Threonine--tRNA ligase, ThrRS' 
# 
_entity_poly.entity_id                      1 
_entity_poly.type                           'polypeptide(L)' 
_entity_poly.nstd_linkage                   no 
_entity_poly.nstd_monomer                   no 
_entity_poly.pdbx_seq_one_letter_code       
;MRVLLIHSDYIEYEVKDKALKNPEPISEDMKRGRMEEVLVAFISVEKVDEKNPEEVSLKAIEEISKVAEQVKAENVFVYP
FAHLSSELAKPSVAMDILNRVYQGLKERGFNVGKAPFGYYKAFKISCKGHPLAELSRTIVPEE
;
_entity_poly.pdbx_seq_one_letter_code_can   
;MRVLLIHSDYIEYEVKDKALKNPEPISEDMKRGRMEEVLVAFISVEKVDEKNPEEVSLKAIEEISKVAEQVKAENVFVYP
FAHLSSELAKPSVAMDILNRVYQGLKERGFNVGKAPFGYYKAFKISCKGHPLAELSRTIVPEE
;
_entity_poly.pdbx_strand_id                 A 
_entity_poly.pdbx_target_identifier         ? 
# 
loop_
_entity_poly_seq.entity_id 
_entity_poly_seq.num 
_entity_poly_seq.mon_id 
_entity_poly_seq.hetero 
1 1   MET n 
1 2   ARG n 
1 3   VAL n 
1 4   LEU n 
1 5   LEU n 
1 6   ILE n 
1 7   HIS n 
1 8   SER n 
1 9   ASP n 
1 10  TYR n 
1 11  ILE n 
1 12  GLU n 
1 13  TYR n 
1 14  GLU n 
1 15  VAL n 
1 16  LYS n 
1 17  ASP n 
1 18  LYS n 
1 19  ALA n 
1 20  LEU n 
1 21  LYS n 
1 22  ASN n 
1 23  PRO n 
1 24  GLU n 
1 25  PRO n 
1 26  ILE n 
1 27  SER n 
1 28  GLU n 
1 29  ASP n 
1 30  MET n 
1 31  LYS n 
1 32  ARG n 
1 33  GLY n 
1 34  ARG n 
1 35  MET n 
1 36  GLU n 
1 37  GLU n 
1 38  VAL n 
1 39  LEU n 
1 40  VAL n 
1 41  ALA n 
1 42  PHE n 
1 43  ILE n 
1 44  SER n 
1 45  VAL n 
1 46  GLU n 
1 47  LYS n 
1 48  VAL n 
1 49  ASP n 
1 50  GLU n 
1 51  LYS n 
1 52  ASN n 
1 53  PRO n 
1 54  GLU n 
1 55  GLU n 
1 56  VAL n 
1 57  SER n 
1 58  LEU n 
1 59  LYS n 
1 60  ALA n 
1 61  ILE n 
1 62  GLU n 
1 63  GLU n 
1 64  ILE n 
1 65  SER n 
1 66  LYS n 
1 67  VAL n 
1 68  ALA n 
1 69  GLU n 
1 70  GLN n 
1 71  VAL n 
1 72  LYS n 
1 73  ALA n 
1 74  GLU n 
1 75  ASN n 
1 76  VAL n 
1 77  PHE n 
1 78  VAL n 
1 79  TYR n 
1 80  PRO n 
1 81  PHE n 
1 82  ALA n 
1 83  HIS n 
1 84  LEU n 
1 85  SER n 
1 86  SER n 
1 87  GLU n 
1 88  LEU n 
1 89  ALA n 
1 90  LYS n 
1 91  PRO n 
1 92  SER n 
1 93  VAL n 
1 94  ALA n 
1 95  MET n 
1 96  ASP n 
1 97  ILE n 
1 98  LEU n 
1 99  ASN n 
1 100 ARG n 
1 101 VAL n 
1 102 TYR n 
1 103 GLN n 
1 104 GLY n 
1 105 LEU n 
1 106 LYS n 
1 107 GLU n 
1 108 ARG n 
1 109 GLY n 
1 110 PHE n 
1 111 ASN n 
1 112 VAL n 
1 113 GLY n 
1 114 LYS n 
1 115 ALA n 
1 116 PRO n 
1 117 PHE n 
1 118 GLY n 
1 119 TYR n 
1 120 TYR n 
1 121 LYS n 
1 122 ALA n 
1 123 PHE n 
1 124 LYS n 
1 125 ILE n 
1 126 SER n 
1 127 CYS n 
1 128 LYS n 
1 129 GLY n 
1 130 HIS n 
1 131 PRO n 
1 132 LEU n 
1 133 ALA n 
1 134 GLU n 
1 135 LEU n 
1 136 SER n 
1 137 ARG n 
1 138 THR n 
1 139 ILE n 
1 140 VAL n 
1 141 PRO n 
1 142 GLU n 
1 143 GLU n 
# 
_entity_src_gen.entity_id                          1 
_entity_src_gen.pdbx_src_id                        1 
_entity_src_gen.pdbx_alt_source_flag               sample 
_entity_src_gen.pdbx_seq_type                      ? 
_entity_src_gen.pdbx_beg_seq_num                   ? 
_entity_src_gen.pdbx_end_seq_num                   ? 
_entity_src_gen.gene_src_common_name               ? 
_entity_src_gen.gene_src_genus                     Pyrococcus 
_entity_src_gen.pdbx_gene_src_gene                 ? 
_entity_src_gen.gene_src_species                   ? 
_entity_src_gen.gene_src_strain                    ? 
_entity_src_gen.gene_src_tissue                    ? 
_entity_src_gen.gene_src_tissue_fraction           ? 
_entity_src_gen.gene_src_details                   ? 
_entity_src_gen.pdbx_gene_src_fragment             ? 
_entity_src_gen.pdbx_gene_src_scientific_name      'Pyrococcus abyssi' 
_entity_src_gen.pdbx_gene_src_ncbi_taxonomy_id     29292 
_entity_src_gen.pdbx_gene_src_variant              ? 
_entity_src_gen.pdbx_gene_src_cell_line            ? 
_entity_src_gen.pdbx_gene_src_atcc                 ? 
_entity_src_gen.pdbx_gene_src_organ                ? 
_entity_src_gen.pdbx_gene_src_organelle            ? 
_entity_src_gen.pdbx_gene_src_cell                 ? 
_entity_src_gen.pdbx_gene_src_cellular_location    ? 
_entity_src_gen.host_org_common_name               ? 
_entity_src_gen.pdbx_host_org_scientific_name      'Escherichia coli BL21' 
_entity_src_gen.pdbx_host_org_ncbi_taxonomy_id     511693 
_entity_src_gen.host_org_genus                     Escherichia 
_entity_src_gen.pdbx_host_org_gene                 ? 
_entity_src_gen.pdbx_host_org_organ                ? 
_entity_src_gen.host_org_species                   'Escherichia coli' 
_entity_src_gen.pdbx_host_org_tissue               ? 
_entity_src_gen.pdbx_host_org_tissue_fraction      ? 
_entity_src_gen.pdbx_host_org_strain               BL21 
_entity_src_gen.pdbx_host_org_variant              ? 
_entity_src_gen.pdbx_host_org_cell_line            ? 
_entity_src_gen.pdbx_host_org_atcc                 ? 
_entity_src_gen.pdbx_host_org_culture_collection   ? 
_entity_src_gen.pdbx_host_org_cell                 ? 
_entity_src_gen.pdbx_host_org_organelle            ? 
_entity_src_gen.pdbx_host_org_cellular_location    ? 
_entity_src_gen.pdbx_host_org_vector_type          plasmid 
_entity_src_gen.pdbx_host_org_vector               ? 
_entity_src_gen.host_org_details                   ? 
_entity_src_gen.expression_system_id               ? 
_entity_src_gen.plasmid_name                       pET21b 
_entity_src_gen.plasmid_details                    ? 
_entity_src_gen.pdbx_description                   ? 
# 
_struct_ref.id                         1 
_struct_ref.db_name                    UNP 
_struct_ref.db_code                    SYT_PYRAB 
_struct_ref.pdbx_db_accession          Q9UZ14 
_struct_ref.entity_id                  1 
_struct_ref.pdbx_seq_one_letter_code   
;MRVLLIHSDYIEYEVKDKALKNPEPISEDMKRGRMEEVLVAFISVEKVDEKNPEEVSLKAIEEISKVAEQVKAENVFVYP
FAHLSSELAKPSVAMDILNRVYQGLKERGFNVGKAPFGYYKAFKISCKGHPLAELSRTIVPEE
;
_struct_ref.pdbx_align_begin           1 
_struct_ref.pdbx_db_isoform            ? 
# 
_struct_ref_seq.align_id                      1 
_struct_ref_seq.ref_id                        1 
_struct_ref_seq.pdbx_PDB_id_code              2HKZ 
_struct_ref_seq.pdbx_strand_id                A 
_struct_ref_seq.seq_align_beg                 1 
_struct_ref_seq.pdbx_seq_align_beg_ins_code   ? 
_struct_ref_seq.seq_align_end                 143 
_struct_ref_seq.pdbx_seq_align_end_ins_code   ? 
_struct_ref_seq.pdbx_db_accession             Q9UZ14 
_struct_ref_seq.db_align_beg                  1 
_struct_ref_seq.pdbx_db_align_beg_ins_code    ? 
_struct_ref_seq.db_align_end                  143 
_struct_ref_seq.pdbx_db_align_end_ins_code    ? 
_struct_ref_seq.pdbx_auth_seq_align_beg       1 
_struct_ref_seq.pdbx_auth_seq_align_end       143 
# 
loop_
_chem_comp.id 
_chem_comp.type 
_chem_comp.mon_nstd_flag 
_chem_comp.name 
_chem_comp.pdbx_synonyms 
_chem_comp.formula 
_chem_comp.formula_weight 
ALA 'L-peptide linking' y ALANINE         ? 'C3 H7 N O2'     89.093  
ARG 'L-peptide linking' y ARGININE        ? 'C6 H15 N4 O2 1' 175.209 
ASN 'L-peptide linking' y ASPARAGINE      ? 'C4 H8 N2 O3'    132.118 
ASP 'L-peptide linking' y 'ASPARTIC ACID' ? 'C4 H7 N O4'     133.103 
CYS 'L-peptide linking' y CYSTEINE        ? 'C3 H7 N O2 S'   121.158 
GLN 'L-peptide linking' y GLUTAMINE       ? 'C5 H10 N2 O3'   146.144 
GLU 'L-peptide linking' y 'GLUTAMIC ACID' ? 'C5 H9 N O4'     147.129 
GLY 'peptide linking'   y GLYCINE         ? 'C2 H5 N O2'     75.067  
HIS 'L-peptide linking' y HISTIDINE       ? 'C6 H10 N3 O2 1' 156.162 
HOH non-polymer         . WATER           ? 'H2 O'           18.015  
ILE 'L-peptide linking' y ISOLEUCINE      ? 'C6 H13 N O2'    131.173 
LEU 'L-peptide linking' y LEUCINE         ? 'C6 H13 N O2'    131.173 
LYS 'L-peptide linking' y LYSINE          ? 'C6 H15 N2 O2 1' 147.195 
MET 'L-peptide linking' y METHIONINE      ? 'C5 H11 N O2 S'  149.211 
PHE 'L-peptide linking' y PHENYLALANINE   ? 'C9 H11 N O2'    165.189 
PRO 'L-peptide linking' y PROLINE         ? 'C5 H9 N O2'     115.130 
SER 'L-peptide linking' y SERINE          ? 'C3 H7 N O3'     105.093 
THR 'L-peptide linking' y THREONINE       ? 'C4 H9 N O3'     119.119 
TYR 'L-peptide linking' y TYROSINE        ? 'C9 H11 N O3'    181.189 
VAL 'L-peptide linking' y VALINE          ? 'C5 H11 N O2'    117.146 
# 
_exptl.entry_id          2HKZ 
_exptl.method            'X-RAY DIFFRACTION' 
_exptl.crystals_number   1 
# 
_exptl_crystal.id                    1 
_exptl_crystal.density_meas          ? 
_exptl_crystal.density_Matthews      2.19 
_exptl_crystal.density_percent_sol   43.93 
_exptl_crystal.description           ? 
_exptl_crystal.F_000                 ? 
_exptl_crystal.preparation           ? 
# 
_exptl_crystal_grow.crystal_id      1 
_exptl_crystal_grow.method          'VAPOR DIFFUSION, HANGING DROP' 
_exptl_crystal_grow.temp            277 
_exptl_crystal_grow.temp_details    ? 
_exptl_crystal_grow.pH              7.0 
_exptl_crystal_grow.pdbx_details    '25% PEG 8000, 0.1M HEPES, pH 7.0, VAPOR DIFFUSION, HANGING DROP, temperature 277K' 
_exptl_crystal_grow.pdbx_pH_range   . 
# 
_diffrn.id                     1 
_diffrn.ambient_temp           100 
_diffrn.ambient_temp_details   ? 
_diffrn.crystal_id             1 
# 
_diffrn_detector.diffrn_id              1 
_diffrn_detector.detector               'IMAGE PLATE' 
_diffrn_detector.type                   'MAR scanner 345 mm plate' 
_diffrn_detector.pdbx_collection_date   2004-08-19 
_diffrn_detector.details                'Osmic mirrors' 
# 
_diffrn_radiation.diffrn_id                        1 
_diffrn_radiation.wavelength_id                    1 
_diffrn_radiation.pdbx_monochromatic_or_laue_m_l   M 
_diffrn_radiation.monochromator                    ? 
_diffrn_radiation.pdbx_diffrn_protocol             'SINGLE WAVELENGTH' 
_diffrn_radiation.pdbx_scattering_type             x-ray 
# 
_diffrn_radiation_wavelength.id           1 
_diffrn_radiation_wavelength.wavelength   1.5418 
_diffrn_radiation_wavelength.wt           1.0 
# 
_diffrn_source.diffrn_id                   1 
_diffrn_source.source                      'ROTATING ANODE' 
_diffrn_source.type                        'RIGAKU RU300' 
_diffrn_source.pdbx_synchrotron_site       ? 
_diffrn_source.pdbx_synchrotron_beamline   ? 
_diffrn_source.pdbx_wavelength             ? 
_diffrn_source.pdbx_wavelength_list        1.5418 
# 
_reflns.entry_id                     2HKZ 
_reflns.observed_criterion_sigma_I   0 
_reflns.observed_criterion_sigma_F   0 
_reflns.d_resolution_low             25.0 
_reflns.d_resolution_high            2.10 
_reflns.number_obs                   8413 
_reflns.number_all                   8413 
_reflns.percent_possible_obs         96.7 
_reflns.pdbx_Rmerge_I_obs            0.07 
_reflns.pdbx_Rsym_value              ? 
_reflns.pdbx_netI_over_sigmaI        12.77 
_reflns.B_iso_Wilson_estimate        17.5 
_reflns.pdbx_redundancy              2.9 
_reflns.R_free_details               ? 
_reflns.limit_h_max                  ? 
_reflns.limit_h_min                  ? 
_reflns.limit_k_max                  ? 
_reflns.limit_k_min                  ? 
_reflns.limit_l_max                  ? 
_reflns.limit_l_min                  ? 
_reflns.observed_criterion_F_max     ? 
_reflns.observed_criterion_F_min     ? 
_reflns.pdbx_chi_squared             ? 
_reflns.pdbx_scaling_rejects         ? 
_reflns.pdbx_diffrn_id               1 
_reflns.pdbx_ordinal                 1 
# 
_reflns_shell.d_res_high             2.10 
_reflns_shell.d_res_low              2.18 
_reflns_shell.percent_possible_all   84.6 
_reflns_shell.Rmerge_I_obs           0.388 
_reflns_shell.pdbx_Rsym_value        ? 
_reflns_shell.meanI_over_sigI_obs    1.85 
_reflns_shell.pdbx_redundancy        2.4 
_reflns_shell.percent_possible_obs   ? 
_reflns_shell.number_unique_all      719 
_reflns_shell.number_measured_all    ? 
_reflns_shell.number_measured_obs    ? 
_reflns_shell.number_unique_obs      ? 
_reflns_shell.pdbx_chi_squared       ? 
_reflns_shell.pdbx_diffrn_id         ? 
_reflns_shell.pdbx_ordinal           1 
# 
_refine.entry_id                                 2HKZ 
_refine.ls_number_reflns_obs                     8399 
_refine.ls_number_reflns_all                     8399 
_refine.pdbx_ls_sigma_I                          ? 
_refine.pdbx_ls_sigma_F                          0.0 
_refine.pdbx_data_cutoff_high_absF               1299462.82 
_refine.pdbx_data_cutoff_low_absF                0.000000 
_refine.pdbx_data_cutoff_high_rms_absF           ? 
_refine.ls_d_res_low                             24.76 
_refine.ls_d_res_high                            2.10 
_refine.ls_percent_reflns_obs                    96.6 
_refine.ls_R_factor_obs                          0.22 
_refine.ls_R_factor_all                          ? 
_refine.ls_R_factor_R_work                       0.22 
_refine.ls_R_factor_R_free                       0.286 
_refine.ls_R_factor_R_free_error                 0.014 
_refine.ls_R_factor_R_free_error_details         ? 
_refine.ls_percent_reflns_R_free                 5.3 
_refine.ls_number_reflns_R_free                  441 
_refine.ls_number_parameters                     ? 
_refine.ls_number_restraints                     ? 
_refine.occupancy_min                            ? 
_refine.occupancy_max                            ? 
_refine.correlation_coeff_Fo_to_Fc               ? 
_refine.correlation_coeff_Fo_to_Fc_free          ? 
_refine.B_iso_mean                               30.1 
_refine.aniso_B[1][1]                            -2.85 
_refine.aniso_B[2][2]                            -2.85 
_refine.aniso_B[3][3]                            5.70 
_refine.aniso_B[1][2]                            -1.09 
_refine.aniso_B[1][3]                            0.00 
_refine.aniso_B[2][3]                            0.00 
_refine.solvent_model_details                    'FLAT MODEL' 
_refine.solvent_model_param_ksol                 0.356652 
_refine.solvent_model_param_bsol                 63.3287 
_refine.pdbx_solvent_vdw_probe_radii             ? 
_refine.pdbx_solvent_ion_probe_radii             ? 
_refine.pdbx_solvent_shrinkage_radii             ? 
_refine.pdbx_ls_cross_valid_method               THROUGHOUT 
_refine.details                                  ? 
_refine.pdbx_starting_model                      'PDB ENTRY 1Y2Q' 
_refine.pdbx_method_to_determine_struct          'MOLECULAR REPLACEMENT' 
_refine.pdbx_isotropic_thermal_model             RESTRAINED 
_refine.pdbx_stereochemistry_target_values       'Engh & Huber' 
_refine.pdbx_stereochem_target_val_spec_case     ? 
_refine.pdbx_R_Free_selection_details            RANDOM 
_refine.pdbx_overall_ESU_R                       ? 
_refine.pdbx_overall_ESU_R_Free                  ? 
_refine.overall_SU_ML                            ? 
_refine.overall_SU_B                             ? 
_refine.ls_redundancy_reflns_obs                 ? 
_refine.B_iso_min                                ? 
_refine.B_iso_max                                ? 
_refine.overall_SU_R_Cruickshank_DPI             ? 
_refine.overall_SU_R_free                        ? 
_refine.ls_wR_factor_R_free                      ? 
_refine.ls_wR_factor_R_work                      ? 
_refine.overall_FOM_free_R_set                   ? 
_refine.overall_FOM_work_R_set                   ? 
_refine.pdbx_refine_id                           'X-RAY DIFFRACTION' 
_refine.pdbx_diffrn_id                           1 
_refine.pdbx_TLS_residual_ADP_flag               ? 
_refine.pdbx_overall_phase_error                 ? 
_refine.pdbx_overall_SU_R_free_Cruickshank_DPI   ? 
_refine.pdbx_overall_SU_R_Blow_DPI               ? 
_refine.pdbx_overall_SU_R_free_Blow_DPI          ? 
# 
_refine_analyze.entry_id                        2HKZ 
_refine_analyze.Luzzati_coordinate_error_obs    0.26 
_refine_analyze.Luzzati_sigma_a_obs             0.24 
_refine_analyze.Luzzati_d_res_low_obs           5.00 
_refine_analyze.Luzzati_coordinate_error_free   0.34 
_refine_analyze.Luzzati_sigma_a_free            0.27 
_refine_analyze.Luzzati_d_res_low_free          ? 
_refine_analyze.number_disordered_residues      ? 
_refine_analyze.occupancy_sum_hydrogen          ? 
_refine_analyze.occupancy_sum_non_hydrogen      ? 
_refine_analyze.pdbx_Luzzati_d_res_high_obs     ? 
_refine_analyze.pdbx_refine_id                  'X-RAY DIFFRACTION' 
# 
_refine_hist.pdbx_refine_id                   'X-RAY DIFFRACTION' 
_refine_hist.cycle_id                         LAST 
_refine_hist.pdbx_number_atoms_protein        1140 
_refine_hist.pdbx_number_atoms_nucleic_acid   0 
_refine_hist.pdbx_number_atoms_ligand         7 
_refine_hist.number_atoms_solvent             106 
_refine_hist.number_atoms_total               1253 
_refine_hist.d_res_high                       2.10 
_refine_hist.d_res_low                        24.76 
# 
loop_
_refine_ls_restr.type 
_refine_ls_restr.dev_ideal 
_refine_ls_restr.dev_ideal_target 
_refine_ls_restr.weight 
_refine_ls_restr.number 
_refine_ls_restr.pdbx_refine_id 
_refine_ls_restr.pdbx_restraint_function 
c_bond_d           0.006 ? ? ? 'X-RAY DIFFRACTION' ? 
c_angle_deg        1.4   ? ? ? 'X-RAY DIFFRACTION' ? 
c_dihedral_angle_d 23.7  ? ? ? 'X-RAY DIFFRACTION' ? 
c_improper_angle_d 0.69  ? ? ? 'X-RAY DIFFRACTION' ? 
# 
_refine_ls_shell.pdbx_total_number_of_bins_used   6 
_refine_ls_shell.d_res_high                       2.10 
_refine_ls_shell.d_res_low                        2.23 
_refine_ls_shell.number_reflns_R_work             1147 
_refine_ls_shell.R_factor_R_work                  0.274 
_refine_ls_shell.percent_reflns_obs               85.9 
_refine_ls_shell.R_factor_R_free                  0.318 
_refine_ls_shell.R_factor_R_free_error            0.036 
_refine_ls_shell.percent_reflns_R_free            6.4 
_refine_ls_shell.number_reflns_R_free             78 
_refine_ls_shell.number_reflns_all                ? 
_refine_ls_shell.R_factor_all                     ? 
_refine_ls_shell.number_reflns_obs                ? 
_refine_ls_shell.redundancy_reflns_obs            ? 
_refine_ls_shell.pdbx_refine_id                   'X-RAY DIFFRACTION' 
# 
loop_
_pdbx_xplor_file.serial_no 
_pdbx_xplor_file.param_file 
_pdbx_xplor_file.topol_file 
_pdbx_xplor_file.pdbx_refine_id 
1 protein_rep.param protein.top 'X-RAY DIFFRACTION' 
2 water_rep.param   water.top   'X-RAY DIFFRACTION' 
3 lsn_new.param     lsn_new.top 'X-RAY DIFFRACTION' 
# 
_struct.entry_id                  2HKZ 
_struct.title                     
'Crystal structure of the editing domain of threonyl-tRNA synthetase from Pyrococcus abyssi in complex with L-serine' 
_struct.pdbx_model_details        ? 
_struct.pdbx_CASP_flag            ? 
_struct.pdbx_model_type_details   ? 
# 
_struct_keywords.entry_id        2HKZ 
_struct_keywords.pdbx_keywords   LIGASE 
_struct_keywords.text            'translation, editing, aminoacyl-tRNA synthetase, enzyme mechanism, enantioselectivity, LIGASE' 
# 
loop_
_struct_asym.id 
_struct_asym.pdbx_blank_PDB_chainid_flag 
_struct_asym.pdbx_modified 
_struct_asym.entity_id 
_struct_asym.details 
A N N 1 ? 
B N N 2 ? 
C N N 3 ? 
# 
_struct_biol.id                    1 
_struct_biol.details               'The biological assembly is a dimer' 
_struct_biol.pdbx_parent_biol_id   ? 
# 
loop_
_struct_conf.conf_type_id 
_struct_conf.id 
_struct_conf.pdbx_PDB_helix_id 
_struct_conf.beg_label_comp_id 
_struct_conf.beg_label_asym_id 
_struct_conf.beg_label_seq_id 
_struct_conf.pdbx_beg_PDB_ins_code 
_struct_conf.end_label_comp_id 
_struct_conf.end_label_asym_id 
_struct_conf.end_label_seq_id 
_struct_conf.pdbx_end_PDB_ins_code 
_struct_conf.beg_auth_comp_id 
_struct_conf.beg_auth_asym_id 
_struct_conf.beg_auth_seq_id 
_struct_conf.end_auth_comp_id 
_struct_conf.end_auth_asym_id 
_struct_conf.end_auth_seq_id 
_struct_conf.pdbx_PDB_helix_class 
_struct_conf.details 
_struct_conf.pdbx_PDB_helix_length 
HELX_P HELX_P1 1 SER A 27 ? MET A 30  ? SER A 27 MET A 30  5 ? 4  
HELX_P HELX_P2 2 GLU A 46 ? LYS A 51  ? GLU A 46 LYS A 51  5 ? 6  
HELX_P HELX_P3 3 ASN A 52 ? VAL A 71  ? ASN A 52 VAL A 71  1 ? 20 
HELX_P HELX_P4 4 LYS A 90 ? ARG A 108 ? LYS A 90 ARG A 108 1 ? 19 
# 
_struct_conf_type.id          HELX_P 
_struct_conf_type.criteria    ? 
_struct_conf_type.reference   ? 
# 
loop_
_struct_sheet.id 
_struct_sheet.type 
_struct_sheet.number_strands 
_struct_sheet.details 
A ? 5 ? 
B ? 5 ? 
# 
loop_
_struct_sheet_order.sheet_id 
_struct_sheet_order.range_id_1 
_struct_sheet_order.range_id_2 
_struct_sheet_order.offset 
_struct_sheet_order.sense 
A 1 2 ? parallel      
A 2 3 ? parallel      
A 3 4 ? anti-parallel 
A 4 5 ? anti-parallel 
B 1 2 ? parallel      
B 2 3 ? parallel      
B 3 4 ? anti-parallel 
B 4 5 ? anti-parallel 
# 
loop_
_struct_sheet_range.sheet_id 
_struct_sheet_range.id 
_struct_sheet_range.beg_label_comp_id 
_struct_sheet_range.beg_label_asym_id 
_struct_sheet_range.beg_label_seq_id 
_struct_sheet_range.pdbx_beg_PDB_ins_code 
_struct_sheet_range.end_label_comp_id 
_struct_sheet_range.end_label_asym_id 
_struct_sheet_range.end_label_seq_id 
_struct_sheet_range.pdbx_end_PDB_ins_code 
_struct_sheet_range.beg_auth_comp_id 
_struct_sheet_range.beg_auth_asym_id 
_struct_sheet_range.beg_auth_seq_id 
_struct_sheet_range.end_auth_comp_id 
_struct_sheet_range.end_auth_asym_id 
_struct_sheet_range.end_auth_seq_id 
A 1 ASN A 111 ? LYS A 114 ? ASN A 111 LYS A 114 
A 2 ASN A 75  ? PRO A 80  ? ASN A 75  PRO A 80  
A 3 ARG A 32  ? SER A 44  ? ARG A 32  SER A 44  
A 4 ARG A 2   ? LYS A 18  ? ARG A 2   LYS A 18  
A 5 TYR A 119 ? CYS A 127 ? TYR A 119 CYS A 127 
B 1 ASN A 111 ? LYS A 114 ? ASN A 111 LYS A 114 
B 2 ASN A 75  ? PRO A 80  ? ASN A 75  PRO A 80  
B 3 ARG A 32  ? SER A 44  ? ARG A 32  SER A 44  
B 4 ARG A 2   ? LYS A 18  ? ARG A 2   LYS A 18  
B 5 GLU A 134 ? THR A 138 ? GLU A 134 THR A 138 
# 
loop_
_pdbx_struct_sheet_hbond.sheet_id 
_pdbx_struct_sheet_hbond.range_id_1 
_pdbx_struct_sheet_hbond.range_id_2 
_pdbx_struct_sheet_hbond.range_1_label_atom_id 
_pdbx_struct_sheet_hbond.range_1_label_comp_id 
_pdbx_struct_sheet_hbond.range_1_label_asym_id 
_pdbx_struct_sheet_hbond.range_1_label_seq_id 
_pdbx_struct_sheet_hbond.range_1_PDB_ins_code 
_pdbx_struct_sheet_hbond.range_1_auth_atom_id 
_pdbx_struct_sheet_hbond.range_1_auth_comp_id 
_pdbx_struct_sheet_hbond.range_1_auth_asym_id 
_pdbx_struct_sheet_hbond.range_1_auth_seq_id 
_pdbx_struct_sheet_hbond.range_2_label_atom_id 
_pdbx_struct_sheet_hbond.range_2_label_comp_id 
_pdbx_struct_sheet_hbond.range_2_label_asym_id 
_pdbx_struct_sheet_hbond.range_2_label_seq_id 
_pdbx_struct_sheet_hbond.range_2_PDB_ins_code 
_pdbx_struct_sheet_hbond.range_2_auth_atom_id 
_pdbx_struct_sheet_hbond.range_2_auth_comp_id 
_pdbx_struct_sheet_hbond.range_2_auth_asym_id 
_pdbx_struct_sheet_hbond.range_2_auth_seq_id 
A 1 2 O GLY A 113 ? O GLY A 113 N VAL A 76  ? N VAL A 76  
A 2 3 O PHE A 77  ? O PHE A 77  N ALA A 41  ? N ALA A 41  
A 3 4 O VAL A 38  ? O VAL A 38  N SER A 8   ? N SER A 8   
A 4 5 N ASP A 17  ? N ASP A 17  O TYR A 120 ? O TYR A 120 
B 1 2 O GLY A 113 ? O GLY A 113 N VAL A 76  ? N VAL A 76  
B 2 3 O PHE A 77  ? O PHE A 77  N ALA A 41  ? N ALA A 41  
B 3 4 O VAL A 38  ? O VAL A 38  N SER A 8   ? N SER A 8   
B 4 5 N LEU A 5   ? N LEU A 5   O LEU A 135 ? O LEU A 135 
# 
_struct_site.id                   AC1 
_struct_site.pdbx_evidence_code   Software 
_struct_site.pdbx_auth_asym_id    A 
_struct_site.pdbx_auth_comp_id    SER 
_struct_site.pdbx_auth_seq_id     201 
_struct_site.pdbx_auth_ins_code   ? 
_struct_site.pdbx_num_residues    5 
_struct_site.details              'BINDING SITE FOR RESIDUE SER A 201' 
# 
loop_
_struct_site_gen.id 
_struct_site_gen.site_id 
_struct_site_gen.pdbx_num_res 
_struct_site_gen.label_comp_id 
_struct_site_gen.label_asym_id 
_struct_site_gen.label_seq_id 
_struct_site_gen.pdbx_auth_ins_code 
_struct_site_gen.auth_comp_id 
_struct_site_gen.auth_asym_id 
_struct_site_gen.auth_seq_id 
_struct_site_gen.label_atom_id 
_struct_site_gen.label_alt_id 
_struct_site_gen.symmetry 
_struct_site_gen.details 
1 AC1 5 PRO A 80  ? PRO A 80  . ? 1_555 ? 
2 AC1 5 PHE A 117 ? PHE A 117 . ? 1_555 ? 
3 AC1 5 GLY A 118 ? GLY A 118 . ? 1_555 ? 
4 AC1 5 LYS A 121 ? LYS A 121 . ? 1_555 ? 
5 AC1 5 HOH C .   ? HOH A 247 . ? 1_555 ? 
# 
_atom_sites.entry_id                    2HKZ 
_atom_sites.fract_transf_matrix[1][1]   -0.00822560 
_atom_sites.fract_transf_matrix[1][2]   0.01635238 
_atom_sites.fract_transf_matrix[1][3]   -0.00358678 
_atom_sites.fract_transf_matrix[2][1]   0.00294256 
_atom_sites.fract_transf_matrix[2][2]   0.01458487 
_atom_sites.fract_transf_matrix[2][3]   0.01124811 
_atom_sites.fract_transf_matrix[3][1]   0.01213596 
_atom_sites.fract_transf_matrix[3][2]   0.00421070 
_atom_sites.fract_transf_matrix[3][3]   -0.00863464 
_atom_sites.fract_transf_vector[1]      0.827289 
_atom_sites.fract_transf_vector[2]      0.586880 
_atom_sites.fract_transf_vector[3]      0.221870 
# 
loop_
_atom_type.symbol 
C 
N 
O 
S 
# 
loop_
_atom_site.group_PDB 
_atom_site.id 
_atom_site.type_symbol 
_atom_site.label_atom_id 
_atom_site.label_alt_id 
_atom_site.label_comp_id 
_atom_site.label_asym_id 
_atom_site.label_entity_id 
_atom_site.label_seq_id 
_atom_site.pdbx_PDB_ins_code 
_atom_site.Cartn_x 
_atom_site.Cartn_y 
_atom_site.Cartn_z 
_atom_site.occupancy 
_atom_site.B_iso_or_equiv 
_atom_site.pdbx_formal_charge 
_atom_site.auth_seq_id 
_atom_site.auth_comp_id 
_atom_site.auth_asym_id 
_atom_site.auth_atom_id 
_atom_site.pdbx_PDB_model_num 
ATOM   1    N N   . MET A 1 1   ? -3.897  -3.368  -10.944 1.00 20.10 ? 1   MET A N   1 
ATOM   2    C CA  . MET A 1 1   ? -3.261  -2.668  -9.800  1.00 18.58 ? 1   MET A CA  1 
ATOM   3    C C   . MET A 1 1   ? -2.124  -1.756  -10.242 1.00 20.06 ? 1   MET A C   1 
ATOM   4    O O   . MET A 1 1   ? -1.327  -2.104  -11.123 1.00 19.98 ? 1   MET A O   1 
ATOM   5    C CB  . MET A 1 1   ? -2.700  -3.679  -8.782  1.00 19.34 ? 1   MET A CB  1 
ATOM   6    C CG  . MET A 1 1   ? -2.111  -3.022  -7.526  1.00 19.31 ? 1   MET A CG  1 
ATOM   7    S SD  . MET A 1 1   ? -1.275  -4.145  -6.358  1.00 20.52 ? 1   MET A SD  1 
ATOM   8    C CE  . MET A 1 1   ? -2.631  -4.903  -5.539  1.00 17.67 ? 1   MET A CE  1 
ATOM   9    N N   . ARG A 1 2   ? -2.068  -0.582  -9.621  1.00 17.75 ? 2   ARG A N   1 
ATOM   10   C CA  . ARG A 1 2   ? -1.017  0.384   -9.880  1.00 18.87 ? 2   ARG A CA  1 
ATOM   11   C C   . ARG A 1 2   ? -0.394  0.668   -8.520  1.00 16.62 ? 2   ARG A C   1 
ATOM   12   O O   . ARG A 1 2   ? -1.099  0.976   -7.560  1.00 15.73 ? 2   ARG A O   1 
ATOM   13   C CB  . ARG A 1 2   ? -1.582  1.683   -10.483 1.00 21.95 ? 2   ARG A CB  1 
ATOM   14   C CG  . ARG A 1 2   ? -1.868  1.613   -11.984 1.00 27.29 ? 2   ARG A CG  1 
ATOM   15   C CD  . ARG A 1 2   ? -0.572  1.590   -12.796 1.00 31.29 ? 2   ARG A CD  1 
ATOM   16   N NE  . ARG A 1 2   ? 0.160   2.858   -12.726 1.00 34.79 ? 2   ARG A NE  1 
ATOM   17   C CZ  . ARG A 1 2   ? 1.401   3.035   -13.183 1.00 37.80 ? 2   ARG A CZ  1 
ATOM   18   N NH1 . ARG A 1 2   ? 2.057   2.027   -13.744 1.00 38.41 ? 2   ARG A NH1 1 
ATOM   19   N NH2 . ARG A 1 2   ? 1.989   4.219   -13.082 1.00 36.75 ? 2   ARG A NH2 1 
ATOM   20   N N   . VAL A 1 3   ? 0.924   0.561   -8.452  1.00 15.99 ? 3   VAL A N   1 
ATOM   21   C CA  . VAL A 1 3   ? 1.662   0.791   -7.218  1.00 19.36 ? 3   VAL A CA  1 
ATOM   22   C C   . VAL A 1 3   ? 2.790   1.814   -7.389  1.00 18.83 ? 3   VAL A C   1 
ATOM   23   O O   . VAL A 1 3   ? 3.515   1.803   -8.380  1.00 20.07 ? 3   VAL A O   1 
ATOM   24   C CB  . VAL A 1 3   ? 2.291   -0.535  -6.705  1.00 18.80 ? 3   VAL A CB  1 
ATOM   25   C CG1 . VAL A 1 3   ? 3.152   -0.275  -5.475  1.00 21.02 ? 3   VAL A CG1 1 
ATOM   26   C CG2 . VAL A 1 3   ? 1.191   -1.539  -6.378  1.00 20.39 ? 3   VAL A CG2 1 
ATOM   27   N N   . LEU A 1 4   ? 2.922   2.699   -6.414  1.00 20.48 ? 4   LEU A N   1 
ATOM   28   C CA  . LEU A 1 4   ? 3.987   3.691   -6.406  1.00 19.10 ? 4   LEU A CA  1 
ATOM   29   C C   . LEU A 1 4   ? 4.841   3.341   -5.196  1.00 18.83 ? 4   LEU A C   1 
ATOM   30   O O   . LEU A 1 4   ? 4.349   3.349   -4.065  1.00 16.83 ? 4   LEU A O   1 
ATOM   31   C CB  . LEU A 1 4   ? 3.421   5.108   -6.253  1.00 19.95 ? 4   LEU A CB  1 
ATOM   32   C CG  . LEU A 1 4   ? 4.444   6.237   -6.055  1.00 21.98 ? 4   LEU A CG  1 
ATOM   33   C CD1 . LEU A 1 4   ? 5.481   6.218   -7.174  1.00 19.61 ? 4   LEU A CD1 1 
ATOM   34   C CD2 . LEU A 1 4   ? 3.724   7.575   -6.013  1.00 21.39 ? 4   LEU A CD2 1 
ATOM   35   N N   . LEU A 1 5   ? 6.110   3.015   -5.447  1.00 20.13 ? 5   LEU A N   1 
ATOM   36   C CA  . LEU A 1 5   ? 7.060   2.653   -4.400  1.00 22.50 ? 5   LEU A CA  1 
ATOM   37   C C   . LEU A 1 5   ? 8.017   3.809   -4.138  1.00 23.97 ? 5   LEU A C   1 
ATOM   38   O O   . LEU A 1 5   ? 8.700   4.279   -5.044  1.00 25.83 ? 5   LEU A O   1 
ATOM   39   C CB  . LEU A 1 5   ? 7.855   1.419   -4.825  1.00 23.30 ? 5   LEU A CB  1 
ATOM   40   C CG  . LEU A 1 5   ? 6.986   0.198   -5.128  1.00 23.50 ? 5   LEU A CG  1 
ATOM   41   C CD1 . LEU A 1 5   ? 7.832   -0.910  -5.719  1.00 23.64 ? 5   LEU A CD1 1 
ATOM   42   C CD2 . LEU A 1 5   ? 6.305   -0.254  -3.842  1.00 23.12 ? 5   LEU A CD2 1 
ATOM   43   N N   . ILE A 1 6   ? 8.068   4.258   -2.892  1.00 23.60 ? 6   ILE A N   1 
ATOM   44   C CA  . ILE A 1 6   ? 8.933   5.370   -2.524  1.00 23.90 ? 6   ILE A CA  1 
ATOM   45   C C   . ILE A 1 6   ? 9.824   4.996   -1.344  1.00 22.41 ? 6   ILE A C   1 
ATOM   46   O O   . ILE A 1 6   ? 9.317   4.750   -0.263  1.00 22.13 ? 6   ILE A O   1 
ATOM   47   C CB  . ILE A 1 6   ? 8.095   6.601   -2.087  1.00 23.35 ? 6   ILE A CB  1 
ATOM   48   C CG1 . ILE A 1 6   ? 6.978   6.878   -3.091  1.00 26.17 ? 6   ILE A CG1 1 
ATOM   49   C CG2 . ILE A 1 6   ? 8.992   7.814   -1.960  1.00 23.68 ? 6   ILE A CG2 1 
ATOM   50   C CD1 . ILE A 1 6   ? 7.455   7.338   -4.450  1.00 27.10 ? 6   ILE A CD1 1 
ATOM   51   N N   . HIS A 1 7   ? 11.140  4.938   -1.541  1.00 23.05 ? 7   HIS A N   1 
ATOM   52   C CA  . HIS A 1 7   ? 12.022  4.630   -0.419  1.00 23.53 ? 7   HIS A CA  1 
ATOM   53   C C   . HIS A 1 7   ? 12.082  5.919   0.387   1.00 24.72 ? 7   HIS A C   1 
ATOM   54   O O   . HIS A 1 7   ? 12.562  6.941   -0.104  1.00 26.60 ? 7   HIS A O   1 
ATOM   55   C CB  . HIS A 1 7   ? 13.422  4.246   -0.891  1.00 22.61 ? 7   HIS A CB  1 
ATOM   56   C CG  . HIS A 1 7   ? 14.253  3.599   0.174   1.00 22.10 ? 7   HIS A CG  1 
ATOM   57   N ND1 . HIS A 1 7   ? 15.549  3.181   -0.038  1.00 22.26 ? 7   HIS A ND1 1 
ATOM   58   C CD2 . HIS A 1 7   ? 13.970  3.305   1.465   1.00 20.33 ? 7   HIS A CD2 1 
ATOM   59   C CE1 . HIS A 1 7   ? 16.030  2.659   1.076   1.00 21.38 ? 7   HIS A CE1 1 
ATOM   60   N NE2 . HIS A 1 7   ? 15.091  2.722   2.003   1.00 21.98 ? 7   HIS A NE2 1 
ATOM   61   N N   . SER A 1 8   ? 11.598  5.877   1.622   1.00 25.26 ? 8   SER A N   1 
ATOM   62   C CA  . SER A 1 8   ? 11.544  7.079   2.439   1.00 26.51 ? 8   SER A CA  1 
ATOM   63   C C   . SER A 1 8   ? 12.282  7.042   3.771   1.00 27.57 ? 8   SER A C   1 
ATOM   64   O O   . SER A 1 8   ? 12.463  5.988   4.378   1.00 26.76 ? 8   SER A O   1 
ATOM   65   C CB  . SER A 1 8   ? 10.074  7.426   2.701   1.00 28.80 ? 8   SER A CB  1 
ATOM   66   O OG  . SER A 1 8   ? 9.290   7.188   1.537   1.00 31.58 ? 8   SER A OG  1 
ATOM   67   N N   . ASP A 1 9   ? 12.691  8.222   4.224   1.00 27.83 ? 9   ASP A N   1 
ATOM   68   C CA  . ASP A 1 9   ? 13.375  8.359   5.497   1.00 27.20 ? 9   ASP A CA  1 
ATOM   69   C C   . ASP A 1 9   ? 12.313  8.134   6.560   1.00 27.97 ? 9   ASP A C   1 
ATOM   70   O O   . ASP A 1 9   ? 12.602  7.667   7.664   1.00 29.02 ? 9   ASP A O   1 
ATOM   71   C CB  . ASP A 1 9   ? 13.962  9.765   5.626   1.00 27.16 ? 9   ASP A CB  1 
ATOM   72   C CG  . ASP A 1 9   ? 14.934  10.084  4.519   1.00 25.27 ? 9   ASP A CG  1 
ATOM   73   O OD1 . ASP A 1 9   ? 15.943  9.370   4.405   1.00 23.39 ? 9   ASP A OD1 1 
ATOM   74   O OD2 . ASP A 1 9   ? 14.686  11.040  3.753   1.00 29.95 ? 9   ASP A OD2 1 
ATOM   75   N N   . TYR A 1 10  ? 11.072  8.459   6.209   1.00 25.78 ? 10  TYR A N   1 
ATOM   76   C CA  . TYR A 1 10  ? 9.960   8.287   7.126   1.00 25.85 ? 10  TYR A CA  1 
ATOM   77   C C   . TYR A 1 10  ? 8.605   8.534   6.479   1.00 27.20 ? 10  TYR A C   1 
ATOM   78   O O   . TYR A 1 10  ? 8.496   9.216   5.458   1.00 25.95 ? 10  TYR A O   1 
ATOM   79   C CB  . TYR A 1 10  ? 10.113  9.235   8.322   1.00 28.47 ? 10  TYR A CB  1 
ATOM   80   C CG  . TYR A 1 10  ? 10.022  10.708  7.963   1.00 29.57 ? 10  TYR A CG  1 
ATOM   81   C CD1 . TYR A 1 10  ? 8.797   11.298  7.642   1.00 30.79 ? 10  TYR A CD1 1 
ATOM   82   C CD2 . TYR A 1 10  ? 11.166  11.505  7.915   1.00 31.24 ? 10  TYR A CD2 1 
ATOM   83   C CE1 . TYR A 1 10  ? 8.713   12.642  7.279   1.00 30.92 ? 10  TYR A CE1 1 
ATOM   84   C CE2 . TYR A 1 10  ? 11.096  12.854  7.552   1.00 31.26 ? 10  TYR A CE2 1 
ATOM   85   C CZ  . TYR A 1 10  ? 9.867   13.413  7.236   1.00 31.22 ? 10  TYR A CZ  1 
ATOM   86   O OH  . TYR A 1 10  ? 9.793   14.739  6.879   1.00 32.06 ? 10  TYR A OH  1 
ATOM   87   N N   . ILE A 1 11  ? 7.577   7.958   7.089   1.00 26.76 ? 11  ILE A N   1 
ATOM   88   C CA  . ILE A 1 11  ? 6.206   8.144   6.659   1.00 27.15 ? 11  ILE A CA  1 
ATOM   89   C C   . ILE A 1 11  ? 5.436   8.332   7.960   1.00 28.27 ? 11  ILE A C   1 
ATOM   90   O O   . ILE A 1 11  ? 5.791   7.745   8.981   1.00 29.56 ? 11  ILE A O   1 
ATOM   91   C CB  . ILE A 1 11  ? 5.645   6.918   5.894   1.00 27.75 ? 11  ILE A CB  1 
ATOM   92   C CG1 . ILE A 1 11  ? 4.186   7.174   5.518   1.00 28.81 ? 11  ILE A CG1 1 
ATOM   93   C CG2 . ILE A 1 11  ? 5.721   5.660   6.750   1.00 28.43 ? 11  ILE A CG2 1 
ATOM   94   C CD1 . ILE A 1 11  ? 3.987   8.348   4.595   1.00 30.14 ? 11  ILE A CD1 1 
ATOM   95   N N   . GLU A 1 12  ? 4.404   9.166   7.933   1.00 28.15 ? 12  GLU A N   1 
ATOM   96   C CA  . GLU A 1 12  ? 3.594   9.420   9.116   1.00 29.59 ? 12  GLU A CA  1 
ATOM   97   C C   . GLU A 1 12  ? 2.193   9.825   8.677   1.00 30.72 ? 12  GLU A C   1 
ATOM   98   O O   . GLU A 1 12  ? 2.030   10.551  7.694   1.00 30.51 ? 12  GLU A O   1 
ATOM   99   C CB  . GLU A 1 12  ? 4.245   10.526  9.945   1.00 31.59 ? 12  GLU A CB  1 
ATOM   100  C CG  . GLU A 1 12  ? 3.439   11.009  11.121  1.00 36.03 ? 12  GLU A CG  1 
ATOM   101  C CD  . GLU A 1 12  ? 4.193   12.049  11.938  1.00 38.85 ? 12  GLU A CD  1 
ATOM   102  O OE1 . GLU A 1 12  ? 3.562   12.708  12.796  1.00 40.80 ? 12  GLU A OE1 1 
ATOM   103  O OE2 . GLU A 1 12  ? 5.419   12.198  11.726  1.00 36.89 ? 12  GLU A OE2 1 
ATOM   104  N N   . TYR A 1 13  ? 1.180   9.360   9.395   1.00 30.22 ? 13  TYR A N   1 
ATOM   105  C CA  . TYR A 1 13  ? -0.185  9.682   9.028   1.00 31.00 ? 13  TYR A CA  1 
ATOM   106  C C   . TYR A 1 13  ? -1.103  9.809   10.232  1.00 32.21 ? 13  TYR A C   1 
ATOM   107  O O   . TYR A 1 13  ? -0.789  9.351   11.330  1.00 32.71 ? 13  TYR A O   1 
ATOM   108  C CB  . TYR A 1 13  ? -0.737  8.601   8.093   1.00 31.90 ? 13  TYR A CB  1 
ATOM   109  C CG  . TYR A 1 13  ? -1.178  7.342   8.814   1.00 30.57 ? 13  TYR A CG  1 
ATOM   110  C CD1 . TYR A 1 13  ? -2.450  7.246   9.372   1.00 29.16 ? 13  TYR A CD1 1 
ATOM   111  C CD2 . TYR A 1 13  ? -0.308  6.264   8.970   1.00 32.75 ? 13  TYR A CD2 1 
ATOM   112  C CE1 . TYR A 1 13  ? -2.846  6.111   10.067  1.00 30.82 ? 13  TYR A CE1 1 
ATOM   113  C CE2 . TYR A 1 13  ? -0.694  5.120   9.666   1.00 31.56 ? 13  TYR A CE2 1 
ATOM   114  C CZ  . TYR A 1 13  ? -1.964  5.051   10.211  1.00 32.08 ? 13  TYR A CZ  1 
ATOM   115  O OH  . TYR A 1 13  ? -2.352  3.926   10.899  1.00 32.97 ? 13  TYR A OH  1 
ATOM   116  N N   . GLU A 1 14  ? -2.253  10.425  9.998   1.00 33.77 ? 14  GLU A N   1 
ATOM   117  C CA  . GLU A 1 14  ? -3.267  10.611  11.022  1.00 35.35 ? 14  GLU A CA  1 
ATOM   118  C C   . GLU A 1 14  ? -4.611  10.576  10.329  1.00 33.95 ? 14  GLU A C   1 
ATOM   119  O O   . GLU A 1 14  ? -4.884  11.383  9.439   1.00 34.92 ? 14  GLU A O   1 
ATOM   120  C CB  . GLU A 1 14  ? -3.095  11.952  11.743  1.00 37.97 ? 14  GLU A CB  1 
ATOM   121  C CG  . GLU A 1 14  ? -4.209  12.242  12.736  1.00 42.46 ? 14  GLU A CG  1 
ATOM   122  C CD  . GLU A 1 14  ? -4.012  13.542  13.497  1.00 46.59 ? 14  GLU A CD  1 
ATOM   123  O OE1 . GLU A 1 14  ? -3.860  14.603  12.850  1.00 48.18 ? 14  GLU A OE1 1 
ATOM   124  O OE2 . GLU A 1 14  ? -4.021  13.503  14.746  1.00 48.63 ? 14  GLU A OE2 1 
ATOM   125  N N   . VAL A 1 15  ? -5.447  9.627   10.727  1.00 33.06 ? 15  VAL A N   1 
ATOM   126  C CA  . VAL A 1 15  ? -6.765  9.493   10.145  1.00 31.94 ? 15  VAL A CA  1 
ATOM   127  C C   . VAL A 1 15  ? -7.612  10.717  10.454  1.00 34.15 ? 15  VAL A C   1 
ATOM   128  O O   . VAL A 1 15  ? -7.559  11.270  11.557  1.00 34.86 ? 15  VAL A O   1 
ATOM   129  C CB  . VAL A 1 15  ? -7.485  8.244   10.682  1.00 31.04 ? 15  VAL A CB  1 
ATOM   130  C CG1 . VAL A 1 15  ? -8.936  8.263   10.271  1.00 32.41 ? 15  VAL A CG1 1 
ATOM   131  C CG2 . VAL A 1 15  ? -6.809  6.997   10.160  1.00 28.70 ? 15  VAL A CG2 1 
ATOM   132  N N   . LYS A 1 16  ? -8.384  11.138  9.460   1.00 34.74 ? 16  LYS A N   1 
ATOM   133  C CA  . LYS A 1 16  ? -9.267  12.282  9.591   1.00 36.80 ? 16  LYS A CA  1 
ATOM   134  C C   . LYS A 1 16  ? -10.686 11.806  9.320   1.00 37.61 ? 16  LYS A C   1 
ATOM   135  O O   . LYS A 1 16  ? -11.083 10.717  9.738   1.00 38.75 ? 16  LYS A O   1 
ATOM   136  C CB  . LYS A 1 16  ? -8.887  13.371  8.583   1.00 38.74 ? 16  LYS A CB  1 
ATOM   137  C CG  . LYS A 1 16  ? -7.654  14.182  8.943   1.00 39.26 ? 16  LYS A CG  1 
ATOM   138  C CD  . LYS A 1 16  ? -7.928  15.066  10.142  1.00 43.85 ? 16  LYS A CD  1 
ATOM   139  C CE  . LYS A 1 16  ? -6.873  16.151  10.291  1.00 45.05 ? 16  LYS A CE  1 
ATOM   140  N NZ  . LYS A 1 16  ? -6.894  17.103  9.150   1.00 44.53 ? 16  LYS A NZ  1 
ATOM   141  N N   . ASP A 1 17  ? -11.439 12.622  8.601   1.00 37.35 ? 17  ASP A N   1 
ATOM   142  C CA  . ASP A 1 17  ? -12.812 12.301  8.266   1.00 38.23 ? 17  ASP A CA  1 
ATOM   143  C C   . ASP A 1 17  ? -12.923 11.065  7.387   1.00 37.34 ? 17  ASP A C   1 
ATOM   144  O O   . ASP A 1 17  ? -12.022 10.759  6.608   1.00 37.38 ? 17  ASP A O   1 
ATOM   145  C CB  . ASP A 1 17  ? -13.447 13.486  7.543   1.00 41.67 ? 17  ASP A CB  1 
ATOM   146  C CG  . ASP A 1 17  ? -13.629 14.682  8.443   1.00 43.21 ? 17  ASP A CG  1 
ATOM   147  O OD1 . ASP A 1 17  ? -12.703 14.992  9.220   1.00 44.80 ? 17  ASP A OD1 1 
ATOM   148  O OD2 . ASP A 1 17  ? -14.699 15.317  8.368   1.00 47.51 ? 17  ASP A OD2 1 
ATOM   149  N N   . LYS A 1 18  ? -14.037 10.358  7.524   1.00 34.66 ? 18  LYS A N   1 
ATOM   150  C CA  . LYS A 1 18  ? -14.291 9.178   6.718   1.00 34.19 ? 18  LYS A CA  1 
ATOM   151  C C   . LYS A 1 18  ? -14.452 9.655   5.275   1.00 32.86 ? 18  LYS A C   1 
ATOM   152  O O   . LYS A 1 18  ? -15.000 10.727  5.031   1.00 33.04 ? 18  LYS A O   1 
ATOM   153  C CB  . LYS A 1 18  ? -15.569 8.486   7.188   1.00 34.25 ? 18  LYS A CB  1 
ATOM   154  N N   . ALA A 1 19  ? -13.968 8.868   4.324   1.00 32.09 ? 19  ALA A N   1 
ATOM   155  C CA  . ALA A 1 19  ? -14.071 9.233   2.916   1.00 33.48 ? 19  ALA A CA  1 
ATOM   156  C C   . ALA A 1 19  ? -15.114 8.345   2.259   1.00 35.10 ? 19  ALA A C   1 
ATOM   157  O O   . ALA A 1 19  ? -15.552 8.602   1.138   1.00 37.63 ? 19  ALA A O   1 
ATOM   158  C CB  . ALA A 1 19  ? -12.716 9.063   2.229   1.00 29.72 ? 19  ALA A CB  1 
ATOM   159  N N   . LEU A 1 20  ? -15.498 7.297   2.979   1.00 37.70 ? 20  LEU A N   1 
ATOM   160  C CA  . LEU A 1 20  ? -16.496 6.328   2.533   1.00 39.41 ? 20  LEU A CA  1 
ATOM   161  C C   . LEU A 1 20  ? -17.524 6.159   3.643   1.00 40.64 ? 20  LEU A C   1 
ATOM   162  O O   . LEU A 1 20  ? -17.243 6.438   4.805   1.00 41.14 ? 20  LEU A O   1 
ATOM   163  C CB  . LEU A 1 20  ? -15.847 4.966   2.267   1.00 38.65 ? 20  LEU A CB  1 
ATOM   164  C CG  . LEU A 1 20  ? -14.958 4.757   1.047   1.00 37.98 ? 20  LEU A CG  1 
ATOM   165  C CD1 . LEU A 1 20  ? -14.237 3.428   1.181   1.00 38.83 ? 20  LEU A CD1 1 
ATOM   166  C CD2 . LEU A 1 20  ? -15.801 4.777   -0.215  1.00 39.23 ? 20  LEU A CD2 1 
ATOM   167  N N   . LYS A 1 21  ? -18.708 5.680   3.277   1.00 43.06 ? 21  LYS A N   1 
ATOM   168  C CA  . LYS A 1 21  ? -19.780 5.461   4.240   1.00 44.89 ? 21  LYS A CA  1 
ATOM   169  C C   . LYS A 1 21  ? -19.434 4.265   5.123   1.00 44.89 ? 21  LYS A C   1 
ATOM   170  O O   . LYS A 1 21  ? -19.674 4.275   6.333   1.00 45.08 ? 21  LYS A O   1 
ATOM   171  C CB  . LYS A 1 21  ? -21.093 5.194   3.501   1.00 45.99 ? 21  LYS A CB  1 
ATOM   172  C CG  . LYS A 1 21  ? -22.331 5.336   4.365   1.00 49.37 ? 21  LYS A CG  1 
ATOM   173  C CD  . LYS A 1 21  ? -22.495 6.770   4.844   1.00 49.92 ? 21  LYS A CD  1 
ATOM   174  C CE  . LYS A 1 21  ? -23.795 6.955   5.616   1.00 51.76 ? 21  LYS A CE  1 
ATOM   175  N NZ  . LYS A 1 21  ? -23.994 8.375   6.031   1.00 51.26 ? 21  LYS A NZ  1 
ATOM   176  N N   . ASN A 1 22  ? -18.864 3.236   4.502   1.00 44.68 ? 22  ASN A N   1 
ATOM   177  C CA  . ASN A 1 22  ? -18.479 2.020   5.209   1.00 43.94 ? 22  ASN A CA  1 
ATOM   178  C C   . ASN A 1 22  ? -16.966 1.826   5.112   1.00 42.66 ? 22  ASN A C   1 
ATOM   179  O O   . ASN A 1 22  ? -16.492 0.888   4.472   1.00 41.77 ? 22  ASN A O   1 
ATOM   180  C CB  . ASN A 1 22  ? -19.196 0.817   4.586   1.00 45.66 ? 22  ASN A CB  1 
ATOM   181  C CG  . ASN A 1 22  ? -20.666 1.094   4.303   1.00 47.51 ? 22  ASN A CG  1 
ATOM   182  O OD1 . ASN A 1 22  ? -21.440 1.408   5.211   1.00 49.49 ? 22  ASN A OD1 1 
ATOM   183  N ND2 . ASN A 1 22  ? -21.057 0.981   3.034   1.00 47.38 ? 22  ASN A ND2 1 
ATOM   184  N N   . PRO A 1 23  ? -16.184 2.718   5.746   1.00 41.41 ? 23  PRO A N   1 
ATOM   185  C CA  . PRO A 1 23  ? -14.725 2.597   5.695   1.00 40.35 ? 23  PRO A CA  1 
ATOM   186  C C   . PRO A 1 23  ? -14.213 1.356   6.420   1.00 39.08 ? 23  PRO A C   1 
ATOM   187  O O   . PRO A 1 23  ? -14.990 0.486   6.817   1.00 39.61 ? 23  PRO A O   1 
ATOM   188  C CB  . PRO A 1 23  ? -14.254 3.891   6.352   1.00 40.06 ? 23  PRO A CB  1 
ATOM   189  C CG  . PRO A 1 23  ? -15.312 4.125   7.385   1.00 40.31 ? 23  PRO A CG  1 
ATOM   190  C CD  . PRO A 1 23  ? -16.583 3.842   6.612   1.00 41.06 ? 23  PRO A CD  1 
ATOM   191  N N   . GLU A 1 24  ? -12.899 1.277   6.576   1.00 37.66 ? 24  GLU A N   1 
ATOM   192  C CA  . GLU A 1 24  ? -12.279 0.152   7.258   1.00 37.77 ? 24  GLU A CA  1 
ATOM   193  C C   . GLU A 1 24  ? -12.373 0.353   8.771   1.00 37.83 ? 24  GLU A C   1 
ATOM   194  O O   . GLU A 1 24  ? -11.983 1.400   9.286   1.00 36.20 ? 24  GLU A O   1 
ATOM   195  C CB  . GLU A 1 24  ? -10.808 0.043   6.856   1.00 35.83 ? 24  GLU A CB  1 
ATOM   196  C CG  . GLU A 1 24  ? -10.078 -1.132  7.476   1.00 35.56 ? 24  GLU A CG  1 
ATOM   197  C CD  . GLU A 1 24  ? -8.574  -1.076  7.257   1.00 36.72 ? 24  GLU A CD  1 
ATOM   198  O OE1 . GLU A 1 24  ? -8.123  -0.381  6.320   1.00 36.32 ? 24  GLU A OE1 1 
ATOM   199  O OE2 . GLU A 1 24  ? -7.837  -1.739  8.017   1.00 36.17 ? 24  GLU A OE2 1 
ATOM   200  N N   . PRO A 1 25  ? -12.901 -0.646  9.503   1.00 38.50 ? 25  PRO A N   1 
ATOM   201  C CA  . PRO A 1 25  ? -13.006 -0.506  10.959  1.00 38.30 ? 25  PRO A CA  1 
ATOM   202  C C   . PRO A 1 25  ? -11.598 -0.364  11.529  1.00 38.26 ? 25  PRO A C   1 
ATOM   203  O O   . PRO A 1 25  ? -10.710 -1.139  11.181  1.00 39.45 ? 25  PRO A O   1 
ATOM   204  C CB  . PRO A 1 25  ? -13.680 -1.811  11.381  1.00 38.67 ? 25  PRO A CB  1 
ATOM   205  C CG  . PRO A 1 25  ? -13.165 -2.787  10.368  1.00 40.02 ? 25  PRO A CG  1 
ATOM   206  C CD  . PRO A 1 25  ? -13.310 -1.996  9.078   1.00 38.68 ? 25  PRO A CD  1 
ATOM   207  N N   . ILE A 1 26  ? -11.390 0.625   12.392  1.00 38.85 ? 26  ILE A N   1 
ATOM   208  C CA  . ILE A 1 26  ? -10.064 0.845   12.956  1.00 40.83 ? 26  ILE A CA  1 
ATOM   209  C C   . ILE A 1 26  ? -10.023 0.995   14.469  1.00 40.84 ? 26  ILE A C   1 
ATOM   210  O O   . ILE A 1 26  ? -10.977 1.462   15.093  1.00 40.52 ? 26  ILE A O   1 
ATOM   211  C CB  . ILE A 1 26  ? -9.390  2.108   12.345  1.00 41.52 ? 26  ILE A CB  1 
ATOM   212  C CG1 . ILE A 1 26  ? -9.989  3.385   12.948  1.00 42.27 ? 26  ILE A CG1 1 
ATOM   213  C CG2 . ILE A 1 26  ? -9.555  2.105   10.838  1.00 42.67 ? 26  ILE A CG2 1 
ATOM   214  C CD1 . ILE A 1 26  ? -11.485 3.534   12.769  1.00 42.68 ? 26  ILE A CD1 1 
ATOM   215  N N   . SER A 1 27  ? -8.895  0.594   15.042  1.00 41.08 ? 27  SER A N   1 
ATOM   216  C CA  . SER A 1 27  ? -8.670  0.694   16.477  1.00 41.18 ? 27  SER A CA  1 
ATOM   217  C C   . SER A 1 27  ? -8.044  2.058   16.715  1.00 41.79 ? 27  SER A C   1 
ATOM   218  O O   . SER A 1 27  ? -7.730  2.777   15.764  1.00 41.51 ? 27  SER A O   1 
ATOM   219  C CB  . SER A 1 27  ? -7.695  -0.385  16.943  1.00 39.53 ? 27  SER A CB  1 
ATOM   220  O OG  . SER A 1 27  ? -6.392  -0.113  16.458  1.00 39.87 ? 27  SER A OG  1 
ATOM   221  N N   . GLU A 1 28  ? -7.847  2.401   17.981  1.00 42.83 ? 28  GLU A N   1 
ATOM   222  C CA  . GLU A 1 28  ? -7.263  3.681   18.360  1.00 43.09 ? 28  GLU A CA  1 
ATOM   223  C C   . GLU A 1 28  ? -5.830  3.819   17.850  1.00 42.89 ? 28  GLU A C   1 
ATOM   224  O O   . GLU A 1 28  ? -5.407  4.894   17.415  1.00 41.66 ? 28  GLU A O   1 
ATOM   225  C CB  . GLU A 1 28  ? -7.273  3.817   19.881  1.00 45.40 ? 28  GLU A CB  1 
ATOM   226  C CG  . GLU A 1 28  ? -6.997  5.214   20.379  1.00 48.49 ? 28  GLU A CG  1 
ATOM   227  C CD  . GLU A 1 28  ? -7.999  6.214   19.843  1.00 50.02 ? 28  GLU A CD  1 
ATOM   228  O OE1 . GLU A 1 28  ? -9.199  5.867   19.773  1.00 49.57 ? 28  GLU A OE1 1 
ATOM   229  O OE2 . GLU A 1 28  ? -7.587  7.343   19.503  1.00 51.03 ? 28  GLU A OE2 1 
ATOM   230  N N   . ASP A 1 29  ? -5.083  2.725   17.913  1.00 42.34 ? 29  ASP A N   1 
ATOM   231  C CA  . ASP A 1 29  ? -3.695  2.725   17.470  1.00 41.68 ? 29  ASP A CA  1 
ATOM   232  C C   . ASP A 1 29  ? -3.596  2.867   15.943  1.00 39.76 ? 29  ASP A C   1 
ATOM   233  O O   . ASP A 1 29  ? -2.561  3.276   15.418  1.00 38.28 ? 29  ASP A O   1 
ATOM   234  C CB  . ASP A 1 29  ? -3.021  1.428   17.934  1.00 44.56 ? 29  ASP A CB  1 
ATOM   235  C CG  . ASP A 1 29  ? -1.576  1.634   18.349  1.00 48.08 ? 29  ASP A CG  1 
ATOM   236  O OD1 . ASP A 1 29  ? -0.672  1.369   17.527  1.00 50.72 ? 29  ASP A OD1 1 
ATOM   237  O OD2 . ASP A 1 29  ? -1.343  2.069   19.500  1.00 48.40 ? 29  ASP A OD2 1 
ATOM   238  N N   . MET A 1 30  ? -4.682  2.548   15.245  1.00 38.18 ? 30  MET A N   1 
ATOM   239  C CA  . MET A 1 30  ? -4.716  2.611   13.785  1.00 39.51 ? 30  MET A CA  1 
ATOM   240  C C   . MET A 1 30  ? -4.885  4.007   13.174  1.00 39.73 ? 30  MET A C   1 
ATOM   241  O O   . MET A 1 30  ? -4.597  4.201   11.992  1.00 38.26 ? 30  MET A O   1 
ATOM   242  C CB  . MET A 1 30  ? -5.827  1.693   13.245  1.00 39.48 ? 30  MET A CB  1 
ATOM   243  C CG  . MET A 1 30  ? -5.555  0.195   13.401  1.00 41.57 ? 30  MET A CG  1 
ATOM   244  S SD  . MET A 1 30  ? -6.941  -0.873  12.895  1.00 42.10 ? 30  MET A SD  1 
ATOM   245  C CE  . MET A 1 30  ? -6.566  -1.112  11.140  1.00 44.47 ? 30  MET A CE  1 
ATOM   246  N N   . LYS A 1 31  ? -5.344  4.979   13.960  1.00 40.09 ? 31  LYS A N   1 
ATOM   247  C CA  . LYS A 1 31  ? -5.550  6.318   13.417  1.00 40.06 ? 31  LYS A CA  1 
ATOM   248  C C   . LYS A 1 31  ? -4.320  7.206   13.291  1.00 38.87 ? 31  LYS A C   1 
ATOM   249  O O   . LYS A 1 31  ? -4.425  8.366   12.902  1.00 38.95 ? 31  LYS A O   1 
ATOM   250  C CB  . LYS A 1 31  ? -6.651  7.046   14.188  1.00 42.57 ? 31  LYS A CB  1 
ATOM   251  C CG  . LYS A 1 31  ? -6.626  6.877   15.684  1.00 43.35 ? 31  LYS A CG  1 
ATOM   252  C CD  . LYS A 1 31  ? -8.003  7.182   16.254  1.00 45.58 ? 31  LYS A CD  1 
ATOM   253  C CE  . LYS A 1 31  ? -9.062  6.291   15.602  1.00 46.65 ? 31  LYS A CE  1 
ATOM   254  N NZ  . LYS A 1 31  ? -10.450 6.570   16.073  1.00 47.90 ? 31  LYS A NZ  1 
ATOM   255  N N   . ARG A 1 32  ? -3.156  6.658   13.608  1.00 38.74 ? 32  ARG A N   1 
ATOM   256  C CA  . ARG A 1 32  ? -1.909  7.395   13.483  1.00 38.89 ? 32  ARG A CA  1 
ATOM   257  C C   . ARG A 1 32  ? -0.731  6.435   13.546  1.00 37.82 ? 32  ARG A C   1 
ATOM   258  O O   . ARG A 1 32  ? -0.780  5.423   14.241  1.00 37.58 ? 32  ARG A O   1 
ATOM   259  C CB  . ARG A 1 32  ? -1.790  8.463   14.573  1.00 40.97 ? 32  ARG A CB  1 
ATOM   260  C CG  . ARG A 1 32  ? -2.084  7.976   15.966  1.00 46.03 ? 32  ARG A CG  1 
ATOM   261  C CD  . ARG A 1 32  ? -1.699  9.007   17.019  1.00 49.99 ? 32  ARG A CD  1 
ATOM   262  N NE  . ARG A 1 32  ? -2.189  10.351  16.712  1.00 52.35 ? 32  ARG A NE  1 
ATOM   263  C CZ  . ARG A 1 32  ? -1.561  11.218  15.922  1.00 53.95 ? 32  ARG A CZ  1 
ATOM   264  N NH1 . ARG A 1 32  ? -0.407  10.892  15.351  1.00 55.13 ? 32  ARG A NH1 1 
ATOM   265  N NH2 . ARG A 1 32  ? -2.079  12.418  15.711  1.00 54.89 ? 32  ARG A NH2 1 
ATOM   266  N N   . GLY A 1 33  ? 0.325   6.747   12.805  1.00 37.00 ? 33  GLY A N   1 
ATOM   267  C CA  . GLY A 1 33  ? 1.481   5.875   12.802  1.00 35.17 ? 33  GLY A CA  1 
ATOM   268  C C   . GLY A 1 33  ? 2.680   6.514   12.144  1.00 34.63 ? 33  GLY A C   1 
ATOM   269  O O   . GLY A 1 33  ? 2.563   7.549   11.496  1.00 34.54 ? 33  GLY A O   1 
ATOM   270  N N   . ARG A 1 34  ? 3.837   5.888   12.317  1.00 34.94 ? 34  ARG A N   1 
ATOM   271  C CA  . ARG A 1 34  ? 5.075   6.384   11.742  1.00 35.39 ? 34  ARG A CA  1 
ATOM   272  C C   . ARG A 1 34  ? 6.070   5.242   11.584  1.00 35.21 ? 34  ARG A C   1 
ATOM   273  O O   . ARG A 1 34  ? 6.114   4.333   12.404  1.00 37.22 ? 34  ARG A O   1 
ATOM   274  C CB  . ARG A 1 34  ? 5.686   7.460   12.649  1.00 35.94 ? 34  ARG A CB  1 
ATOM   275  C CG  . ARG A 1 34  ? 7.030   7.995   12.165  1.00 36.92 ? 34  ARG A CG  1 
ATOM   276  C CD  . ARG A 1 34  ? 7.742   8.799   13.243  1.00 39.71 ? 34  ARG A CD  1 
ATOM   277  N NE  . ARG A 1 34  ? 9.121   9.113   12.868  1.00 40.23 ? 34  ARG A NE  1 
ATOM   278  C CZ  . ARG A 1 34  ? 9.474   10.119  12.072  1.00 40.30 ? 34  ARG A CZ  1 
ATOM   279  N NH1 . ARG A 1 34  ? 8.549   10.925  11.566  1.00 40.99 ? 34  ARG A NH1 1 
ATOM   280  N NH2 . ARG A 1 34  ? 10.751  10.313  11.773  1.00 37.74 ? 34  ARG A NH2 1 
ATOM   281  N N   . MET A 1 35  ? 6.855   5.292   10.516  1.00 34.33 ? 35  MET A N   1 
ATOM   282  C CA  . MET A 1 35  ? 7.890   4.302   10.255  1.00 31.59 ? 35  MET A CA  1 
ATOM   283  C C   . MET A 1 35  ? 9.047   5.090   9.669   1.00 31.72 ? 35  MET A C   1 
ATOM   284  O O   . MET A 1 35  ? 8.840   6.147   9.077   1.00 31.28 ? 35  MET A O   1 
ATOM   285  C CB  . MET A 1 35  ? 7.430   3.239   9.245   1.00 31.58 ? 35  MET A CB  1 
ATOM   286  C CG  . MET A 1 35  ? 6.387   2.261   9.768   1.00 30.91 ? 35  MET A CG  1 
ATOM   287  S SD  . MET A 1 35  ? 6.166   0.809   8.693   1.00 33.68 ? 35  MET A SD  1 
ATOM   288  C CE  . MET A 1 35  ? 7.366   -0.308  9.397   1.00 31.81 ? 35  MET A CE  1 
ATOM   289  N N   . GLU A 1 36  ? 10.260  4.578   9.825   1.00 29.98 ? 36  GLU A N   1 
ATOM   290  C CA  . GLU A 1 36  ? 11.433  5.251   9.305   1.00 31.89 ? 36  GLU A CA  1 
ATOM   291  C C   . GLU A 1 36  ? 12.204  4.271   8.436   1.00 31.20 ? 36  GLU A C   1 
ATOM   292  O O   . GLU A 1 36  ? 12.019  3.063   8.574   1.00 31.81 ? 36  GLU A O   1 
ATOM   293  C CB  . GLU A 1 36  ? 12.298  5.739   10.471  1.00 33.88 ? 36  GLU A CB  1 
ATOM   294  C CG  . GLU A 1 36  ? 11.605  6.786   11.349  1.00 36.50 ? 36  GLU A CG  1 
ATOM   295  C CD  . GLU A 1 36  ? 12.363  7.089   12.636  1.00 37.78 ? 36  GLU A CD  1 
ATOM   296  O OE1 . GLU A 1 36  ? 13.594  7.305   12.577  1.00 37.44 ? 36  GLU A OE1 1 
ATOM   297  O OE2 . GLU A 1 36  ? 11.724  7.121   13.706  1.00 39.43 ? 36  GLU A OE2 1 
ATOM   298  N N   . GLU A 1 37  ? 13.049  4.779   7.536   1.00 30.83 ? 37  GLU A N   1 
ATOM   299  C CA  . GLU A 1 37  ? 13.833  3.904   6.663   1.00 31.17 ? 37  GLU A CA  1 
ATOM   300  C C   . GLU A 1 37  ? 12.843  2.861   6.150   1.00 30.55 ? 37  GLU A C   1 
ATOM   301  O O   . GLU A 1 37  ? 13.014  1.662   6.370   1.00 29.99 ? 37  GLU A O   1 
ATOM   302  C CB  . GLU A 1 37  ? 14.934  3.230   7.486   1.00 32.68 ? 37  GLU A CB  1 
ATOM   303  C CG  . GLU A 1 37  ? 16.348  3.749   7.258   1.00 36.23 ? 37  GLU A CG  1 
ATOM   304  C CD  . GLU A 1 37  ? 16.410  5.220   6.895   1.00 37.67 ? 37  GLU A CD  1 
ATOM   305  O OE1 . GLU A 1 37  ? 15.808  6.056   7.608   1.00 37.71 ? 37  GLU A OE1 1 
ATOM   306  O OE2 . GLU A 1 37  ? 17.078  5.537   5.891   1.00 37.26 ? 37  GLU A OE2 1 
ATOM   307  N N   . VAL A 1 38  ? 11.818  3.336   5.445   1.00 29.29 ? 38  VAL A N   1 
ATOM   308  C CA  . VAL A 1 38  ? 10.741  2.477   4.972   1.00 26.00 ? 38  VAL A CA  1 
ATOM   309  C C   . VAL A 1 38  ? 10.350  2.606   3.501   1.00 24.61 ? 38  VAL A C   1 
ATOM   310  O O   . VAL A 1 38  ? 10.394  3.688   2.913   1.00 24.18 ? 38  VAL A O   1 
ATOM   311  C CB  . VAL A 1 38  ? 9.487   2.753   5.835   1.00 25.49 ? 38  VAL A CB  1 
ATOM   312  C CG1 . VAL A 1 38  ? 9.200   4.242   5.821   1.00 24.11 ? 38  VAL A CG1 1 
ATOM   313  C CG2 . VAL A 1 38  ? 8.280   1.977   5.328   1.00 24.00 ? 38  VAL A CG2 1 
ATOM   314  N N   . LEU A 1 39  ? 9.965   1.484   2.910   1.00 23.35 ? 39  LEU A N   1 
ATOM   315  C CA  . LEU A 1 39  ? 9.515   1.483   1.526   1.00 21.63 ? 39  LEU A CA  1 
ATOM   316  C C   . LEU A 1 39  ? 8.007   1.670   1.617   1.00 21.22 ? 39  LEU A C   1 
ATOM   317  O O   . LEU A 1 39  ? 7.292   0.775   2.067   1.00 23.36 ? 39  LEU A O   1 
ATOM   318  C CB  . LEU A 1 39  ? 9.816   0.152   0.843   1.00 18.85 ? 39  LEU A CB  1 
ATOM   319  C CG  . LEU A 1 39  ? 9.372   0.065   -0.625  1.00 19.92 ? 39  LEU A CG  1 
ATOM   320  C CD1 . LEU A 1 39  ? 10.120  1.108   -1.459  1.00 19.32 ? 39  LEU A CD1 1 
ATOM   321  C CD2 . LEU A 1 39  ? 9.639   -1.341  -1.159  1.00 17.99 ? 39  LEU A CD2 1 
ATOM   322  N N   . VAL A 1 40  ? 7.530   2.840   1.220   1.00 18.69 ? 40  VAL A N   1 
ATOM   323  C CA  . VAL A 1 40  ? 6.110   3.113   1.259   1.00 18.52 ? 40  VAL A CA  1 
ATOM   324  C C   . VAL A 1 40  ? 5.510   2.654   -0.062  1.00 19.54 ? 40  VAL A C   1 
ATOM   325  O O   . VAL A 1 40  ? 5.983   3.031   -1.130  1.00 20.38 ? 40  VAL A O   1 
ATOM   326  C CB  . VAL A 1 40  ? 5.844   4.609   1.475   1.00 18.77 ? 40  VAL A CB  1 
ATOM   327  C CG1 . VAL A 1 40  ? 4.337   4.885   1.484   1.00 19.03 ? 40  VAL A CG1 1 
ATOM   328  C CG2 . VAL A 1 40  ? 6.468   5.046   2.806   1.00 18.21 ? 40  VAL A CG2 1 
ATOM   329  N N   . ALA A 1 41  ? 4.485   1.813   0.021   1.00 19.54 ? 41  ALA A N   1 
ATOM   330  C CA  . ALA A 1 41  ? 3.826   1.299   -1.166  1.00 17.21 ? 41  ALA A CA  1 
ATOM   331  C C   . ALA A 1 41  ? 2.434   1.896   -1.298  1.00 17.57 ? 41  ALA A C   1 
ATOM   332  O O   . ALA A 1 41  ? 1.501   1.443   -0.656  1.00 17.94 ? 41  ALA A O   1 
ATOM   333  C CB  . ALA A 1 41  ? 3.741   -0.224  -1.097  1.00 17.32 ? 41  ALA A CB  1 
ATOM   334  N N   . PHE A 1 42  ? 2.314   2.939   -2.112  1.00 17.21 ? 42  PHE A N   1 
ATOM   335  C CA  . PHE A 1 42  ? 1.030   3.576   -2.365  1.00 16.92 ? 42  PHE A CA  1 
ATOM   336  C C   . PHE A 1 42  ? 0.312   2.649   -3.339  1.00 16.83 ? 42  PHE A C   1 
ATOM   337  O O   . PHE A 1 42  ? 0.787   2.413   -4.450  1.00 14.18 ? 42  PHE A O   1 
ATOM   338  C CB  . PHE A 1 42  ? 1.243   4.963   -2.971  1.00 17.21 ? 42  PHE A CB  1 
ATOM   339  C CG  . PHE A 1 42  ? 1.804   5.960   -1.995  1.00 16.80 ? 42  PHE A CG  1 
ATOM   340  C CD1 . PHE A 1 42  ? 3.169   6.208   -1.928  1.00 16.28 ? 42  PHE A CD1 1 
ATOM   341  C CD2 . PHE A 1 42  ? 0.958   6.630   -1.117  1.00 18.34 ? 42  PHE A CD2 1 
ATOM   342  C CE1 . PHE A 1 42  ? 3.683   7.115   -0.995  1.00 19.17 ? 42  PHE A CE1 1 
ATOM   343  C CE2 . PHE A 1 42  ? 1.463   7.535   -0.180  1.00 18.95 ? 42  PHE A CE2 1 
ATOM   344  C CZ  . PHE A 1 42  ? 2.827   7.776   -0.121  1.00 15.33 ? 42  PHE A CZ  1 
ATOM   345  N N   . ILE A 1 43  ? -0.831  2.119   -2.919  1.00 16.48 ? 43  ILE A N   1 
ATOM   346  C CA  . ILE A 1 43  ? -1.532  1.154   -3.748  1.00 18.76 ? 43  ILE A CA  1 
ATOM   347  C C   . ILE A 1 43  ? -2.924  1.510   -4.224  1.00 18.45 ? 43  ILE A C   1 
ATOM   348  O O   . ILE A 1 43  ? -3.804  1.858   -3.438  1.00 21.55 ? 43  ILE A O   1 
ATOM   349  C CB  . ILE A 1 43  ? -1.596  -0.229  -3.027  1.00 17.24 ? 43  ILE A CB  1 
ATOM   350  C CG1 . ILE A 1 43  ? -0.171  -0.743  -2.790  1.00 17.23 ? 43  ILE A CG1 1 
ATOM   351  C CG2 . ILE A 1 43  ? -2.404  -1.234  -3.866  1.00 16.64 ? 43  ILE A CG2 1 
ATOM   352  C CD1 . ILE A 1 43  ? -0.078  -2.025  -1.959  1.00 14.22 ? 43  ILE A CD1 1 
ATOM   353  N N   . SER A 1 44  ? -3.108  1.406   -5.531  1.00 18.47 ? 44  SER A N   1 
ATOM   354  C CA  . SER A 1 44  ? -4.396  1.660   -6.150  1.00 19.33 ? 44  SER A CA  1 
ATOM   355  C C   . SER A 1 44  ? -4.933  0.350   -6.721  1.00 17.53 ? 44  SER A C   1 
ATOM   356  O O   . SER A 1 44  ? -4.417  -0.157  -7.722  1.00 18.40 ? 44  SER A O   1 
ATOM   357  C CB  . SER A 1 44  ? -4.251  2.700   -7.267  1.00 21.84 ? 44  SER A CB  1 
ATOM   358  O OG  . SER A 1 44  ? -5.450  2.781   -8.012  1.00 33.15 ? 44  SER A OG  1 
ATOM   359  N N   . VAL A 1 45  ? -5.956  -0.207  -6.076  1.00 17.88 ? 45  VAL A N   1 
ATOM   360  C CA  . VAL A 1 45  ? -6.568  -1.452  -6.530  1.00 17.67 ? 45  VAL A CA  1 
ATOM   361  C C   . VAL A 1 45  ? -7.549  -1.139  -7.669  1.00 17.37 ? 45  VAL A C   1 
ATOM   362  O O   . VAL A 1 45  ? -8.459  -0.336  -7.507  1.00 16.60 ? 45  VAL A O   1 
ATOM   363  C CB  . VAL A 1 45  ? -7.311  -2.155  -5.390  1.00 17.10 ? 45  VAL A CB  1 
ATOM   364  C CG1 . VAL A 1 45  ? -7.909  -3.462  -5.890  1.00 14.69 ? 45  VAL A CG1 1 
ATOM   365  C CG2 . VAL A 1 45  ? -6.346  -2.435  -4.235  1.00 17.65 ? 45  VAL A CG2 1 
ATOM   366  N N   . GLU A 1 46  ? -7.353  -1.783  -8.814  1.00 17.12 ? 46  GLU A N   1 
ATOM   367  C CA  . GLU A 1 46  ? -8.179  -1.539  -10.001 1.00 18.02 ? 46  GLU A CA  1 
ATOM   368  C C   . GLU A 1 46  ? -9.288  -2.560  -10.237 1.00 18.78 ? 46  GLU A C   1 
ATOM   369  O O   . GLU A 1 46  ? -9.273  -3.653  -9.675  1.00 16.87 ? 46  GLU A O   1 
ATOM   370  C CB  . GLU A 1 46  ? -7.281  -1.472  -11.236 1.00 20.57 ? 46  GLU A CB  1 
ATOM   371  C CG  . GLU A 1 46  ? -6.229  -0.371  -11.176 1.00 20.02 ? 46  GLU A CG  1 
ATOM   372  C CD  . GLU A 1 46  ? -5.373  -0.318  -12.432 1.00 21.40 ? 46  GLU A CD  1 
ATOM   373  O OE1 . GLU A 1 46  ? -4.637  -1.293  -12.697 1.00 20.13 ? 46  GLU A OE1 1 
ATOM   374  O OE2 . GLU A 1 46  ? -5.440  0.698   -13.159 1.00 21.43 ? 46  GLU A OE2 1 
ATOM   375  N N   . LYS A 1 47  ? -10.245 -2.182  -11.083 1.00 19.62 ? 47  LYS A N   1 
ATOM   376  C CA  . LYS A 1 47  ? -11.386 -3.024  -11.417 1.00 19.40 ? 47  LYS A CA  1 
ATOM   377  C C   . LYS A 1 47  ? -10.985 -4.377  -11.991 1.00 21.17 ? 47  LYS A C   1 
ATOM   378  O O   . LYS A 1 47  ? -11.586 -5.400  -11.671 1.00 22.81 ? 47  LYS A O   1 
ATOM   379  C CB  . LYS A 1 47  ? -12.300 -2.285  -12.404 1.00 19.34 ? 47  LYS A CB  1 
ATOM   380  C CG  . LYS A 1 47  ? -13.435 -3.116  -12.980 1.00 17.73 ? 47  LYS A CG  1 
ATOM   381  C CD  . LYS A 1 47  ? -14.378 -3.626  -11.893 1.00 20.12 ? 47  LYS A CD  1 
ATOM   382  C CE  . LYS A 1 47  ? -15.133 -2.486  -11.229 1.00 17.75 ? 47  LYS A CE  1 
ATOM   383  N NZ  . LYS A 1 47  ? -15.992 -2.958  -10.108 1.00 18.82 ? 47  LYS A NZ  1 
ATOM   384  N N   . VAL A 1 48  ? -9.969  -4.385  -12.840 1.00 21.49 ? 48  VAL A N   1 
ATOM   385  C CA  . VAL A 1 48  ? -9.509  -5.626  -13.437 1.00 23.31 ? 48  VAL A CA  1 
ATOM   386  C C   . VAL A 1 48  ? -8.968  -6.609  -12.383 1.00 22.48 ? 48  VAL A C   1 
ATOM   387  O O   . VAL A 1 48  ? -8.986  -7.824  -12.603 1.00 21.88 ? 48  VAL A O   1 
ATOM   388  C CB  . VAL A 1 48  ? -8.425  -5.346  -14.500 1.00 25.42 ? 48  VAL A CB  1 
ATOM   389  C CG1 . VAL A 1 48  ? -7.798  -6.647  -14.968 1.00 28.37 ? 48  VAL A CG1 1 
ATOM   390  C CG2 . VAL A 1 48  ? -9.044  -4.613  -15.689 1.00 26.80 ? 48  VAL A CG2 1 
ATOM   391  N N   . ASP A 1 49  ? -8.497  -6.097  -11.246 1.00 20.05 ? 49  ASP A N   1 
ATOM   392  C CA  . ASP A 1 49  ? -7.960  -6.977  -10.201 1.00 21.11 ? 49  ASP A CA  1 
ATOM   393  C C   . ASP A 1 49  ? -9.055  -7.856  -9.581  1.00 21.56 ? 49  ASP A C   1 
ATOM   394  O O   . ASP A 1 49  ? -8.764  -8.834  -8.897  1.00 21.41 ? 49  ASP A O   1 
ATOM   395  C CB  . ASP A 1 49  ? -7.274  -6.174  -9.078  1.00 19.13 ? 49  ASP A CB  1 
ATOM   396  C CG  . ASP A 1 49  ? -6.153  -5.272  -9.585  1.00 20.68 ? 49  ASP A CG  1 
ATOM   397  O OD1 . ASP A 1 49  ? -5.476  -5.618  -10.580 1.00 22.10 ? 49  ASP A OD1 1 
ATOM   398  O OD2 . ASP A 1 49  ? -5.938  -4.209  -8.976  1.00 22.13 ? 49  ASP A OD2 1 
ATOM   399  N N   . GLU A 1 50  ? -10.317 -7.509  -9.816  1.00 22.01 ? 50  GLU A N   1 
ATOM   400  C CA  . GLU A 1 50  ? -11.414 -8.292  -9.264  1.00 23.72 ? 50  GLU A CA  1 
ATOM   401  C C   . GLU A 1 50  ? -11.506 -9.667  -9.936  1.00 23.77 ? 50  GLU A C   1 
ATOM   402  O O   . GLU A 1 50  ? -12.179 -10.566 -9.438  1.00 24.03 ? 50  GLU A O   1 
ATOM   403  C CB  . GLU A 1 50  ? -12.736 -7.530  -9.419  1.00 23.97 ? 50  GLU A CB  1 
ATOM   404  C CG  . GLU A 1 50  ? -12.833 -6.269  -8.563  1.00 26.38 ? 50  GLU A CG  1 
ATOM   405  C CD  . GLU A 1 50  ? -14.196 -5.589  -8.663  1.00 27.86 ? 50  GLU A CD  1 
ATOM   406  O OE1 . GLU A 1 50  ? -15.221 -6.300  -8.736  1.00 28.80 ? 50  GLU A OE1 1 
ATOM   407  O OE2 . GLU A 1 50  ? -14.243 -4.344  -8.656  1.00 28.86 ? 50  GLU A OE2 1 
ATOM   408  N N   . LYS A 1 51  ? -10.824 -9.831  -11.065 1.00 26.39 ? 51  LYS A N   1 
ATOM   409  C CA  . LYS A 1 51  ? -10.829 -11.107 -11.784 1.00 27.68 ? 51  LYS A CA  1 
ATOM   410  C C   . LYS A 1 51  ? -10.099 -12.187 -10.994 1.00 28.14 ? 51  LYS A C   1 
ATOM   411  O O   . LYS A 1 51  ? -10.446 -13.366 -11.072 1.00 28.50 ? 51  LYS A O   1 
ATOM   412  C CB  . LYS A 1 51  ? -10.164 -10.956 -13.158 1.00 29.18 ? 51  LYS A CB  1 
ATOM   413  C CG  . LYS A 1 51  ? -10.986 -10.149 -14.158 1.00 31.17 ? 51  LYS A CG  1 
ATOM   414  C CD  . LYS A 1 51  ? -10.252 -9.956  -15.476 1.00 31.94 ? 51  LYS A CD  1 
ATOM   415  C CE  . LYS A 1 51  ? -11.136 -9.209  -16.478 1.00 34.79 ? 51  LYS A CE  1 
ATOM   416  N NZ  . LYS A 1 51  ? -10.478 -8.998  -17.805 1.00 35.15 ? 51  LYS A NZ  1 
ATOM   417  N N   . ASN A 1 52  ? -9.090  -11.782 -10.226 1.00 26.34 ? 52  ASN A N   1 
ATOM   418  C CA  . ASN A 1 52  ? -8.319  -12.730 -9.433  1.00 24.70 ? 52  ASN A CA  1 
ATOM   419  C C   . ASN A 1 52  ? -7.583  -12.020 -8.303  1.00 23.27 ? 52  ASN A C   1 
ATOM   420  O O   . ASN A 1 52  ? -6.391  -11.758 -8.395  1.00 23.19 ? 52  ASN A O   1 
ATOM   421  C CB  . ASN A 1 52  ? -7.309  -13.467 -10.314 1.00 24.25 ? 52  ASN A CB  1 
ATOM   422  C CG  . ASN A 1 52  ? -6.913  -14.804 -9.726  1.00 24.36 ? 52  ASN A CG  1 
ATOM   423  O OD1 . ASN A 1 52  ? -6.712  -14.917 -8.519  1.00 24.66 ? 52  ASN A OD1 1 
ATOM   424  N ND2 . ASN A 1 52  ? -6.804  -15.821 -10.569 1.00 22.98 ? 52  ASN A ND2 1 
ATOM   425  N N   . PRO A 1 53  ? -8.295  -11.706 -7.217  1.00 23.20 ? 53  PRO A N   1 
ATOM   426  C CA  . PRO A 1 53  ? -7.715  -11.018 -6.066  1.00 23.62 ? 53  PRO A CA  1 
ATOM   427  C C   . PRO A 1 53  ? -6.427  -11.655 -5.537  1.00 26.03 ? 53  PRO A C   1 
ATOM   428  O O   . PRO A 1 53  ? -5.467  -10.953 -5.217  1.00 24.58 ? 53  PRO A O   1 
ATOM   429  C CB  . PRO A 1 53  ? -8.850  -11.053 -5.047  1.00 23.38 ? 53  PRO A CB  1 
ATOM   430  C CG  . PRO A 1 53  ? -10.067 -10.958 -5.919  1.00 22.02 ? 53  PRO A CG  1 
ATOM   431  C CD  . PRO A 1 53  ? -9.739  -11.930 -7.023  1.00 20.68 ? 53  PRO A CD  1 
ATOM   432  N N   . GLU A 1 54  ? -6.413  -12.983 -5.447  1.00 26.67 ? 54  GLU A N   1 
ATOM   433  C CA  . GLU A 1 54  ? -5.248  -13.699 -4.937  1.00 26.27 ? 54  GLU A CA  1 
ATOM   434  C C   . GLU A 1 54  ? -4.032  -13.591 -5.850  1.00 25.09 ? 54  GLU A C   1 
ATOM   435  O O   . GLU A 1 54  ? -2.925  -13.320 -5.384  1.00 25.25 ? 54  GLU A O   1 
ATOM   436  C CB  . GLU A 1 54  ? -5.581  -15.182 -4.717  1.00 27.61 ? 54  GLU A CB  1 
ATOM   437  C CG  . GLU A 1 54  ? -4.465  -15.946 -4.009  1.00 30.98 ? 54  GLU A CG  1 
ATOM   438  C CD  . GLU A 1 54  ? -4.646  -17.455 -4.058  1.00 34.11 ? 54  GLU A CD  1 
ATOM   439  O OE1 . GLU A 1 54  ? -5.688  -17.955 -3.587  1.00 35.46 ? 54  GLU A OE1 1 
ATOM   440  O OE2 . GLU A 1 54  ? -3.736  -18.143 -4.569  1.00 36.26 ? 54  GLU A OE2 1 
ATOM   441  N N   . GLU A 1 55  ? -4.233  -13.820 -7.144  1.00 23.46 ? 55  GLU A N   1 
ATOM   442  C CA  . GLU A 1 55  ? -3.134  -13.752 -8.104  1.00 23.59 ? 55  GLU A CA  1 
ATOM   443  C C   . GLU A 1 55  ? -2.489  -12.372 -8.080  1.00 23.17 ? 55  GLU A C   1 
ATOM   444  O O   . GLU A 1 55  ? -1.261  -12.244 -8.051  1.00 19.49 ? 55  GLU A O   1 
ATOM   445  C CB  . GLU A 1 55  ? -3.643  -14.031 -9.522  1.00 25.73 ? 55  GLU A CB  1 
ATOM   446  C CG  . GLU A 1 55  ? -2.535  -14.138 -10.572 1.00 28.80 ? 55  GLU A CG  1 
ATOM   447  C CD  . GLU A 1 55  ? -3.048  -13.991 -12.000 1.00 30.83 ? 55  GLU A CD  1 
ATOM   448  O OE1 . GLU A 1 55  ? -4.234  -14.296 -12.249 1.00 30.75 ? 55  GLU A OE1 1 
ATOM   449  O OE2 . GLU A 1 55  ? -2.259  -13.577 -12.875 1.00 30.87 ? 55  GLU A OE2 1 
ATOM   450  N N   . VAL A 1 56  ? -3.332  -11.340 -8.113  1.00 21.68 ? 56  VAL A N   1 
ATOM   451  C CA  . VAL A 1 56  ? -2.859  -9.963  -8.109  1.00 22.33 ? 56  VAL A CA  1 
ATOM   452  C C   . VAL A 1 56  ? -2.069  -9.682  -6.836  1.00 21.65 ? 56  VAL A C   1 
ATOM   453  O O   . VAL A 1 56  ? -1.027  -9.034  -6.866  1.00 20.09 ? 56  VAL A O   1 
ATOM   454  C CB  . VAL A 1 56  ? -4.057  -8.973  -8.209  1.00 21.19 ? 56  VAL A CB  1 
ATOM   455  C CG1 . VAL A 1 56  ? -3.597  -7.555  -7.992  1.00 23.85 ? 56  VAL A CG1 1 
ATOM   456  C CG2 . VAL A 1 56  ? -4.695  -9.091  -9.565  1.00 21.88 ? 56  VAL A CG2 1 
ATOM   457  N N   . SER A 1 57  ? -2.573  -10.182 -5.716  1.00 22.77 ? 57  SER A N   1 
ATOM   458  C CA  . SER A 1 57  ? -1.922  -9.967  -4.433  1.00 22.19 ? 57  SER A CA  1 
ATOM   459  C C   . SER A 1 57  ? -0.554  -10.608 -4.352  1.00 22.39 ? 57  SER A C   1 
ATOM   460  O O   . SER A 1 57  ? 0.417   -9.961  -3.955  1.00 21.60 ? 57  SER A O   1 
ATOM   461  C CB  . SER A 1 57  ? -2.799  -10.497 -3.305  1.00 22.15 ? 57  SER A CB  1 
ATOM   462  O OG  . SER A 1 57  ? -3.910  -9.646  -3.118  1.00 24.23 ? 57  SER A OG  1 
ATOM   463  N N   . LEU A 1 58  ? -0.479  -11.882 -4.724  1.00 22.05 ? 58  LEU A N   1 
ATOM   464  C CA  . LEU A 1 58  ? 0.782   -12.599 -4.685  1.00 22.03 ? 58  LEU A CA  1 
ATOM   465  C C   . LEU A 1 58  ? 1.789   -11.872 -5.565  1.00 21.53 ? 58  LEU A C   1 
ATOM   466  O O   . LEU A 1 58  ? 2.937   -11.667 -5.164  1.00 22.26 ? 58  LEU A O   1 
ATOM   467  C CB  . LEU A 1 58  ? 0.590   -14.045 -5.153  1.00 22.90 ? 58  LEU A CB  1 
ATOM   468  C CG  . LEU A 1 58  ? -0.362  -14.907 -4.317  1.00 25.69 ? 58  LEU A CG  1 
ATOM   469  C CD1 . LEU A 1 58  ? -0.508  -16.284 -4.967  1.00 27.27 ? 58  LEU A CD1 1 
ATOM   470  C CD2 . LEU A 1 58  ? 0.160   -15.048 -2.889  1.00 27.34 ? 58  LEU A CD2 1 
ATOM   471  N N   . LYS A 1 59  ? 1.359   -11.471 -6.758  1.00 22.48 ? 59  LYS A N   1 
ATOM   472  C CA  . LYS A 1 59  ? 2.242   -10.739 -7.663  1.00 22.10 ? 59  LYS A CA  1 
ATOM   473  C C   . LYS A 1 59  ? 2.707   -9.420  -7.041  1.00 21.18 ? 59  LYS A C   1 
ATOM   474  O O   . LYS A 1 59  ? 3.870   -9.055  -7.156  1.00 20.80 ? 59  LYS A O   1 
ATOM   475  C CB  . LYS A 1 59  ? 1.540   -10.464 -8.993  1.00 24.03 ? 59  LYS A CB  1 
ATOM   476  C CG  . LYS A 1 59  ? 1.401   -11.702 -9.870  1.00 28.07 ? 59  LYS A CG  1 
ATOM   477  C CD  . LYS A 1 59  ? 0.738   -11.389 -11.195 1.00 32.02 ? 59  LYS A CD  1 
ATOM   478  C CE  . LYS A 1 59  ? 0.629   -12.647 -12.047 1.00 35.22 ? 59  LYS A CE  1 
ATOM   479  N NZ  . LYS A 1 59  ? 0.056   -12.364 -13.393 1.00 39.15 ? 59  LYS A NZ  1 
ATOM   480  N N   . ALA A 1 60  ? 1.803   -8.700  -6.384  1.00 19.67 ? 60  ALA A N   1 
ATOM   481  C CA  . ALA A 1 60  ? 2.190   -7.438  -5.757  1.00 20.69 ? 60  ALA A CA  1 
ATOM   482  C C   . ALA A 1 60  ? 3.175   -7.727  -4.625  1.00 19.37 ? 60  ALA A C   1 
ATOM   483  O O   . ALA A 1 60  ? 4.159   -7.021  -4.457  1.00 22.05 ? 60  ALA A O   1 
ATOM   484  C CB  . ALA A 1 60  ? 0.951   -6.703  -5.222  1.00 16.87 ? 60  ALA A CB  1 
ATOM   485  N N   . ILE A 1 61  ? 2.902   -8.769  -3.849  1.00 20.90 ? 61  ILE A N   1 
ATOM   486  C CA  . ILE A 1 61  ? 3.783   -9.149  -2.749  1.00 23.15 ? 61  ILE A CA  1 
ATOM   487  C C   . ILE A 1 61  ? 5.203   -9.316  -3.304  1.00 23.82 ? 61  ILE A C   1 
ATOM   488  O O   . ILE A 1 61  ? 6.172   -8.772  -2.768  1.00 22.14 ? 61  ILE A O   1 
ATOM   489  C CB  . ILE A 1 61  ? 3.351   -10.510 -2.121  1.00 25.05 ? 61  ILE A CB  1 
ATOM   490  C CG1 . ILE A 1 61  ? 1.981   -10.384 -1.451  1.00 22.43 ? 61  ILE A CG1 1 
ATOM   491  C CG2 . ILE A 1 61  ? 4.412   -10.998 -1.133  1.00 19.13 ? 61  ILE A CG2 1 
ATOM   492  C CD1 . ILE A 1 61  ? 1.976   -9.522  -0.246  1.00 30.14 ? 61  ILE A CD1 1 
ATOM   493  N N   . GLU A 1 62  ? 5.307   -10.079 -4.385  1.00 24.79 ? 62  GLU A N   1 
ATOM   494  C CA  . GLU A 1 62  ? 6.587   -10.346 -5.027  1.00 26.31 ? 62  GLU A CA  1 
ATOM   495  C C   . GLU A 1 62  ? 7.311   -9.090  -5.523  1.00 25.72 ? 62  GLU A C   1 
ATOM   496  O O   . GLU A 1 62  ? 8.506   -8.918  -5.280  1.00 26.08 ? 62  GLU A O   1 
ATOM   497  C CB  . GLU A 1 62  ? 6.380   -11.321 -6.192  1.00 29.69 ? 62  GLU A CB  1 
ATOM   498  C CG  . GLU A 1 62  ? 7.652   -11.662 -6.942  1.00 34.06 ? 62  GLU A CG  1 
ATOM   499  C CD  . GLU A 1 62  ? 8.701   -12.291 -6.049  1.00 39.42 ? 62  GLU A CD  1 
ATOM   500  O OE1 . GLU A 1 62  ? 9.863   -12.411 -6.495  1.00 43.40 ? 62  GLU A OE1 1 
ATOM   501  O OE2 . GLU A 1 62  ? 8.370   -12.669 -4.904  1.00 41.14 ? 62  GLU A OE2 1 
ATOM   502  N N   . GLU A 1 63  ? 6.594   -8.218  -6.222  1.00 22.71 ? 63  GLU A N   1 
ATOM   503  C CA  . GLU A 1 63  ? 7.197   -6.999  -6.740  1.00 23.77 ? 63  GLU A CA  1 
ATOM   504  C C   . GLU A 1 63  ? 7.694   -6.058  -5.648  1.00 21.38 ? 63  GLU A C   1 
ATOM   505  O O   . GLU A 1 63  ? 8.804   -5.537  -5.726  1.00 20.57 ? 63  GLU A O   1 
ATOM   506  C CB  . GLU A 1 63  ? 6.204   -6.250  -7.631  1.00 24.77 ? 63  GLU A CB  1 
ATOM   507  C CG  . GLU A 1 63  ? 6.248   -6.683  -9.067  1.00 33.01 ? 63  GLU A CG  1 
ATOM   508  C CD  . GLU A 1 63  ? 7.637   -6.543  -9.650  1.00 36.52 ? 63  GLU A CD  1 
ATOM   509  O OE1 . GLU A 1 63  ? 8.207   -5.429  -9.587  1.00 37.96 ? 63  GLU A OE1 1 
ATOM   510  O OE2 . GLU A 1 63  ? 8.157   -7.555  -10.165 1.00 41.51 ? 63  GLU A OE2 1 
ATOM   511  N N   . ILE A 1 64  ? 6.851   -5.830  -4.650  1.00 21.45 ? 64  ILE A N   1 
ATOM   512  C CA  . ILE A 1 64  ? 7.185   -4.952  -3.542  1.00 20.27 ? 64  ILE A CA  1 
ATOM   513  C C   . ILE A 1 64  ? 8.382   -5.530  -2.794  1.00 21.62 ? 64  ILE A C   1 
ATOM   514  O O   . ILE A 1 64  ? 9.329   -4.809  -2.481  1.00 20.88 ? 64  ILE A O   1 
ATOM   515  C CB  . ILE A 1 64  ? 5.969   -4.789  -2.609  1.00 18.43 ? 64  ILE A CB  1 
ATOM   516  C CG1 . ILE A 1 64  ? 4.831   -4.111  -3.389  1.00 19.74 ? 64  ILE A CG1 1 
ATOM   517  C CG2 . ILE A 1 64  ? 6.347   -3.967  -1.386  1.00 19.46 ? 64  ILE A CG2 1 
ATOM   518  C CD1 . ILE A 1 64  ? 3.479   -4.094  -2.679  1.00 14.07 ? 64  ILE A CD1 1 
ATOM   519  N N   . SER A 1 65  ? 8.344   -6.836  -2.531  1.00 22.98 ? 65  SER A N   1 
ATOM   520  C CA  . SER A 1 65  ? 9.441   -7.512  -1.842  1.00 23.93 ? 65  SER A CA  1 
ATOM   521  C C   . SER A 1 65  ? 10.730  -7.343  -2.633  1.00 23.17 ? 65  SER A C   1 
ATOM   522  O O   . SER A 1 65  ? 11.770  -7.020  -2.066  1.00 23.11 ? 65  SER A O   1 
ATOM   523  C CB  . SER A 1 65  ? 9.156   -9.011  -1.681  1.00 23.00 ? 65  SER A CB  1 
ATOM   524  O OG  . SER A 1 65  ? 8.076   -9.250  -0.795  1.00 23.09 ? 65  SER A OG  1 
ATOM   525  N N   . LYS A 1 66  ? 10.660  -7.568  -3.941  1.00 24.34 ? 66  LYS A N   1 
ATOM   526  C CA  . LYS A 1 66  ? 11.840  -7.443  -4.790  1.00 25.93 ? 66  LYS A CA  1 
ATOM   527  C C   . LYS A 1 66  ? 12.473  -6.050  -4.735  1.00 25.67 ? 66  LYS A C   1 
ATOM   528  O O   . LYS A 1 66  ? 13.698  -5.918  -4.746  1.00 26.22 ? 66  LYS A O   1 
ATOM   529  C CB  . LYS A 1 66  ? 11.498  -7.800  -6.234  1.00 26.99 ? 66  LYS A CB  1 
ATOM   530  C CG  . LYS A 1 66  ? 12.734  -7.964  -7.098  1.00 31.03 ? 66  LYS A CG  1 
ATOM   531  C CD  . LYS A 1 66  ? 12.494  -8.878  -8.288  1.00 30.75 ? 66  LYS A CD  1 
ATOM   532  C CE  . LYS A 1 66  ? 11.738  -8.179  -9.397  1.00 33.53 ? 66  LYS A CE  1 
ATOM   533  N NZ  . LYS A 1 66  ? 11.619  -9.068  -10.593 1.00 32.55 ? 66  LYS A NZ  1 
ATOM   534  N N   . VAL A 1 67  ? 11.652  -5.008  -4.675  1.00 24.25 ? 67  VAL A N   1 
ATOM   535  C CA  . VAL A 1 67  ? 12.195  -3.659  -4.601  1.00 24.07 ? 67  VAL A CA  1 
ATOM   536  C C   . VAL A 1 67  ? 12.760  -3.374  -3.203  1.00 23.49 ? 67  VAL A C   1 
ATOM   537  O O   . VAL A 1 67  ? 13.791  -2.711  -3.068  1.00 23.36 ? 67  VAL A O   1 
ATOM   538  C CB  . VAL A 1 67  ? 11.134  -2.596  -4.981  1.00 22.36 ? 67  VAL A CB  1 
ATOM   539  C CG1 . VAL A 1 67  ? 11.566  -1.223  -4.506  1.00 23.76 ? 67  VAL A CG1 1 
ATOM   540  C CG2 . VAL A 1 67  ? 10.963  -2.562  -6.498  1.00 22.73 ? 67  VAL A CG2 1 
ATOM   541  N N   . ALA A 1 68  ? 12.093  -3.880  -2.169  1.00 23.80 ? 68  ALA A N   1 
ATOM   542  C CA  . ALA A 1 68  ? 12.553  -3.669  -0.796  1.00 25.65 ? 68  ALA A CA  1 
ATOM   543  C C   . ALA A 1 68  ? 13.950  -4.259  -0.656  1.00 26.45 ? 68  ALA A C   1 
ATOM   544  O O   . ALA A 1 68  ? 14.810  -3.694  0.017   1.00 23.83 ? 68  ALA A O   1 
ATOM   545  C CB  . ALA A 1 68  ? 11.585  -4.326  0.206   1.00 24.39 ? 68  ALA A CB  1 
ATOM   546  N N   . GLU A 1 69  ? 14.167  -5.392  -1.314  1.00 30.15 ? 69  GLU A N   1 
ATOM   547  C CA  . GLU A 1 69  ? 15.456  -6.073  -1.295  1.00 33.75 ? 69  GLU A CA  1 
ATOM   548  C C   . GLU A 1 69  ? 16.518  -5.237  -2.002  1.00 35.44 ? 69  GLU A C   1 
ATOM   549  O O   . GLU A 1 69  ? 17.665  -5.194  -1.564  1.00 37.01 ? 69  GLU A O   1 
ATOM   550  C CB  . GLU A 1 69  ? 15.346  -7.423  -2.003  1.00 36.91 ? 69  GLU A CB  1 
ATOM   551  C CG  . GLU A 1 69  ? 14.248  -8.317  -1.471  1.00 43.15 ? 69  GLU A CG  1 
ATOM   552  C CD  . GLU A 1 69  ? 14.617  -8.989  -0.172  1.00 46.73 ? 69  GLU A CD  1 
ATOM   553  O OE1 . GLU A 1 69  ? 15.184  -8.308  0.710   1.00 49.33 ? 69  GLU A OE1 1 
ATOM   554  O OE2 . GLU A 1 69  ? 14.327  -10.200 -0.032  1.00 48.84 ? 69  GLU A OE2 1 
ATOM   555  N N   . GLN A 1 70  ? 16.132  -4.584  -3.097  1.00 35.46 ? 70  GLN A N   1 
ATOM   556  C CA  . GLN A 1 70  ? 17.051  -3.757  -3.881  1.00 35.40 ? 70  GLN A CA  1 
ATOM   557  C C   . GLN A 1 70  ? 17.532  -2.515  -3.140  1.00 34.63 ? 70  GLN A C   1 
ATOM   558  O O   . GLN A 1 70  ? 18.700  -2.152  -3.228  1.00 34.97 ? 70  GLN A O   1 
ATOM   559  C CB  . GLN A 1 70  ? 16.388  -3.307  -5.184  1.00 35.73 ? 70  GLN A CB  1 
ATOM   560  C CG  . GLN A 1 70  ? 15.975  -4.427  -6.099  1.00 39.98 ? 70  GLN A CG  1 
ATOM   561  C CD  . GLN A 1 70  ? 15.137  -3.931  -7.258  1.00 41.01 ? 70  GLN A CD  1 
ATOM   562  O OE1 . GLN A 1 70  ? 15.548  -3.029  -7.991  1.00 42.47 ? 70  GLN A OE1 1 
ATOM   563  N NE2 . GLN A 1 70  ? 13.957  -4.517  -7.434  1.00 39.99 ? 70  GLN A NE2 1 
ATOM   564  N N   . VAL A 1 71  ? 16.623  -1.854  -2.435  1.00 32.92 ? 71  VAL A N   1 
ATOM   565  C CA  . VAL A 1 71  ? 16.965  -0.655  -1.688  1.00 31.25 ? 71  VAL A CA  1 
ATOM   566  C C   . VAL A 1 71  ? 17.367  -1.017  -0.266  1.00 31.53 ? 71  VAL A C   1 
ATOM   567  O O   . VAL A 1 71  ? 17.634  -0.145  0.553   1.00 30.96 ? 71  VAL A O   1 
ATOM   568  C CB  . VAL A 1 71  ? 15.776  0.328   -1.646  1.00 31.38 ? 71  VAL A CB  1 
ATOM   569  C CG1 . VAL A 1 71  ? 15.462  0.814   -3.052  1.00 30.18 ? 71  VAL A CG1 1 
ATOM   570  C CG2 . VAL A 1 71  ? 14.555  -0.354  -1.049  1.00 29.79 ? 71  VAL A CG2 1 
ATOM   571  N N   . LYS A 1 72  ? 17.410  -2.314  0.018   1.00 32.50 ? 72  LYS A N   1 
ATOM   572  C CA  . LYS A 1 72  ? 17.773  -2.804  1.343   1.00 33.24 ? 72  LYS A CA  1 
ATOM   573  C C   . LYS A 1 72  ? 16.874  -2.243  2.447   1.00 33.33 ? 72  LYS A C   1 
ATOM   574  O O   . LYS A 1 72  ? 17.356  -1.777  3.480   1.00 34.72 ? 72  LYS A O   1 
ATOM   575  C CB  . LYS A 1 72  ? 19.242  -2.476  1.630   1.00 34.48 ? 72  LYS A CB  1 
ATOM   576  C CG  . LYS A 1 72  ? 20.229  -3.470  1.019   1.00 34.40 ? 72  LYS A CG  1 
ATOM   577  C CD  . LYS A 1 72  ? 20.032  -3.633  -0.481  1.00 36.45 ? 72  LYS A CD  1 
ATOM   578  C CE  . LYS A 1 72  ? 20.856  -4.789  -1.038  1.00 36.68 ? 72  LYS A CE  1 
ATOM   579  N NZ  . LYS A 1 72  ? 20.649  -4.993  -2.508  1.00 35.08 ? 72  LYS A NZ  1 
ATOM   580  N N   . ALA A 1 73  ? 15.563  -2.298  2.221   1.00 31.33 ? 73  ALA A N   1 
ATOM   581  C CA  . ALA A 1 73  ? 14.594  -1.808  3.188   1.00 29.80 ? 73  ALA A CA  1 
ATOM   582  C C   . ALA A 1 73  ? 14.048  -2.963  4.019   1.00 29.63 ? 73  ALA A C   1 
ATOM   583  O O   . ALA A 1 73  ? 13.702  -4.006  3.476   1.00 28.67 ? 73  ALA A O   1 
ATOM   584  C CB  . ALA A 1 73  ? 13.451  -1.093  2.468   1.00 29.97 ? 73  ALA A CB  1 
ATOM   585  N N   . GLU A 1 74  ? 13.977  -2.771  5.336   1.00 28.65 ? 74  GLU A N   1 
ATOM   586  C CA  . GLU A 1 74  ? 13.472  -3.802  6.238   1.00 28.11 ? 74  GLU A CA  1 
ATOM   587  C C   . GLU A 1 74  ? 12.042  -3.469  6.626   1.00 26.78 ? 74  GLU A C   1 
ATOM   588  O O   . GLU A 1 74  ? 11.319  -4.310  7.160   1.00 24.84 ? 74  GLU A O   1 
ATOM   589  C CB  . GLU A 1 74  ? 14.325  -3.884  7.513   1.00 30.08 ? 74  GLU A CB  1 
ATOM   590  C CG  . GLU A 1 74  ? 15.812  -4.049  7.266   1.00 35.92 ? 74  GLU A CG  1 
ATOM   591  C CD  . GLU A 1 74  ? 16.541  -4.616  8.469   1.00 38.70 ? 74  GLU A CD  1 
ATOM   592  O OE1 . GLU A 1 74  ? 16.258  -4.173  9.602   1.00 39.12 ? 74  GLU A OE1 1 
ATOM   593  O OE2 . GLU A 1 74  ? 17.406  -5.499  8.277   1.00 41.28 ? 74  GLU A OE2 1 
ATOM   594  N N   . ASN A 1 75  ? 11.649  -2.225  6.370   1.00 24.91 ? 75  ASN A N   1 
ATOM   595  C CA  . ASN A 1 75  ? 10.309  -1.765  6.688   1.00 24.54 ? 75  ASN A CA  1 
ATOM   596  C C   . ASN A 1 75  ? 9.538   -1.460  5.404   1.00 24.45 ? 75  ASN A C   1 
ATOM   597  O O   . ASN A 1 75  ? 10.098  -0.926  4.448   1.00 23.32 ? 75  ASN A O   1 
ATOM   598  C CB  . ASN A 1 75  ? 10.376  -0.505  7.550   1.00 25.84 ? 75  ASN A CB  1 
ATOM   599  C CG  . ASN A 1 75  ? 11.067  -0.739  8.887   1.00 30.46 ? 75  ASN A CG  1 
ATOM   600  O OD1 . ASN A 1 75  ? 11.327  0.204   9.640   1.00 34.55 ? 75  ASN A OD1 1 
ATOM   601  N ND2 . ASN A 1 75  ? 11.359  -1.994  9.191   1.00 31.04 ? 75  ASN A ND2 1 
ATOM   602  N N   . VAL A 1 76  ? 8.257   -1.818  5.396   1.00 21.80 ? 76  VAL A N   1 
ATOM   603  C CA  . VAL A 1 76  ? 7.376   -1.571  4.264   1.00 22.23 ? 76  VAL A CA  1 
ATOM   604  C C   . VAL A 1 76  ? 6.093   -0.998  4.844   1.00 20.47 ? 76  VAL A C   1 
ATOM   605  O O   . VAL A 1 76  ? 5.666   -1.392  5.927   1.00 21.34 ? 76  VAL A O   1 
ATOM   606  C CB  . VAL A 1 76  ? 7.007   -2.867  3.490   1.00 21.73 ? 76  VAL A CB  1 
ATOM   607  C CG1 . VAL A 1 76  ? 6.076   -2.522  2.338   1.00 21.27 ? 76  VAL A CG1 1 
ATOM   608  C CG2 . VAL A 1 76  ? 8.263   -3.557  2.951   1.00 23.11 ? 76  VAL A CG2 1 
ATOM   609  N N   . PHE A 1 77  ? 5.482   -0.060  4.134   1.00 19.86 ? 77  PHE A N   1 
ATOM   610  C CA  . PHE A 1 77  ? 4.240   0.539   4.599   1.00 18.54 ? 77  PHE A CA  1 
ATOM   611  C C   . PHE A 1 77  ? 3.235   0.462   3.459   1.00 19.65 ? 77  PHE A C   1 
ATOM   612  O O   . PHE A 1 77  ? 3.544   0.861   2.338   1.00 18.30 ? 77  PHE A O   1 
ATOM   613  C CB  . PHE A 1 77  ? 4.472   2.001   4.977   1.00 20.04 ? 77  PHE A CB  1 
ATOM   614  C CG  . PHE A 1 77  ? 3.305   2.641   5.674   1.00 23.68 ? 77  PHE A CG  1 
ATOM   615  C CD1 . PHE A 1 77  ? 3.217   2.636   7.060   1.00 23.47 ? 77  PHE A CD1 1 
ATOM   616  C CD2 . PHE A 1 77  ? 2.284   3.236   4.944   1.00 22.66 ? 77  PHE A CD2 1 
ATOM   617  C CE1 . PHE A 1 77  ? 2.130   3.214   7.710   1.00 24.11 ? 77  PHE A CE1 1 
ATOM   618  C CE2 . PHE A 1 77  ? 1.196   3.813   5.585   1.00 24.76 ? 77  PHE A CE2 1 
ATOM   619  C CZ  . PHE A 1 77  ? 1.120   3.802   6.974   1.00 25.68 ? 77  PHE A CZ  1 
ATOM   620  N N   . VAL A 1 78  ? 2.046   -0.057  3.747   1.00 18.84 ? 78  VAL A N   1 
ATOM   621  C CA  . VAL A 1 78  ? 0.990   -0.169  2.750   1.00 19.53 ? 78  VAL A CA  1 
ATOM   622  C C   . VAL A 1 78  ? 0.065   1.029   2.878   1.00 19.50 ? 78  VAL A C   1 
ATOM   623  O O   . VAL A 1 78  ? -0.663  1.179   3.864   1.00 18.24 ? 78  VAL A O   1 
ATOM   624  C CB  . VAL A 1 78  ? 0.175   -1.474  2.925   1.00 19.56 ? 78  VAL A CB  1 
ATOM   625  C CG1 . VAL A 1 78  ? -0.998  -1.497  1.934   1.00 17.33 ? 78  VAL A CG1 1 
ATOM   626  C CG2 . VAL A 1 78  ? 1.088   -2.684  2.713   1.00 19.54 ? 78  VAL A CG2 1 
ATOM   627  N N   . TYR A 1 79  ? 0.089   1.880   1.861   1.00 19.65 ? 79  TYR A N   1 
ATOM   628  C CA  . TYR A 1 79  ? -0.717  3.077   1.881   1.00 18.56 ? 79  TYR A CA  1 
ATOM   629  C C   . TYR A 1 79  ? -1.818  3.085   0.826   1.00 19.77 ? 79  TYR A C   1 
ATOM   630  O O   . TYR A 1 79  ? -1.552  3.300   -0.356  1.00 19.99 ? 79  TYR A O   1 
ATOM   631  C CB  . TYR A 1 79  ? 0.184   4.302   1.694   1.00 18.82 ? 79  TYR A CB  1 
ATOM   632  C CG  . TYR A 1 79  ? -0.439  5.574   2.219   1.00 19.84 ? 79  TYR A CG  1 
ATOM   633  C CD1 . TYR A 1 79  ? 0.060   6.197   3.357   1.00 21.17 ? 79  TYR A CD1 1 
ATOM   634  C CD2 . TYR A 1 79  ? -1.550  6.131   1.601   1.00 20.49 ? 79  TYR A CD2 1 
ATOM   635  C CE1 . TYR A 1 79  ? -0.537  7.348   3.867   1.00 21.99 ? 79  TYR A CE1 1 
ATOM   636  C CE2 . TYR A 1 79  ? -2.156  7.278   2.103   1.00 22.78 ? 79  TYR A CE2 1 
ATOM   637  C CZ  . TYR A 1 79  ? -1.645  7.879   3.235   1.00 21.55 ? 79  TYR A CZ  1 
ATOM   638  O OH  . TYR A 1 79  ? -2.258  8.997   3.741   1.00 23.29 ? 79  TYR A OH  1 
ATOM   639  N N   . PRO A 1 80  ? -3.074  2.853   1.245   1.00 19.49 ? 80  PRO A N   1 
ATOM   640  C CA  . PRO A 1 80  ? -4.174  2.856   0.276   1.00 19.93 ? 80  PRO A CA  1 
ATOM   641  C C   . PRO A 1 80  ? -4.116  4.201   -0.453  1.00 21.52 ? 80  PRO A C   1 
ATOM   642  O O   . PRO A 1 80  ? -4.086  5.257   0.185   1.00 19.99 ? 80  PRO A O   1 
ATOM   643  C CB  . PRO A 1 80  ? -5.416  2.728   1.160   1.00 19.54 ? 80  PRO A CB  1 
ATOM   644  C CG  . PRO A 1 80  ? -4.891  2.000   2.386   1.00 20.19 ? 80  PRO A CG  1 
ATOM   645  C CD  . PRO A 1 80  ? -3.582  2.694   2.618   1.00 18.03 ? 80  PRO A CD  1 
ATOM   646  N N   . PHE A 1 81  ? -4.079  4.157   -1.782  1.00 21.02 ? 81  PHE A N   1 
ATOM   647  C CA  . PHE A 1 81  ? -3.983  5.370   -2.583  1.00 22.83 ? 81  PHE A CA  1 
ATOM   648  C C   . PHE A 1 81  ? -4.710  5.132   -3.903  1.00 23.19 ? 81  PHE A C   1 
ATOM   649  O O   . PHE A 1 81  ? -4.247  4.363   -4.739  1.00 25.89 ? 81  PHE A O   1 
ATOM   650  C CB  . PHE A 1 81  ? -2.509  5.675   -2.853  1.00 22.57 ? 81  PHE A CB  1 
ATOM   651  C CG  . PHE A 1 81  ? -2.207  7.131   -3.022  1.00 24.55 ? 81  PHE A CG  1 
ATOM   652  C CD1 . PHE A 1 81  ? -2.417  8.021   -1.976  1.00 23.14 ? 81  PHE A CD1 1 
ATOM   653  C CD2 . PHE A 1 81  ? -1.662  7.607   -4.213  1.00 26.07 ? 81  PHE A CD2 1 
ATOM   654  C CE1 . PHE A 1 81  ? -2.086  9.364   -2.107  1.00 26.14 ? 81  PHE A CE1 1 
ATOM   655  C CE2 . PHE A 1 81  ? -1.328  8.953   -4.354  1.00 27.31 ? 81  PHE A CE2 1 
ATOM   656  C CZ  . PHE A 1 81  ? -1.537  9.830   -3.303  1.00 26.36 ? 81  PHE A CZ  1 
ATOM   657  N N   . ALA A 1 82  ? -5.836  5.799   -4.097  1.00 23.89 ? 82  ALA A N   1 
ATOM   658  C CA  . ALA A 1 82  ? -6.620  5.611   -5.311  1.00 27.31 ? 82  ALA A CA  1 
ATOM   659  C C   . ALA A 1 82  ? -6.266  6.486   -6.518  1.00 27.80 ? 82  ALA A C   1 
ATOM   660  O O   . ALA A 1 82  ? -6.740  6.228   -7.618  1.00 31.15 ? 82  ALA A O   1 
ATOM   661  C CB  . ALA A 1 82  ? -8.102  5.779   -4.981  1.00 28.52 ? 82  ALA A CB  1 
ATOM   662  N N   . HIS A 1 83  ? -5.430  7.499   -6.337  1.00 26.75 ? 83  HIS A N   1 
ATOM   663  C CA  . HIS A 1 83  ? -5.110  8.393   -7.447  1.00 26.42 ? 83  HIS A CA  1 
ATOM   664  C C   . HIS A 1 83  ? -4.185  7.883   -8.541  1.00 25.29 ? 83  HIS A C   1 
ATOM   665  O O   . HIS A 1 83  ? -3.942  8.589   -9.511  1.00 26.39 ? 83  HIS A O   1 
ATOM   666  C CB  . HIS A 1 83  ? -4.560  9.700   -6.898  1.00 26.66 ? 83  HIS A CB  1 
ATOM   667  C CG  . HIS A 1 83  ? -5.401  10.274  -5.810  1.00 24.34 ? 83  HIS A CG  1 
ATOM   668  N ND1 . HIS A 1 83  ? -5.124  10.075  -4.476  1.00 25.44 ? 83  HIS A ND1 1 
ATOM   669  C CD2 . HIS A 1 83  ? -6.554  10.977  -5.856  1.00 24.08 ? 83  HIS A CD2 1 
ATOM   670  C CE1 . HIS A 1 83  ? -6.073  10.632  -3.746  1.00 24.61 ? 83  HIS A CE1 1 
ATOM   671  N NE2 . HIS A 1 83  ? -6.953  11.185  -4.559  1.00 25.66 ? 83  HIS A NE2 1 
ATOM   672  N N   . LEU A 1 84  ? -3.667  6.671   -8.401  1.00 24.32 ? 84  LEU A N   1 
ATOM   673  C CA  . LEU A 1 84  ? -2.776  6.137   -9.422  1.00 22.86 ? 84  LEU A CA  1 
ATOM   674  C C   . LEU A 1 84  ? -3.552  5.587   -10.611 1.00 21.32 ? 84  LEU A C   1 
ATOM   675  O O   . LEU A 1 84  ? -2.977  5.293   -11.657 1.00 20.70 ? 84  LEU A O   1 
ATOM   676  C CB  . LEU A 1 84  ? -1.880  5.051   -8.831  1.00 22.14 ? 84  LEU A CB  1 
ATOM   677  C CG  . LEU A 1 84  ? -1.075  5.470   -7.600  1.00 24.02 ? 84  LEU A CG  1 
ATOM   678  C CD1 . LEU A 1 84  ? -0.178  4.317   -7.179  1.00 21.70 ? 84  LEU A CD1 1 
ATOM   679  C CD2 . LEU A 1 84  ? -0.250  6.712   -7.910  1.00 23.35 ? 84  LEU A CD2 1 
ATOM   680  N N   . SER A 1 85  ? -4.864  5.453   -10.450 1.00 22.28 ? 85  SER A N   1 
ATOM   681  C CA  . SER A 1 85  ? -5.711  4.952   -11.523 1.00 22.54 ? 85  SER A CA  1 
ATOM   682  C C   . SER A 1 85  ? -7.127  5.486   -11.430 1.00 22.44 ? 85  SER A C   1 
ATOM   683  O O   . SER A 1 85  ? -7.566  5.916   -10.365 1.00 21.96 ? 85  SER A O   1 
ATOM   684  C CB  . SER A 1 85  ? -5.762  3.423   -11.503 1.00 21.91 ? 85  SER A CB  1 
ATOM   685  O OG  . SER A 1 85  ? -6.643  2.944   -12.510 1.00 18.28 ? 85  SER A OG  1 
ATOM   686  N N   . SER A 1 86  ? -7.836  5.447   -12.557 1.00 24.55 ? 86  SER A N   1 
ATOM   687  C CA  . SER A 1 86  ? -9.224  5.891   -12.632 1.00 25.32 ? 86  SER A CA  1 
ATOM   688  C C   . SER A 1 86  ? -10.163 4.689   -12.695 1.00 25.67 ? 86  SER A C   1 
ATOM   689  O O   . SER A 1 86  ? -11.360 4.815   -12.433 1.00 24.03 ? 86  SER A O   1 
ATOM   690  C CB  . SER A 1 86  ? -9.445  6.759   -13.875 1.00 26.59 ? 86  SER A CB  1 
ATOM   691  O OG  . SER A 1 86  ? -8.803  8.009   -13.742 1.00 31.19 ? 86  SER A OG  1 
ATOM   692  N N   . GLU A 1 87  ? -9.615  3.528   -13.058 1.00 26.32 ? 87  GLU A N   1 
ATOM   693  C CA  . GLU A 1 87  ? -10.389 2.287   -13.155 1.00 26.52 ? 87  GLU A CA  1 
ATOM   694  C C   . GLU A 1 87  ? -10.312 1.553   -11.824 1.00 25.25 ? 87  GLU A C   1 
ATOM   695  O O   . GLU A 1 87  ? -9.697  0.491   -11.718 1.00 25.26 ? 87  GLU A O   1 
ATOM   696  C CB  . GLU A 1 87  ? -9.826  1.393   -14.257 1.00 28.99 ? 87  GLU A CB  1 
ATOM   697  C CG  . GLU A 1 87  ? -10.573 1.464   -15.580 1.00 36.52 ? 87  GLU A CG  1 
ATOM   698  C CD  . GLU A 1 87  ? -10.396 2.781   -16.291 1.00 38.18 ? 87  GLU A CD  1 
ATOM   699  O OE1 . GLU A 1 87  ? -11.001 2.954   -17.366 1.00 41.72 ? 87  GLU A OE1 1 
ATOM   700  O OE2 . GLU A 1 87  ? -9.649  3.641   -15.780 1.00 43.55 ? 87  GLU A OE2 1 
ATOM   701  N N   . LEU A 1 88  ? -10.962 2.115   -10.817 1.00 23.94 ? 88  LEU A N   1 
ATOM   702  C CA  . LEU A 1 88  ? -10.927 1.554   -9.479  1.00 23.42 ? 88  LEU A CA  1 
ATOM   703  C C   . LEU A 1 88  ? -11.814 0.358   -9.175  1.00 23.52 ? 88  LEU A C   1 
ATOM   704  O O   . LEU A 1 88  ? -12.891 0.176   -9.752  1.00 21.46 ? 88  LEU A O   1 
ATOM   705  C CB  . LEU A 1 88  ? -11.193 2.669   -8.472  1.00 23.95 ? 88  LEU A CB  1 
ATOM   706  C CG  . LEU A 1 88  ? -10.195 3.827   -8.615  1.00 24.98 ? 88  LEU A CG  1 
ATOM   707  C CD1 . LEU A 1 88  ? -10.366 4.774   -7.447  1.00 22.69 ? 88  LEU A CD1 1 
ATOM   708  C CD2 . LEU A 1 88  ? -8.760  3.294   -8.652  1.00 22.73 ? 88  LEU A CD2 1 
ATOM   709  N N   . ALA A 1 89  ? -11.338 -0.463  -8.248  1.00 24.44 ? 89  ALA A N   1 
ATOM   710  C CA  . ALA A 1 89  ? -12.062 -1.654  -7.835  1.00 24.75 ? 89  ALA A CA  1 
ATOM   711  C C   . ALA A 1 89  ? -13.111 -1.330  -6.782  1.00 23.85 ? 89  ALA A C   1 
ATOM   712  O O   . ALA A 1 89  ? -13.068 -0.283  -6.138  1.00 23.33 ? 89  ALA A O   1 
ATOM   713  C CB  . ALA A 1 89  ? -11.083 -2.692  -7.284  1.00 22.01 ? 89  ALA A CB  1 
ATOM   714  N N   . LYS A 1 90  ? -14.058 -2.248  -6.633  1.00 25.34 ? 90  LYS A N   1 
ATOM   715  C CA  . LYS A 1 90  ? -15.122 -2.154  -5.640  1.00 27.26 ? 90  LYS A CA  1 
ATOM   716  C C   . LYS A 1 90  ? -14.401 -2.043  -4.292  1.00 26.27 ? 90  LYS A C   1 
ATOM   717  O O   . LYS A 1 90  ? -13.445 -2.776  -4.041  1.00 25.90 ? 90  LYS A O   1 
ATOM   718  C CB  . LYS A 1 90  ? -15.949 -3.443  -5.694  1.00 29.97 ? 90  LYS A CB  1 
ATOM   719  C CG  . LYS A 1 90  ? -17.104 -3.521  -4.735  1.00 35.24 ? 90  LYS A CG  1 
ATOM   720  C CD  . LYS A 1 90  ? -17.600 -4.959  -4.611  1.00 37.76 ? 90  LYS A CD  1 
ATOM   721  C CE  . LYS A 1 90  ? -18.116 -5.499  -5.929  1.00 40.68 ? 90  LYS A CE  1 
ATOM   722  N NZ  . LYS A 1 90  ? -19.399 -4.857  -6.310  1.00 43.54 ? 90  LYS A NZ  1 
ATOM   723  N N   . PRO A 1 91  ? -14.851 -1.141  -3.407  1.00 25.02 ? 91  PRO A N   1 
ATOM   724  C CA  . PRO A 1 91  ? -14.199 -0.979  -2.105  1.00 24.71 ? 91  PRO A CA  1 
ATOM   725  C C   . PRO A 1 91  ? -13.936 -2.265  -1.314  1.00 24.71 ? 91  PRO A C   1 
ATOM   726  O O   . PRO A 1 91  ? -12.875 -2.410  -0.712  1.00 24.94 ? 91  PRO A O   1 
ATOM   727  C CB  . PRO A 1 91  ? -15.131 -0.014  -1.377  1.00 25.11 ? 91  PRO A CB  1 
ATOM   728  C CG  . PRO A 1 91  ? -15.615 0.861   -2.502  1.00 25.90 ? 91  PRO A CG  1 
ATOM   729  C CD  . PRO A 1 91  ? -15.948 -0.169  -3.563  1.00 26.20 ? 91  PRO A CD  1 
ATOM   730  N N   . SER A 1 92  ? -14.882 -3.198  -1.319  1.00 23.99 ? 92  SER A N   1 
ATOM   731  C CA  . SER A 1 92  ? -14.694 -4.447  -0.590  1.00 24.62 ? 92  SER A CA  1 
ATOM   732  C C   . SER A 1 92  ? -13.531 -5.261  -1.170  1.00 24.11 ? 92  SER A C   1 
ATOM   733  O O   . SER A 1 92  ? -12.747 -5.859  -0.434  1.00 21.02 ? 92  SER A O   1 
ATOM   734  C CB  . SER A 1 92  ? -15.984 -5.277  -0.618  1.00 25.68 ? 92  SER A CB  1 
ATOM   735  O OG  . SER A 1 92  ? -16.311 -5.671  -1.937  1.00 29.38 ? 92  SER A OG  1 
ATOM   736  N N   . VAL A 1 93  ? -13.419 -5.282  -2.493  1.00 24.62 ? 93  VAL A N   1 
ATOM   737  C CA  . VAL A 1 93  ? -12.342 -6.014  -3.140  1.00 23.04 ? 93  VAL A CA  1 
ATOM   738  C C   . VAL A 1 93  ? -11.011 -5.291  -2.905  1.00 22.59 ? 93  VAL A C   1 
ATOM   739  O O   . VAL A 1 93  ? -9.975  -5.924  -2.720  1.00 20.95 ? 93  VAL A O   1 
ATOM   740  C CB  . VAL A 1 93  ? -12.608 -6.152  -4.651  1.00 25.17 ? 93  VAL A CB  1 
ATOM   741  C CG1 . VAL A 1 93  ? -11.479 -6.951  -5.314  1.00 23.08 ? 93  VAL A CG1 1 
ATOM   742  C CG2 . VAL A 1 93  ? -13.956 -6.834  -4.871  1.00 23.14 ? 93  VAL A CG2 1 
ATOM   743  N N   . ALA A 1 94  ? -11.042 -3.961  -2.900  1.00 21.47 ? 94  ALA A N   1 
ATOM   744  C CA  . ALA A 1 94  ? -9.828  -3.195  -2.664  1.00 20.43 ? 94  ALA A CA  1 
ATOM   745  C C   . ALA A 1 94  ? -9.295  -3.523  -1.263  1.00 20.56 ? 94  ALA A C   1 
ATOM   746  O O   . ALA A 1 94  ? -8.107  -3.761  -1.081  1.00 18.30 ? 94  ALA A O   1 
ATOM   747  C CB  . ALA A 1 94  ? -10.113 -1.704  -2.786  1.00 18.85 ? 94  ALA A CB  1 
ATOM   748  N N   . MET A 1 95  ? -10.185 -3.545  -0.275  1.00 22.00 ? 95  MET A N   1 
ATOM   749  C CA  . MET A 1 95  ? -9.788  -3.840  1.098   1.00 24.06 ? 95  MET A CA  1 
ATOM   750  C C   . MET A 1 95  ? -9.216  -5.252  1.224   1.00 23.27 ? 95  MET A C   1 
ATOM   751  O O   . MET A 1 95  ? -8.200  -5.468  1.885   1.00 22.15 ? 95  MET A O   1 
ATOM   752  C CB  . MET A 1 95  ? -10.983 -3.664  2.045   1.00 25.82 ? 95  MET A CB  1 
ATOM   753  C CG  . MET A 1 95  ? -10.734 -2.642  3.165   1.00 32.94 ? 95  MET A CG  1 
ATOM   754  S SD  . MET A 1 95  ? -12.252 -1.868  3.807   1.00 38.14 ? 95  MET A SD  1 
ATOM   755  C CE  . MET A 1 95  ? -12.663 -2.983  5.188   1.00 39.08 ? 95  MET A CE  1 
ATOM   756  N N   . ASP A 1 96  ? -9.863  -6.215  0.583   1.00 21.77 ? 96  ASP A N   1 
ATOM   757  C CA  . ASP A 1 96  ? -9.387  -7.585  0.656   1.00 22.13 ? 96  ASP A CA  1 
ATOM   758  C C   . ASP A 1 96  ? -7.978  -7.731  0.078   1.00 21.23 ? 96  ASP A C   1 
ATOM   759  O O   . ASP A 1 96  ? -7.127  -8.391  0.663   1.00 20.32 ? 96  ASP A O   1 
ATOM   760  C CB  . ASP A 1 96  ? -10.333 -8.511  -0.086  1.00 23.30 ? 96  ASP A CB  1 
ATOM   761  C CG  . ASP A 1 96  ? -9.883  -9.952  -0.026  1.00 27.56 ? 96  ASP A CG  1 
ATOM   762  O OD1 . ASP A 1 96  ? -10.012 -10.644 -1.049  1.00 27.50 ? 96  ASP A OD1 1 
ATOM   763  O OD2 . ASP A 1 96  ? -9.404  -10.387 1.046   1.00 29.84 ? 96  ASP A OD2 1 
ATOM   764  N N   . ILE A 1 97  ? -7.737  -7.122  -1.078  1.00 19.46 ? 97  ILE A N   1 
ATOM   765  C CA  . ILE A 1 97  ? -6.422  -7.184  -1.714  1.00 18.74 ? 97  ILE A CA  1 
ATOM   766  C C   . ILE A 1 97  ? -5.365  -6.398  -0.922  1.00 19.03 ? 97  ILE A C   1 
ATOM   767  O O   . ILE A 1 97  ? -4.205  -6.807  -0.837  1.00 18.81 ? 97  ILE A O   1 
ATOM   768  C CB  . ILE A 1 97  ? -6.504  -6.676  -3.179  1.00 17.91 ? 97  ILE A CB  1 
ATOM   769  C CG1 . ILE A 1 97  ? -7.379  -7.637  -4.001  1.00 16.64 ? 97  ILE A CG1 1 
ATOM   770  C CG2 . ILE A 1 97  ? -5.121  -6.562  -3.780  1.00 15.32 ? 97  ILE A CG2 1 
ATOM   771  C CD1 . ILE A 1 97  ? -7.576  -7.239  -5.463  1.00 16.14 ? 97  ILE A CD1 1 
ATOM   772  N N   . LEU A 1 98  ? -5.755  -5.271  -0.339  1.00 19.08 ? 98  LEU A N   1 
ATOM   773  C CA  . LEU A 1 98  ? -4.813  -4.500  0.464   1.00 19.83 ? 98  LEU A CA  1 
ATOM   774  C C   . LEU A 1 98  ? -4.415  -5.332  1.693   1.00 20.77 ? 98  LEU A C   1 
ATOM   775  O O   . LEU A 1 98  ? -3.258  -5.313  2.117   1.00 18.56 ? 98  LEU A O   1 
ATOM   776  C CB  . LEU A 1 98  ? -5.435  -3.160  0.891   1.00 18.21 ? 98  LEU A CB  1 
ATOM   777  C CG  . LEU A 1 98  ? -5.504  -2.056  -0.178  1.00 18.60 ? 98  LEU A CG  1 
ATOM   778  C CD1 . LEU A 1 98  ? -6.468  -0.953  0.246   1.00 17.55 ? 98  LEU A CD1 1 
ATOM   779  C CD2 . LEU A 1 98  ? -4.109  -1.478  -0.396  1.00 18.81 ? 98  LEU A CD2 1 
ATOM   780  N N   . ASN A 1 99  ? -5.370  -6.066  2.260   1.00 22.99 ? 99  ASN A N   1 
ATOM   781  C CA  . ASN A 1 99  ? -5.082  -6.911  3.420   1.00 25.02 ? 99  ASN A CA  1 
ATOM   782  C C   . ASN A 1 99  ? -4.182  -8.086  3.031   1.00 23.67 ? 99  ASN A C   1 
ATOM   783  O O   . ASN A 1 99  ? -3.228  -8.404  3.739   1.00 22.79 ? 99  ASN A O   1 
ATOM   784  C CB  . ASN A 1 99  ? -6.373  -7.441  4.057   1.00 27.74 ? 99  ASN A CB  1 
ATOM   785  C CG  . ASN A 1 99  ? -6.114  -8.583  5.046   1.00 33.21 ? 99  ASN A CG  1 
ATOM   786  O OD1 . ASN A 1 99  ? -6.302  -9.766  4.723   1.00 34.67 ? 99  ASN A OD1 1 
ATOM   787  N ND2 . ASN A 1 99  ? -5.663  -8.234  6.247   1.00 33.06 ? 99  ASN A ND2 1 
ATOM   788  N N   . ARG A 1 100 ? -4.486  -8.723  1.902   1.00 24.18 ? 100 ARG A N   1 
ATOM   789  C CA  . ARG A 1 100 ? -3.691  -9.852  1.430   1.00 22.83 ? 100 ARG A CA  1 
ATOM   790  C C   . ARG A 1 100 ? -2.227  -9.441  1.249   1.00 22.87 ? 100 ARG A C   1 
ATOM   791  O O   . ARG A 1 100 ? -1.313  -10.184 1.614   1.00 19.06 ? 100 ARG A O   1 
ATOM   792  C CB  . ARG A 1 100 ? -4.231  -10.365 0.098   1.00 24.95 ? 100 ARG A CB  1 
ATOM   793  C CG  . ARG A 1 100 ? -5.523  -11.173 0.172   1.00 27.89 ? 100 ARG A CG  1 
ATOM   794  C CD  . ARG A 1 100 ? -6.210  -11.163 -1.188  1.00 28.90 ? 100 ARG A CD  1 
ATOM   795  N NE  . ARG A 1 100 ? -6.809  -12.440 -1.569  1.00 33.05 ? 100 ARG A NE  1 
ATOM   796  C CZ  . ARG A 1 100 ? -7.791  -13.044 -0.912  1.00 36.41 ? 100 ARG A CZ  1 
ATOM   797  N NH1 . ARG A 1 100 ? -8.300  -12.492 0.177   1.00 42.77 ? 100 ARG A NH1 1 
ATOM   798  N NH2 . ARG A 1 100 ? -8.265  -14.206 -1.345  1.00 37.23 ? 100 ARG A NH2 1 
ATOM   799  N N   . VAL A 1 101 ? -2.011  -8.261  0.671   1.00 20.40 ? 101 VAL A N   1 
ATOM   800  C CA  . VAL A 1 101 ? -0.664  -7.770  0.441   1.00 19.81 ? 101 VAL A CA  1 
ATOM   801  C C   . VAL A 1 101 ? 0.032   -7.477  1.772   1.00 20.78 ? 101 VAL A C   1 
ATOM   802  O O   . VAL A 1 101 ? 1.182   -7.862  1.993   1.00 20.43 ? 101 VAL A O   1 
ATOM   803  C CB  . VAL A 1 101 ? -0.686  -6.501  -0.422  1.00 20.37 ? 101 VAL A CB  1 
ATOM   804  C CG1 . VAL A 1 101 ? 0.724   -5.914  -0.530  1.00 21.73 ? 101 VAL A CG1 1 
ATOM   805  C CG2 . VAL A 1 101 ? -1.230  -6.834  -1.805  1.00 18.70 ? 101 VAL A CG2 1 
ATOM   806  N N   . TYR A 1 102 ? -0.677  -6.793  2.655   1.00 20.39 ? 102 TYR A N   1 
ATOM   807  C CA  . TYR A 1 102 ? -0.160  -6.454  3.972   1.00 21.12 ? 102 TYR A CA  1 
ATOM   808  C C   . TYR A 1 102 ? 0.248   -7.730  4.715   1.00 22.30 ? 102 TYR A C   1 
ATOM   809  O O   . TYR A 1 102 ? 1.344   -7.819  5.275   1.00 22.92 ? 102 TYR A O   1 
ATOM   810  C CB  . TYR A 1 102 ? -1.245  -5.718  4.752   1.00 19.60 ? 102 TYR A CB  1 
ATOM   811  C CG  . TYR A 1 102 ? -0.960  -5.519  6.220   1.00 20.75 ? 102 TYR A CG  1 
ATOM   812  C CD1 . TYR A 1 102 ? 0.093   -4.701  6.645   1.00 20.89 ? 102 TYR A CD1 1 
ATOM   813  C CD2 . TYR A 1 102 ? -1.779  -6.103  7.194   1.00 20.44 ? 102 TYR A CD2 1 
ATOM   814  C CE1 . TYR A 1 102 ? 0.318   -4.460  7.999   1.00 20.04 ? 102 TYR A CE1 1 
ATOM   815  C CE2 . TYR A 1 102 ? -1.561  -5.869  8.558   1.00 20.08 ? 102 TYR A CE2 1 
ATOM   816  C CZ  . TYR A 1 102 ? -0.513  -5.047  8.949   1.00 21.21 ? 102 TYR A CZ  1 
ATOM   817  O OH  . TYR A 1 102 ? -0.295  -4.802  10.282  1.00 24.15 ? 102 TYR A OH  1 
ATOM   818  N N   . GLN A 1 103 ? -0.640  -8.716  4.712   1.00 22.55 ? 103 GLN A N   1 
ATOM   819  C CA  . GLN A 1 103 ? -0.381  -9.973  5.394   1.00 23.72 ? 103 GLN A CA  1 
ATOM   820  C C   . GLN A 1 103 ? 0.748   -10.770 4.742   1.00 22.76 ? 103 GLN A C   1 
ATOM   821  O O   . GLN A 1 103 ? 1.588   -11.355 5.438   1.00 20.70 ? 103 GLN A O   1 
ATOM   822  C CB  . GLN A 1 103 ? -1.657  -10.812 5.441   1.00 26.77 ? 103 GLN A CB  1 
ATOM   823  C CG  . GLN A 1 103 ? -1.535  -12.028 6.334   1.00 33.46 ? 103 GLN A CG  1 
ATOM   824  C CD  . GLN A 1 103 ? -2.855  -12.741 6.539   1.00 37.72 ? 103 GLN A CD  1 
ATOM   825  O OE1 . GLN A 1 103 ? -2.905  -13.801 7.165   1.00 37.54 ? 103 GLN A OE1 1 
ATOM   826  N NE2 . GLN A 1 103 ? -3.936  -12.160 6.014   1.00 40.19 ? 103 GLN A NE2 1 
ATOM   827  N N   . GLY A 1 104 ? 0.775   -10.775 3.409   1.00 20.63 ? 104 GLY A N   1 
ATOM   828  C CA  . GLY A 1 104 ? 1.808   -11.488 2.685   1.00 18.80 ? 104 GLY A CA  1 
ATOM   829  C C   . GLY A 1 104 ? 3.192   -10.918 2.938   1.00 20.57 ? 104 GLY A C   1 
ATOM   830  O O   . GLY A 1 104 ? 4.174   -11.654 3.007   1.00 20.52 ? 104 GLY A O   1 
ATOM   831  N N   . LEU A 1 105 ? 3.269   -9.599  3.079   1.00 21.02 ? 105 LEU A N   1 
ATOM   832  C CA  . LEU A 1 105 ? 4.536   -8.929  3.321   1.00 21.12 ? 105 LEU A CA  1 
ATOM   833  C C   . LEU A 1 105 ? 5.098   -9.302  4.687   1.00 21.15 ? 105 LEU A C   1 
ATOM   834  O O   . LEU A 1 105 ? 6.307   -9.465  4.838   1.00 18.96 ? 105 LEU A O   1 
ATOM   835  C CB  . LEU A 1 105 ? 4.361   -7.411  3.218   1.00 19.30 ? 105 LEU A CB  1 
ATOM   836  C CG  . LEU A 1 105 ? 4.749   -6.644  1.934   1.00 24.09 ? 105 LEU A CG  1 
ATOM   837  C CD1 . LEU A 1 105 ? 5.085   -7.562  0.791   1.00 19.86 ? 105 LEU A CD1 1 
ATOM   838  C CD2 . LEU A 1 105 ? 3.611   -5.712  1.559   1.00 21.48 ? 105 LEU A CD2 1 
ATOM   839  N N   . LYS A 1 106 ? 4.224   -9.428  5.679   1.00 20.70 ? 106 LYS A N   1 
ATOM   840  C CA  . LYS A 1 106 ? 4.662   -9.804  7.021   1.00 23.86 ? 106 LYS A CA  1 
ATOM   841  C C   . LYS A 1 106 ? 5.087   -11.269 7.071   1.00 23.34 ? 106 LYS A C   1 
ATOM   842  O O   . LYS A 1 106 ? 5.954   -11.641 7.858   1.00 24.18 ? 106 LYS A O   1 
ATOM   843  C CB  . LYS A 1 106 ? 3.549   -9.573  8.048   1.00 21.98 ? 106 LYS A CB  1 
ATOM   844  C CG  . LYS A 1 106 ? 3.228   -8.111  8.295   1.00 24.27 ? 106 LYS A CG  1 
ATOM   845  C CD  . LYS A 1 106 ? 2.214   -7.941  9.416   1.00 25.00 ? 106 LYS A CD  1 
ATOM   846  C CE  . LYS A 1 106 ? 0.917   -8.676  9.115   1.00 25.93 ? 106 LYS A CE  1 
ATOM   847  N NZ  . LYS A 1 106 ? -0.060  -8.538  10.242  1.00 28.80 ? 106 LYS A NZ  1 
ATOM   848  N N   . GLU A 1 107 ? 4.470   -12.099 6.240   1.00 23.49 ? 107 GLU A N   1 
ATOM   849  C CA  . GLU A 1 107 ? 4.809   -13.513 6.217   1.00 25.62 ? 107 GLU A CA  1 
ATOM   850  C C   . GLU A 1 107 ? 6.163   -13.715 5.559   1.00 25.26 ? 107 GLU A C   1 
ATOM   851  O O   . GLU A 1 107 ? 6.779   -14.766 5.711   1.00 26.47 ? 107 GLU A O   1 
ATOM   852  C CB  . GLU A 1 107 ? 3.727   -14.310 5.490   1.00 27.82 ? 107 GLU A CB  1 
ATOM   853  C CG  . GLU A 1 107 ? 2.368   -14.203 6.163   1.00 31.59 ? 107 GLU A CG  1 
ATOM   854  C CD  . GLU A 1 107 ? 1.247   -14.810 5.338   1.00 33.09 ? 107 GLU A CD  1 
ATOM   855  O OE1 . GLU A 1 107 ? 1.213   -14.574 4.116   1.00 37.78 ? 107 GLU A OE1 1 
ATOM   856  O OE2 . GLU A 1 107 ? 0.392   -15.507 5.916   1.00 35.53 ? 107 GLU A OE2 1 
ATOM   857  N N   . ARG A 1 108 ? 6.629   -12.702 4.836   1.00 26.20 ? 108 ARG A N   1 
ATOM   858  C CA  . ARG A 1 108 ? 7.936   -12.765 4.182   1.00 25.89 ? 108 ARG A CA  1 
ATOM   859  C C   . ARG A 1 108 ? 9.044   -12.312 5.127   1.00 24.00 ? 108 ARG A C   1 
ATOM   860  O O   . ARG A 1 108 ? 10.226  -12.372 4.789   1.00 23.58 ? 108 ARG A O   1 
ATOM   861  C CB  . ARG A 1 108 ? 7.950   -11.913 2.915   1.00 28.03 ? 108 ARG A CB  1 
ATOM   862  C CG  . ARG A 1 108 ? 7.674   -12.710 1.655   1.00 30.95 ? 108 ARG A CG  1 
ATOM   863  C CD  . ARG A 1 108 ? 7.342   -11.794 0.516   1.00 33.52 ? 108 ARG A CD  1 
ATOM   864  N NE  . ARG A 1 108 ? 6.996   -12.522 -0.700  1.00 37.39 ? 108 ARG A NE  1 
ATOM   865  C CZ  . ARG A 1 108 ? 7.879   -13.050 -1.540  1.00 36.21 ? 108 ARG A CZ  1 
ATOM   866  N NH1 . ARG A 1 108 ? 9.179   -12.937 -1.301  1.00 38.48 ? 108 ARG A NH1 1 
ATOM   867  N NH2 . ARG A 1 108 ? 7.460   -13.678 -2.627  1.00 38.17 ? 108 ARG A NH2 1 
ATOM   868  N N   . GLY A 1 109 ? 8.658   -11.849 6.312   1.00 23.53 ? 109 GLY A N   1 
ATOM   869  C CA  . GLY A 1 109 ? 9.648   -11.435 7.290   1.00 22.23 ? 109 GLY A CA  1 
ATOM   870  C C   . GLY A 1 109 ? 9.907   -9.952  7.430   1.00 22.87 ? 109 GLY A C   1 
ATOM   871  O O   . GLY A 1 109 ? 10.766  -9.560  8.215   1.00 22.31 ? 109 GLY A O   1 
ATOM   872  N N   . PHE A 1 110 ? 9.185   -9.119  6.682   1.00 22.74 ? 110 PHE A N   1 
ATOM   873  C CA  . PHE A 1 110 ? 9.386   -7.671  6.789   1.00 20.53 ? 110 PHE A CA  1 
ATOM   874  C C   . PHE A 1 110 ? 8.613   -7.130  7.966   1.00 19.89 ? 110 PHE A C   1 
ATOM   875  O O   . PHE A 1 110 ? 7.713   -7.788  8.489   1.00 19.69 ? 110 PHE A O   1 
ATOM   876  C CB  . PHE A 1 110 ? 8.868   -6.924  5.547   1.00 20.19 ? 110 PHE A CB  1 
ATOM   877  C CG  . PHE A 1 110 ? 9.618   -7.226  4.284   1.00 20.03 ? 110 PHE A CG  1 
ATOM   878  C CD1 . PHE A 1 110 ? 9.111   -8.131  3.360   1.00 19.45 ? 110 PHE A CD1 1 
ATOM   879  C CD2 . PHE A 1 110 ? 10.836  -6.603  4.018   1.00 19.74 ? 110 PHE A CD2 1 
ATOM   880  C CE1 . PHE A 1 110 ? 9.803   -8.417  2.191   1.00 21.45 ? 110 PHE A CE1 1 
ATOM   881  C CE2 . PHE A 1 110 ? 11.540  -6.879  2.850   1.00 21.11 ? 110 PHE A CE2 1 
ATOM   882  C CZ  . PHE A 1 110 ? 11.022  -7.788  1.934   1.00 22.52 ? 110 PHE A CZ  1 
ATOM   883  N N   . ASN A 1 111 ? 8.991   -5.936  8.399   1.00 19.82 ? 111 ASN A N   1 
ATOM   884  C CA  . ASN A 1 111 ? 8.256   -5.238  9.446   1.00 22.32 ? 111 ASN A CA  1 
ATOM   885  C C   . ASN A 1 111 ? 7.338   -4.421  8.528   1.00 22.23 ? 111 ASN A C   1 
ATOM   886  O O   . ASN A 1 111 ? 7.828   -3.671  7.687   1.00 23.15 ? 111 ASN A O   1 
ATOM   887  C CB  . ASN A 1 111 ? 9.167   -4.293  10.238  1.00 23.21 ? 111 ASN A CB  1 
ATOM   888  C CG  . ASN A 1 111 ? 8.411   -3.506  11.297  1.00 26.45 ? 111 ASN A CG  1 
ATOM   889  O OD1 . ASN A 1 111 ? 8.733   -2.351  11.578  1.00 26.05 ? 111 ASN A OD1 1 
ATOM   890  N ND2 . ASN A 1 111 ? 7.406   -4.131  11.898  1.00 27.46 ? 111 ASN A ND2 1 
ATOM   891  N N   . VAL A 1 112 ? 6.026   -4.586  8.662   1.00 23.55 ? 112 VAL A N   1 
ATOM   892  C CA  . VAL A 1 112 ? 5.082   -3.883  7.796   1.00 22.59 ? 112 VAL A CA  1 
ATOM   893  C C   . VAL A 1 112 ? 4.041   -3.052  8.544   1.00 23.32 ? 112 VAL A C   1 
ATOM   894  O O   . VAL A 1 112 ? 3.436   -3.509  9.512   1.00 23.49 ? 112 VAL A O   1 
ATOM   895  C CB  . VAL A 1 112 ? 4.309   -4.880  6.881   1.00 23.11 ? 112 VAL A CB  1 
ATOM   896  C CG1 . VAL A 1 112 ? 3.609   -4.120  5.768   1.00 23.05 ? 112 VAL A CG1 1 
ATOM   897  C CG2 . VAL A 1 112 ? 5.255   -5.925  6.298   1.00 20.94 ? 112 VAL A CG2 1 
ATOM   898  N N   . GLY A 1 113 ? 3.842   -1.825  8.081   1.00 22.29 ? 113 GLY A N   1 
ATOM   899  C CA  . GLY A 1 113 ? 2.852   -0.960  8.682   1.00 22.14 ? 113 GLY A CA  1 
ATOM   900  C C   . GLY A 1 113 ? 1.812   -0.670  7.622   1.00 22.34 ? 113 GLY A C   1 
ATOM   901  O O   . GLY A 1 113 ? 1.968   -1.081  6.472   1.00 21.03 ? 113 GLY A O   1 
ATOM   902  N N   . LYS A 1 114 ? 0.745   0.021   7.996   1.00 23.36 ? 114 LYS A N   1 
ATOM   903  C CA  . LYS A 1 114 ? -0.291  0.358   7.037   1.00 25.06 ? 114 LYS A CA  1 
ATOM   904  C C   . LYS A 1 114 ? -1.196  1.458   7.565   1.00 24.38 ? 114 LYS A C   1 
ATOM   905  O O   . LYS A 1 114 ? -1.192  1.763   8.755   1.00 25.25 ? 114 LYS A O   1 
ATOM   906  C CB  . LYS A 1 114 ? -1.142  -0.871  6.721   1.00 27.16 ? 114 LYS A CB  1 
ATOM   907  C CG  . LYS A 1 114 ? -1.917  -1.387  7.919   1.00 30.85 ? 114 LYS A CG  1 
ATOM   908  C CD  . LYS A 1 114 ? -2.993  -2.347  7.474   1.00 33.06 ? 114 LYS A CD  1 
ATOM   909  C CE  . LYS A 1 114 ? -4.043  -2.534  8.547   1.00 34.74 ? 114 LYS A CE  1 
ATOM   910  N NZ  . LYS A 1 114 ? -5.300  -3.077  7.943   1.00 38.32 ? 114 LYS A NZ  1 
ATOM   911  N N   . ALA A 1 115 ? -1.963  2.057   6.660   1.00 23.06 ? 115 ALA A N   1 
ATOM   912  C CA  . ALA A 1 115 ? -2.907  3.098   7.019   1.00 23.34 ? 115 ALA A CA  1 
ATOM   913  C C   . ALA A 1 115 ? -4.264  2.542   6.636   1.00 24.34 ? 115 ALA A C   1 
ATOM   914  O O   . ALA A 1 115 ? -4.371  1.773   5.684   1.00 25.75 ? 115 ALA A O   1 
ATOM   915  C CB  . ALA A 1 115 ? -2.618  4.385   6.251   1.00 22.15 ? 115 ALA A CB  1 
ATOM   916  N N   . PRO A 1 116 ? -5.318  2.916   7.376   1.00 25.32 ? 116 PRO A N   1 
ATOM   917  C CA  . PRO A 1 116 ? -6.690  2.460   7.134   1.00 25.89 ? 116 PRO A CA  1 
ATOM   918  C C   . PRO A 1 116 ? -7.231  2.873   5.771   1.00 25.72 ? 116 PRO A C   1 
ATOM   919  O O   . PRO A 1 116 ? -6.890  3.934   5.255   1.00 25.93 ? 116 PRO A O   1 
ATOM   920  C CB  . PRO A 1 116 ? -7.482  3.111   8.272   1.00 26.35 ? 116 PRO A CB  1 
ATOM   921  C CG  . PRO A 1 116 ? -6.464  3.332   9.330   1.00 25.91 ? 116 PRO A CG  1 
ATOM   922  C CD  . PRO A 1 116 ? -5.262  3.787   8.561   1.00 24.23 ? 116 PRO A CD  1 
ATOM   923  N N   . PHE A 1 117 ? -8.091  2.030   5.207   1.00 24.73 ? 117 PHE A N   1 
ATOM   924  C CA  . PHE A 1 117 ? -8.705  2.292   3.917   1.00 25.03 ? 117 PHE A CA  1 
ATOM   925  C C   . PHE A 1 117 ? -10.028 3.021   4.149   1.00 25.77 ? 117 PHE A C   1 
ATOM   926  O O   . PHE A 1 117 ? -10.737 2.730   5.115   1.00 25.67 ? 117 PHE A O   1 
ATOM   927  C CB  . PHE A 1 117 ? -8.983  0.972   3.196   1.00 26.05 ? 117 PHE A CB  1 
ATOM   928  C CG  . PHE A 1 117 ? -9.741  1.132   1.902   1.00 27.50 ? 117 PHE A CG  1 
ATOM   929  C CD1 . PHE A 1 117 ? -9.116  1.637   0.766   1.00 26.18 ? 117 PHE A CD1 1 
ATOM   930  C CD2 . PHE A 1 117 ? -11.089 0.780   1.823   1.00 30.01 ? 117 PHE A CD2 1 
ATOM   931  C CE1 . PHE A 1 117 ? -9.820  1.791   -0.437  1.00 26.43 ? 117 PHE A CE1 1 
ATOM   932  C CE2 . PHE A 1 117 ? -11.803 0.930   0.628   1.00 29.76 ? 117 PHE A CE2 1 
ATOM   933  C CZ  . PHE A 1 117 ? -11.162 1.437   -0.507  1.00 25.68 ? 117 PHE A CZ  1 
ATOM   934  N N   . GLY A 1 118 ? -10.350 3.979   3.284   1.00 24.61 ? 118 GLY A N   1 
ATOM   935  C CA  . GLY A 1 118 ? -11.612 4.687   3.420   1.00 24.62 ? 118 GLY A CA  1 
ATOM   936  C C   . GLY A 1 118 ? -11.679 5.995   4.189   1.00 25.20 ? 118 GLY A C   1 
ATOM   937  O O   . GLY A 1 118 ? -12.770 6.536   4.373   1.00 26.08 ? 118 GLY A O   1 
ATOM   938  N N   . TYR A 1 119 ? -10.547 6.513   4.648   1.00 25.80 ? 119 TYR A N   1 
ATOM   939  C CA  . TYR A 1 119 ? -10.561 7.775   5.387   1.00 26.10 ? 119 TYR A CA  1 
ATOM   940  C C   . TYR A 1 119 ? -9.614  8.782   4.764   1.00 25.50 ? 119 TYR A C   1 
ATOM   941  O O   . TYR A 1 119 ? -8.651  8.412   4.088   1.00 24.85 ? 119 TYR A O   1 
ATOM   942  C CB  . TYR A 1 119 ? -10.116 7.589   6.846   1.00 27.22 ? 119 TYR A CB  1 
ATOM   943  C CG  . TYR A 1 119 ? -10.863 6.556   7.657   1.00 29.70 ? 119 TYR A CG  1 
ATOM   944  C CD1 . TYR A 1 119 ? -10.567 5.199   7.537   1.00 29.94 ? 119 TYR A CD1 1 
ATOM   945  C CD2 . TYR A 1 119 ? -11.841 6.939   8.579   1.00 29.41 ? 119 TYR A CD2 1 
ATOM   946  C CE1 . TYR A 1 119 ? -11.221 4.246   8.319   1.00 31.44 ? 119 TYR A CE1 1 
ATOM   947  C CE2 . TYR A 1 119 ? -12.501 5.998   9.361   1.00 30.76 ? 119 TYR A CE2 1 
ATOM   948  C CZ  . TYR A 1 119 ? -12.185 4.652   9.227   1.00 31.18 ? 119 TYR A CZ  1 
ATOM   949  O OH  . TYR A 1 119 ? -12.826 3.717   10.001  1.00 31.93 ? 119 TYR A OH  1 
ATOM   950  N N   . TYR A 1 120 ? -9.878  10.063  5.000   1.00 25.61 ? 120 TYR A N   1 
ATOM   951  C CA  . TYR A 1 120 ? -8.980  11.097  4.505   1.00 25.34 ? 120 TYR A CA  1 
ATOM   952  C C   . TYR A 1 120 ? -7.869  11.080  5.533   1.00 26.76 ? 120 TYR A C   1 
ATOM   953  O O   . TYR A 1 120 ? -8.138  10.862  6.715   1.00 28.89 ? 120 TYR A O   1 
ATOM   954  C CB  . TYR A 1 120 ? -9.650  12.470  4.512   1.00 22.93 ? 120 TYR A CB  1 
ATOM   955  C CG  . TYR A 1 120 ? -10.722 12.609  3.478   1.00 24.21 ? 120 TYR A CG  1 
ATOM   956  C CD1 . TYR A 1 120 ? -12.067 12.676  3.842   1.00 24.61 ? 120 TYR A CD1 1 
ATOM   957  C CD2 . TYR A 1 120 ? -10.400 12.627  2.125   1.00 22.80 ? 120 TYR A CD2 1 
ATOM   958  C CE1 . TYR A 1 120 ? -13.061 12.753  2.878   1.00 26.55 ? 120 TYR A CE1 1 
ATOM   959  C CE2 . TYR A 1 120 ? -11.387 12.705  1.153   1.00 24.73 ? 120 TYR A CE2 1 
ATOM   960  C CZ  . TYR A 1 120 ? -12.709 12.765  1.531   1.00 25.31 ? 120 TYR A CZ  1 
ATOM   961  O OH  . TYR A 1 120 ? -13.681 12.823  0.562   1.00 27.35 ? 120 TYR A OH  1 
ATOM   962  N N   . LYS A 1 121 ? -6.633  11.294  5.101   1.00 27.40 ? 121 LYS A N   1 
ATOM   963  C CA  . LYS A 1 121 ? -5.514  11.291  6.028   1.00 27.09 ? 121 LYS A CA  1 
ATOM   964  C C   . LYS A 1 121 ? -4.439  12.333  5.790   1.00 28.93 ? 121 LYS A C   1 
ATOM   965  O O   . LYS A 1 121 ? -3.969  12.530  4.666   1.00 27.69 ? 121 LYS A O   1 
ATOM   966  C CB  . LYS A 1 121 ? -4.819  9.928   6.039   1.00 27.99 ? 121 LYS A CB  1 
ATOM   967  C CG  . LYS A 1 121 ? -5.523  8.842   6.827   1.00 29.06 ? 121 LYS A CG  1 
ATOM   968  C CD  . LYS A 1 121 ? -6.281  7.919   5.914   1.00 28.36 ? 121 LYS A CD  1 
ATOM   969  C CE  . LYS A 1 121 ? -5.351  7.171   4.981   1.00 25.11 ? 121 LYS A CE  1 
ATOM   970  N NZ  . LYS A 1 121 ? -6.148  6.461   3.947   1.00 21.40 ? 121 LYS A NZ  1 
ATOM   971  N N   . ALA A 1 122 ? -4.047  13.005  6.864   1.00 28.05 ? 122 ALA A N   1 
ATOM   972  C CA  . ALA A 1 122 ? -2.959  13.952  6.771   1.00 25.88 ? 122 ALA A CA  1 
ATOM   973  C C   . ALA A 1 122 ? -1.790  12.975  6.802   1.00 25.40 ? 122 ALA A C   1 
ATOM   974  O O   . ALA A 1 122 ? -1.882  11.934  7.451   1.00 24.38 ? 122 ALA A O   1 
ATOM   975  C CB  . ALA A 1 122 ? -2.925  14.861  7.999   1.00 25.36 ? 122 ALA A CB  1 
ATOM   976  N N   . PHE A 1 123 ? -0.714  13.275  6.084   1.00 24.08 ? 123 PHE A N   1 
ATOM   977  C CA  . PHE A 1 123 ? 0.437   12.393  6.089   1.00 23.96 ? 123 PHE A CA  1 
ATOM   978  C C   . PHE A 1 123 ? 1.667   13.157  5.650   1.00 25.62 ? 123 PHE A C   1 
ATOM   979  O O   . PHE A 1 123 ? 1.578   14.148  4.922   1.00 27.83 ? 123 PHE A O   1 
ATOM   980  C CB  . PHE A 1 123 ? 0.193   11.154  5.195   1.00 23.06 ? 123 PHE A CB  1 
ATOM   981  C CG  . PHE A 1 123 ? 0.308   11.413  3.714   1.00 22.42 ? 123 PHE A CG  1 
ATOM   982  C CD1 . PHE A 1 123 ? 1.534   11.295  3.068   1.00 23.53 ? 123 PHE A CD1 1 
ATOM   983  C CD2 . PHE A 1 123 ? -0.817  11.739  2.960   1.00 22.43 ? 123 PHE A CD2 1 
ATOM   984  C CE1 . PHE A 1 123 ? 1.643   11.493  1.687   1.00 24.09 ? 123 PHE A CE1 1 
ATOM   985  C CE2 . PHE A 1 123 ? -0.725  11.942  1.578   1.00 23.92 ? 123 PHE A CE2 1 
ATOM   986  C CZ  . PHE A 1 123 ? 0.509   11.820  0.940   1.00 24.24 ? 123 PHE A CZ  1 
ATOM   987  N N   . LYS A 1 124 ? 2.817   12.710  6.124   1.00 27.12 ? 124 LYS A N   1 
ATOM   988  C CA  . LYS A 1 124 ? 4.074   13.351  5.793   1.00 28.90 ? 124 LYS A CA  1 
ATOM   989  C C   . LYS A 1 124 ? 5.022   12.283  5.298   1.00 26.73 ? 124 LYS A C   1 
ATOM   990  O O   . LYS A 1 124 ? 4.991   11.145  5.758   1.00 26.54 ? 124 LYS A O   1 
ATOM   991  C CB  . LYS A 1 124 ? 4.656   14.042  7.031   1.00 29.12 ? 124 LYS A CB  1 
ATOM   992  C CG  . LYS A 1 124 ? 3.758   15.125  7.596   1.00 31.93 ? 124 LYS A CG  1 
ATOM   993  C CD  . LYS A 1 124 ? 4.260   15.656  8.936   1.00 33.69 ? 124 LYS A CD  1 
ATOM   994  C CE  . LYS A 1 124 ? 3.307   16.710  9.483   1.00 35.37 ? 124 LYS A CE  1 
ATOM   995  N NZ  . LYS A 1 124 ? 3.637   17.138  10.876  1.00 39.90 ? 124 LYS A NZ  1 
ATOM   996  N N   . ILE A 1 125 ? 5.869   12.645  4.352   1.00 27.47 ? 125 ILE A N   1 
ATOM   997  C CA  . ILE A 1 125 ? 6.805   11.684  3.818   1.00 27.25 ? 125 ILE A CA  1 
ATOM   998  C C   . ILE A 1 125 ? 8.035   12.406  3.312   1.00 27.18 ? 125 ILE A C   1 
ATOM   999  O O   . ILE A 1 125 ? 7.968   13.582  2.968   1.00 25.87 ? 125 ILE A O   1 
ATOM   1000 C CB  . ILE A 1 125 ? 6.157   10.877  2.664   1.00 26.84 ? 125 ILE A CB  1 
ATOM   1001 C CG1 . ILE A 1 125 ? 7.089   9.752   2.216   1.00 26.87 ? 125 ILE A CG1 1 
ATOM   1002 C CG2 . ILE A 1 125 ? 5.853   11.798  1.494   1.00 25.85 ? 125 ILE A CG2 1 
ATOM   1003 C CD1 . ILE A 1 125 ? 6.448   8.799   1.220   1.00 29.07 ? 125 ILE A CD1 1 
ATOM   1004 N N   . SER A 1 126 ? 9.154   11.691  3.284   1.00 28.33 ? 126 SER A N   1 
ATOM   1005 C CA  . SER A 1 126 ? 10.418  12.226  2.802   1.00 29.37 ? 126 SER A CA  1 
ATOM   1006 C C   . SER A 1 126 ? 11.062  11.197  1.898   1.00 28.80 ? 126 SER A C   1 
ATOM   1007 O O   . SER A 1 126 ? 11.601  10.204  2.375   1.00 29.76 ? 126 SER A O   1 
ATOM   1008 C CB  . SER A 1 126 ? 11.360  12.527  3.966   1.00 29.91 ? 126 SER A CB  1 
ATOM   1009 O OG  . SER A 1 126 ? 12.673  12.768  3.481   1.00 30.18 ? 126 SER A OG  1 
ATOM   1010 N N   . CYS A 1 127 ? 11.002  11.435  0.592   1.00 30.20 ? 127 CYS A N   1 
ATOM   1011 C CA  . CYS A 1 127 ? 11.580  10.521  -0.385  1.00 31.57 ? 127 CYS A CA  1 
ATOM   1012 C C   . CYS A 1 127 ? 13.059  10.762  -0.552  1.00 31.68 ? 127 CYS A C   1 
ATOM   1013 O O   . CYS A 1 127 ? 13.479  11.887  -0.817  1.00 31.40 ? 127 CYS A O   1 
ATOM   1014 C CB  . CYS A 1 127 ? 10.910  10.693  -1.755  1.00 31.65 ? 127 CYS A CB  1 
ATOM   1015 S SG  . CYS A 1 127 ? 11.840  9.999   -3.142  1.00 37.98 ? 127 CYS A SG  1 
ATOM   1016 N N   . LYS A 1 128 ? 13.848  9.703   -0.404  1.00 32.20 ? 128 LYS A N   1 
ATOM   1017 C CA  . LYS A 1 128 ? 15.288  9.812   -0.575  1.00 33.03 ? 128 LYS A CA  1 
ATOM   1018 C C   . LYS A 1 128 ? 15.465  10.238  -2.026  1.00 34.69 ? 128 LYS A C   1 
ATOM   1019 O O   . LYS A 1 128 ? 14.502  10.248  -2.779  1.00 34.59 ? 128 LYS A O   1 
ATOM   1020 C CB  . LYS A 1 128 ? 15.944  8.460   -0.304  1.00 32.10 ? 128 LYS A CB  1 
ATOM   1021 C CG  . LYS A 1 128 ? 15.669  7.945   1.099   1.00 29.08 ? 128 LYS A CG  1 
ATOM   1022 C CD  . LYS A 1 128 ? 16.240  6.550   1.309   1.00 29.09 ? 128 LYS A CD  1 
ATOM   1023 C CE  . LYS A 1 128 ? 15.965  6.069   2.725   1.00 27.32 ? 128 LYS A CE  1 
ATOM   1024 N NZ  . LYS A 1 128 ? 16.618  6.942   3.733   1.00 26.76 ? 128 LYS A NZ  1 
ATOM   1025 N N   . GLY A 1 129 ? 16.670  10.598  -2.439  1.00 35.58 ? 129 GLY A N   1 
ATOM   1026 C CA  . GLY A 1 129 ? 16.812  11.034  -3.819  1.00 38.57 ? 129 GLY A CA  1 
ATOM   1027 C C   . GLY A 1 129 ? 17.223  9.983   -4.828  1.00 39.08 ? 129 GLY A C   1 
ATOM   1028 O O   . GLY A 1 129 ? 17.062  10.170  -6.032  1.00 39.14 ? 129 GLY A O   1 
ATOM   1029 N N   . HIS A 1 130 ? 17.748  8.874   -4.328  1.00 39.08 ? 130 HIS A N   1 
ATOM   1030 C CA  . HIS A 1 130 ? 18.247  7.782   -5.153  1.00 39.13 ? 130 HIS A CA  1 
ATOM   1031 C C   . HIS A 1 130 ? 17.362  7.341   -6.312  1.00 37.88 ? 130 HIS A C   1 
ATOM   1032 O O   . HIS A 1 130 ? 16.140  7.368   -6.217  1.00 39.78 ? 130 HIS A O   1 
ATOM   1033 C CB  . HIS A 1 130 ? 18.567  6.600   -4.243  1.00 39.82 ? 130 HIS A CB  1 
ATOM   1034 C CG  . HIS A 1 130 ? 19.028  7.020   -2.885  1.00 42.03 ? 130 HIS A CG  1 
ATOM   1035 N ND1 . HIS A 1 130 ? 19.909  8.063   -2.695  1.00 43.73 ? 130 HIS A ND1 1 
ATOM   1036 C CD2 . HIS A 1 130 ? 18.713  6.562   -1.650  1.00 43.14 ? 130 HIS A CD2 1 
ATOM   1037 C CE1 . HIS A 1 130 ? 20.117  8.230   -1.401  1.00 46.01 ? 130 HIS A CE1 1 
ATOM   1038 N NE2 . HIS A 1 130 ? 19.404  7.332   -0.745  1.00 45.91 ? 130 HIS A NE2 1 
ATOM   1039 N N   . PRO A 1 131 ? 17.986  6.929   -7.430  1.00 36.60 ? 131 PRO A N   1 
ATOM   1040 C CA  . PRO A 1 131 ? 17.322  6.465   -8.650  1.00 35.94 ? 131 PRO A CA  1 
ATOM   1041 C C   . PRO A 1 131 ? 16.239  5.409   -8.425  1.00 35.50 ? 131 PRO A C   1 
ATOM   1042 O O   . PRO A 1 131 ? 15.233  5.391   -9.136  1.00 35.98 ? 131 PRO A O   1 
ATOM   1043 C CB  . PRO A 1 131 ? 18.483  5.921   -9.484  1.00 34.38 ? 131 PRO A CB  1 
ATOM   1044 C CG  . PRO A 1 131 ? 19.595  6.827   -9.111  1.00 35.27 ? 131 PRO A CG  1 
ATOM   1045 C CD  . PRO A 1 131 ? 19.451  6.916   -7.605  1.00 35.71 ? 131 PRO A CD  1 
ATOM   1046 N N   . LEU A 1 132 ? 16.439  4.539   -7.439  1.00 33.14 ? 132 LEU A N   1 
ATOM   1047 C CA  . LEU A 1 132 ? 15.468  3.484   -7.153  1.00 32.94 ? 132 LEU A CA  1 
ATOM   1048 C C   . LEU A 1 132 ? 14.532  3.839   -5.996  1.00 32.06 ? 132 LEU A C   1 
ATOM   1049 O O   . LEU A 1 132 ? 13.778  2.989   -5.525  1.00 31.84 ? 132 LEU A O   1 
ATOM   1050 C CB  . LEU A 1 132 ? 16.197  2.173   -6.820  1.00 33.30 ? 132 LEU A CB  1 
ATOM   1051 C CG  . LEU A 1 132 ? 17.378  1.742   -7.699  1.00 33.15 ? 132 LEU A CG  1 
ATOM   1052 C CD1 . LEU A 1 132 ? 17.973  0.454   -7.154  1.00 33.85 ? 132 LEU A CD1 1 
ATOM   1053 C CD2 . LEU A 1 132 ? 16.925  1.552   -9.133  1.00 34.44 ? 132 LEU A CD2 1 
ATOM   1054 N N   . ALA A 1 133 ? 14.575  5.088   -5.545  1.00 30.62 ? 133 ALA A N   1 
ATOM   1055 C CA  . ALA A 1 133 ? 13.744  5.519   -4.425  1.00 29.74 ? 133 ALA A CA  1 
ATOM   1056 C C   . ALA A 1 133 ? 12.345  5.999   -4.794  1.00 30.05 ? 133 ALA A C   1 
ATOM   1057 O O   . ALA A 1 133 ? 11.600  6.439   -3.921  1.00 28.84 ? 133 ALA A O   1 
ATOM   1058 C CB  . ALA A 1 133 ? 14.458  6.605   -3.645  1.00 30.02 ? 133 ALA A CB  1 
ATOM   1059 N N   . GLU A 1 134 ? 11.982  5.911   -6.072  1.00 30.03 ? 134 GLU A N   1 
ATOM   1060 C CA  . GLU A 1 134 ? 10.662  6.362   -6.506  1.00 32.07 ? 134 GLU A CA  1 
ATOM   1061 C C   . GLU A 1 134 ? 10.267  5.633   -7.791  1.00 31.13 ? 134 GLU A C   1 
ATOM   1062 O O   . GLU A 1 134 ? 10.489  6.138   -8.890  1.00 31.09 ? 134 GLU A O   1 
ATOM   1063 C CB  . GLU A 1 134 ? 10.691  7.874   -6.748  1.00 32.17 ? 134 GLU A CB  1 
ATOM   1064 C CG  . GLU A 1 134 ? 9.331   8.545   -6.781  1.00 34.19 ? 134 GLU A CG  1 
ATOM   1065 C CD  . GLU A 1 134 ? 9.389   9.943   -7.374  1.00 35.85 ? 134 GLU A CD  1 
ATOM   1066 O OE1 . GLU A 1 134 ? 9.303   10.069  -8.613  1.00 35.19 ? 134 GLU A OE1 1 
ATOM   1067 O OE2 . GLU A 1 134 ? 9.539   10.915  -6.603  1.00 38.53 ? 134 GLU A OE2 1 
ATOM   1068 N N   . LEU A 1 135 ? 9.660   4.460   -7.638  1.00 30.15 ? 135 LEU A N   1 
ATOM   1069 C CA  . LEU A 1 135 ? 9.271   3.631   -8.778  1.00 31.63 ? 135 LEU A CA  1 
ATOM   1070 C C   . LEU A 1 135 ? 7.785   3.277   -8.817  1.00 31.04 ? 135 LEU A C   1 
ATOM   1071 O O   . LEU A 1 135 ? 7.135   3.197   -7.773  1.00 32.26 ? 135 LEU A O   1 
ATOM   1072 C CB  . LEU A 1 135 ? 10.072  2.324   -8.741  1.00 32.67 ? 135 LEU A CB  1 
ATOM   1073 C CG  . LEU A 1 135 ? 11.566  2.448   -8.423  1.00 33.03 ? 135 LEU A CG  1 
ATOM   1074 C CD1 . LEU A 1 135 ? 12.166  1.066   -8.221  1.00 32.24 ? 135 LEU A CD1 1 
ATOM   1075 C CD2 . LEU A 1 135 ? 12.266  3.183   -9.550  1.00 32.64 ? 135 LEU A CD2 1 
ATOM   1076 N N   . SER A 1 136 ? 7.249   3.053   -10.015 1.00 27.21 ? 136 SER A N   1 
ATOM   1077 C CA  . SER A 1 136 ? 5.853   2.659   -10.135 1.00 26.81 ? 136 SER A CA  1 
ATOM   1078 C C   . SER A 1 136 ? 5.762   1.334   -10.899 1.00 27.64 ? 136 SER A C   1 
ATOM   1079 O O   . SER A 1 136 ? 6.586   1.040   -11.767 1.00 27.22 ? 136 SER A O   1 
ATOM   1080 C CB  . SER A 1 136 ? 5.009   3.756   -10.808 1.00 25.43 ? 136 SER A CB  1 
ATOM   1081 O OG  . SER A 1 136 ? 5.304   3.909   -12.180 1.00 30.34 ? 136 SER A OG  1 
ATOM   1082 N N   . ARG A 1 137 ? 4.768   0.524   -10.546 1.00 28.72 ? 137 ARG A N   1 
ATOM   1083 C CA  . ARG A 1 137 ? 4.572   -0.784  -11.162 1.00 28.57 ? 137 ARG A CA  1 
ATOM   1084 C C   . ARG A 1 137 ? 3.090   -1.044  -11.422 1.00 28.27 ? 137 ARG A C   1 
ATOM   1085 O O   . ARG A 1 137 ? 2.236   -0.607  -10.658 1.00 26.37 ? 137 ARG A O   1 
ATOM   1086 C CB  . ARG A 1 137 ? 5.107   -1.878  -10.230 1.00 28.82 ? 137 ARG A CB  1 
ATOM   1087 C CG  . ARG A 1 137 ? 6.566   -1.716  -9.818  1.00 31.17 ? 137 ARG A CG  1 
ATOM   1088 C CD  . ARG A 1 137 ? 7.455   -2.642  -10.624 1.00 33.00 ? 137 ARG A CD  1 
ATOM   1089 N NE  . ARG A 1 137 ? 8.857   -2.583  -10.222 1.00 34.37 ? 137 ARG A NE  1 
ATOM   1090 C CZ  . ARG A 1 137 ? 9.697   -1.605  -10.549 1.00 34.85 ? 137 ARG A CZ  1 
ATOM   1091 N NH1 . ARG A 1 137 ? 9.284   -0.582  -11.287 1.00 35.63 ? 137 ARG A NH1 1 
ATOM   1092 N NH2 . ARG A 1 137 ? 10.963  -1.661  -10.154 1.00 34.93 ? 137 ARG A NH2 1 
ATOM   1093 N N   . THR A 1 138 ? 2.809   -1.762  -12.506 1.00 29.51 ? 138 THR A N   1 
ATOM   1094 C CA  . THR A 1 138 ? 1.451   -2.128  -12.906 1.00 28.31 ? 138 THR A CA  1 
ATOM   1095 C C   . THR A 1 138 ? 1.348   -3.646  -12.817 1.00 28.41 ? 138 THR A C   1 
ATOM   1096 O O   . THR A 1 138 ? 2.038   -4.358  -13.548 1.00 27.26 ? 138 THR A O   1 
ATOM   1097 C CB  . THR A 1 138 ? 1.161   -1.718  -14.364 1.00 28.03 ? 138 THR A CB  1 
ATOM   1098 O OG1 . THR A 1 138 ? 1.107   -0.292  -14.463 1.00 31.05 ? 138 THR A OG1 1 
ATOM   1099 C CG2 . THR A 1 138 ? -0.154  -2.302  -14.829 1.00 26.91 ? 138 THR A CG2 1 
ATOM   1100 N N   . ILE A 1 139 ? 0.501   -4.132  -11.913 1.00 28.11 ? 139 ILE A N   1 
ATOM   1101 C CA  . ILE A 1 139 ? 0.305   -5.564  -11.711 1.00 28.57 ? 139 ILE A CA  1 
ATOM   1102 C C   . ILE A 1 139 ? -1.139  -5.940  -12.019 1.00 28.31 ? 139 ILE A C   1 
ATOM   1103 O O   . ILE A 1 139 ? -2.069  -5.431  -11.397 1.00 27.46 ? 139 ILE A O   1 
ATOM   1104 C CB  . ILE A 1 139 ? 0.602   -5.987  -10.248 1.00 30.30 ? 139 ILE A CB  1 
ATOM   1105 C CG1 . ILE A 1 139 ? 2.045   -5.652  -9.862  1.00 33.53 ? 139 ILE A CG1 1 
ATOM   1106 C CG2 . ILE A 1 139 ? 0.389   -7.484  -10.096 1.00 30.23 ? 139 ILE A CG2 1 
ATOM   1107 C CD1 . ILE A 1 139 ? 2.331   -4.176  -9.735  1.00 34.43 ? 139 ILE A CD1 1 
ATOM   1108 N N   . VAL A 1 140 ? -1.322  -6.838  -12.978 1.00 29.96 ? 140 VAL A N   1 
ATOM   1109 C CA  . VAL A 1 140 ? -2.658  -7.277  -13.367 1.00 31.40 ? 140 VAL A CA  1 
ATOM   1110 C C   . VAL A 1 140 ? -2.730  -8.784  -13.512 1.00 31.27 ? 140 VAL A C   1 
ATOM   1111 O O   . VAL A 1 140 ? -1.727  -9.441  -13.776 1.00 31.95 ? 140 VAL A O   1 
ATOM   1112 C CB  . VAL A 1 140 ? -3.083  -6.656  -14.718 1.00 31.98 ? 140 VAL A CB  1 
ATOM   1113 C CG1 . VAL A 1 140 ? -3.338  -5.169  -14.556 1.00 31.51 ? 140 VAL A CG1 1 
ATOM   1114 C CG2 . VAL A 1 140 ? -2.002  -6.894  -15.748 1.00 32.23 ? 140 VAL A CG2 1 
ATOM   1115 N N   . PRO A 1 141 ? -3.923  -9.358  -13.321 1.00 33.19 ? 141 PRO A N   1 
ATOM   1116 C CA  . PRO A 1 141 ? -4.052  -10.808 -13.460 1.00 35.04 ? 141 PRO A CA  1 
ATOM   1117 C C   . PRO A 1 141 ? -3.985  -11.125 -14.942 1.00 38.22 ? 141 PRO A C   1 
ATOM   1118 O O   . PRO A 1 141 ? -4.384  -10.303 -15.760 1.00 38.33 ? 141 PRO A O   1 
ATOM   1119 C CB  . PRO A 1 141 ? -5.427  -11.088 -12.869 1.00 35.06 ? 141 PRO A CB  1 
ATOM   1120 C CG  . PRO A 1 141 ? -6.192  -9.836  -13.205 1.00 35.32 ? 141 PRO A CG  1 
ATOM   1121 C CD  . PRO A 1 141 ? -5.194  -8.749  -12.889 1.00 32.41 ? 141 PRO A CD  1 
ATOM   1122 N N   . GLU A 1 142 ? -3.468  -12.298 -15.290 1.00 42.26 ? 142 GLU A N   1 
ATOM   1123 C CA  . GLU A 1 142 ? -3.367  -12.697 -16.692 1.00 46.72 ? 142 GLU A CA  1 
ATOM   1124 C C   . GLU A 1 142 ? -4.751  -12.800 -17.334 1.00 48.93 ? 142 GLU A C   1 
ATOM   1125 O O   . GLU A 1 142 ? -4.987  -13.647 -18.191 1.00 50.72 ? 142 GLU A O   1 
ATOM   1126 C CB  . GLU A 1 142 ? -2.639  -14.039 -16.797 1.00 47.29 ? 142 GLU A CB  1 
ATOM   1127 C CG  . GLU A 1 142 ? -1.192  -13.971 -16.346 1.00 49.68 ? 142 GLU A CG  1 
ATOM   1128 C CD  . GLU A 1 142 ? -0.532  -15.332 -16.233 1.00 50.94 ? 142 GLU A CD  1 
ATOM   1129 O OE1 . GLU A 1 142 ? 0.622   -15.385 -15.759 1.00 51.79 ? 142 GLU A OE1 1 
ATOM   1130 O OE2 . GLU A 1 142 ? -1.162  -16.345 -16.616 1.00 51.38 ? 142 GLU A OE2 1 
ATOM   1131 N N   . GLU A 1 143 ? -5.653  -11.914 -16.917 1.00 51.71 ? 143 GLU A N   1 
ATOM   1132 C CA  . GLU A 1 143 ? -7.026  -11.873 -17.407 1.00 53.52 ? 143 GLU A CA  1 
ATOM   1133 C C   . GLU A 1 143 ? -7.746  -13.196 -17.188 1.00 54.44 ? 143 GLU A C   1 
ATOM   1134 O O   . GLU A 1 143 ? -8.684  -13.209 -16.359 1.00 54.14 ? 143 GLU A O   1 
ATOM   1135 C CB  . GLU A 1 143 ? -7.067  -11.494 -18.891 1.00 53.27 ? 143 GLU A CB  1 
ATOM   1136 C CG  . GLU A 1 143 ? -7.154  -9.993  -19.133 1.00 55.59 ? 143 GLU A CG  1 
ATOM   1137 C CD  . GLU A 1 143 ? -5.886  -9.251  -18.750 1.00 56.48 ? 143 GLU A CD  1 
ATOM   1138 O OE1 . GLU A 1 143 ? -4.925  -9.263  -19.553 1.00 55.35 ? 143 GLU A OE1 1 
ATOM   1139 O OE2 . GLU A 1 143 ? -5.850  -8.665  -17.644 1.00 56.43 ? 143 GLU A OE2 1 
ATOM   1140 O OXT . GLU A 1 143 ? -7.362  -14.196 -17.834 1.00 55.53 ? 143 GLU A OXT 1 
HETATM 1141 N N   . SER B 2 .   ? -7.671  4.817   -0.831  1.00 54.29 ? 201 SER A N   1 
HETATM 1142 C CA  . SER B 2 .   ? -8.663  5.071   0.231   1.00 54.74 ? 201 SER A CA  1 
HETATM 1143 C C   . SER B 2 .   ? -9.902  5.786   -0.359  1.00 54.92 ? 201 SER A C   1 
HETATM 1144 O O   . SER B 2 .   ? -10.229 5.589   -1.532  1.00 53.73 ? 201 SER A O   1 
HETATM 1145 C CB  . SER B 2 .   ? -8.015  5.910   1.353   1.00 54.78 ? 201 SER A CB  1 
HETATM 1146 O OG  . SER B 2 .   ? -6.636  6.324   1.268   1.00 55.30 ? 201 SER A OG  1 
HETATM 1147 O OXT . SER B 2 .   ? -10.589 6.554   0.328   1.00 54.30 ? 201 SER A OXT 1 
HETATM 1148 O O   . HOH C 3 .   ? 6.517   -9.693  10.030  1.00 19.05 ? 202 HOH A O   1 
HETATM 1149 O O   . HOH C 3 .   ? -9.072  -2.149  -14.143 1.00 22.21 ? 203 HOH A O   1 
HETATM 1150 O O   . HOH C 3 .   ? -12.998 -7.069  -13.429 1.00 27.47 ? 204 HOH A O   1 
HETATM 1151 O O   . HOH C 3 .   ? 10.611  13.166  -7.466  1.00 28.56 ? 205 HOH A O   1 
HETATM 1152 O O   . HOH C 3 .   ? -5.775  -20.520 -3.051  1.00 20.66 ? 206 HOH A O   1 
HETATM 1153 O O   . HOH C 3 .   ? -6.797  1.813   -2.888  1.00 33.26 ? 207 HOH A O   1 
HETATM 1154 O O   . HOH C 3 .   ? 16.910  4.343   -2.323  1.00 31.82 ? 208 HOH A O   1 
HETATM 1155 O O   . HOH C 3 .   ? -1.718  -13.034 1.566   1.00 28.77 ? 209 HOH A O   1 
HETATM 1156 O O   . HOH C 3 .   ? 15.014  -0.431  6.412   1.00 25.46 ? 210 HOH A O   1 
HETATM 1157 O O   . HOH C 3 .   ? 5.415   15.149  12.686  1.00 38.57 ? 211 HOH A O   1 
HETATM 1158 O O   . HOH C 3 .   ? 9.661   2.119   12.332  1.00 33.65 ? 212 HOH A O   1 
HETATM 1159 O O   . HOH C 3 .   ? -9.805  -14.512 -14.783 1.00 50.99 ? 213 HOH A O   1 
HETATM 1160 O O   . HOH C 3 .   ? -1.839  -5.956  -20.691 1.00 39.77 ? 214 HOH A O   1 
HETATM 1161 O O   . HOH C 3 .   ? 9.005   3.438   -12.117 1.00 36.27 ? 215 HOH A O   1 
HETATM 1162 O O   . HOH C 3 .   ? -10.543 -5.029  12.929  1.00 42.82 ? 216 HOH A O   1 
HETATM 1163 O O   . HOH C 3 .   ? -4.196  -1.545  -15.238 1.00 33.12 ? 217 HOH A O   1 
HETATM 1164 O O   . HOH C 3 .   ? -17.692 -2.541  -2.056  1.00 38.15 ? 218 HOH A O   1 
HETATM 1165 O O   . HOH C 3 .   ? -8.614  8.035   -9.092  1.00 31.80 ? 219 HOH A O   1 
HETATM 1166 O O   . HOH C 3 .   ? 9.585   -15.978 6.136   1.00 43.03 ? 220 HOH A O   1 
HETATM 1167 O O   . HOH C 3 .   ? 11.448  2.573   -4.504  1.00 30.55 ? 221 HOH A O   1 
HETATM 1168 O O   . HOH C 3 .   ? -10.900 17.214  8.211   1.00 54.41 ? 222 HOH A O   1 
HETATM 1169 O O   . HOH C 3 .   ? -8.605  1.585   -4.557  1.00 33.82 ? 223 HOH A O   1 
HETATM 1170 O O   . HOH C 3 .   ? -13.554 -6.902  2.145   1.00 34.39 ? 224 HOH A O   1 
HETATM 1171 O O   . HOH C 3 .   ? 19.437  10.247  -7.382  1.00 34.48 ? 225 HOH A O   1 
HETATM 1172 O O   . HOH C 3 .   ? 3.964   -14.309 0.665   1.00 51.39 ? 226 HOH A O   1 
HETATM 1173 O O   . HOH C 3 .   ? -9.284  -2.686  15.370  1.00 43.64 ? 227 HOH A O   1 
HETATM 1174 O O   . HOH C 3 .   ? 13.388  7.122   -8.446  1.00 36.23 ? 228 HOH A O   1 
HETATM 1175 O O   . HOH C 3 .   ? -10.579 -13.130 -1.854  1.00 30.15 ? 229 HOH A O   1 
HETATM 1176 O O   . HOH C 3 .   ? -19.438 0.580   -4.837  1.00 48.77 ? 230 HOH A O   1 
HETATM 1177 O O   . HOH C 3 .   ? 6.434   -14.500 -15.965 1.00 29.64 ? 231 HOH A O   1 
HETATM 1178 O O   . HOH C 3 .   ? -16.896 0.527   1.030   1.00 42.60 ? 232 HOH A O   1 
HETATM 1179 O O   . HOH C 3 .   ? 19.464  4.106   -6.671  1.00 41.61 ? 233 HOH A O   1 
HETATM 1180 O O   . HOH C 3 .   ? -15.202 4.381   11.965  1.00 47.97 ? 234 HOH A O   1 
HETATM 1181 O O   . HOH C 3 .   ? -6.759  4.406   -15.558 1.00 41.47 ? 235 HOH A O   1 
HETATM 1182 O O   . HOH C 3 .   ? 2.029   14.217  11.130  1.00 45.66 ? 236 HOH A O   1 
HETATM 1183 O O   . HOH C 3 .   ? -11.186 -1.366  -16.137 1.00 45.42 ? 237 HOH A O   1 
HETATM 1184 O O   . HOH C 3 .   ? -3.151  -13.811 -0.719  1.00 34.64 ? 238 HOH A O   1 
HETATM 1185 O O   . HOH C 3 .   ? -13.348 0.245   -14.850 1.00 35.56 ? 239 HOH A O   1 
HETATM 1186 O O   . HOH C 3 .   ? -20.019 -1.448  -6.430  1.00 34.87 ? 240 HOH A O   1 
HETATM 1187 O O   . HOH C 3 .   ? -13.527 5.513   20.166  1.00 62.39 ? 241 HOH A O   1 
HETATM 1188 O O   . HOH C 3 .   ? -3.196  -17.918 -16.124 1.00 51.41 ? 242 HOH A O   1 
HETATM 1189 O O   . HOH C 3 .   ? 5.286   -5.799  11.302  1.00 31.51 ? 243 HOH A O   1 
HETATM 1190 O O   . HOH C 3 .   ? 0.510   -0.454  10.864  1.00 36.74 ? 244 HOH A O   1 
HETATM 1191 O O   . HOH C 3 .   ? -5.229  -1.036  4.590   1.00 36.77 ? 245 HOH A O   1 
HETATM 1192 O O   . HOH C 3 .   ? 18.932  3.187   -3.757  1.00 56.53 ? 246 HOH A O   1 
HETATM 1193 O O   . HOH C 3 .   ? -6.829  7.602   -1.804  1.00 31.39 ? 247 HOH A O   1 
HETATM 1194 O O   . HOH C 3 .   ? 1.438   10.614  13.392  1.00 51.17 ? 248 HOH A O   1 
HETATM 1195 O O   . HOH C 3 .   ? -5.438  -4.756  5.658   1.00 33.55 ? 249 HOH A O   1 
HETATM 1196 O O   . HOH C 3 .   ? 6.406   0.171   -14.639 1.00 45.41 ? 250 HOH A O   1 
HETATM 1197 O O   . HOH C 3 .   ? -2.982  -16.519 -0.891  1.00 35.86 ? 251 HOH A O   1 
HETATM 1198 O O   . HOH C 3 .   ? -13.831 -10.186 -15.690 1.00 40.77 ? 252 HOH A O   1 
HETATM 1199 O O   . HOH C 3 .   ? -2.337  -9.348  8.018   1.00 49.26 ? 253 HOH A O   1 
HETATM 1200 O O   . HOH C 3 .   ? -6.677  11.587  2.118   1.00 28.07 ? 254 HOH A O   1 
HETATM 1201 O O   . HOH C 3 .   ? -2.061  -0.970  14.745  1.00 39.28 ? 255 HOH A O   1 
HETATM 1202 O O   . HOH C 3 .   ? -16.070 -8.685  -7.673  1.00 44.37 ? 256 HOH A O   1 
HETATM 1203 O O   . HOH C 3 .   ? -11.146 4.329   19.490  1.00 45.91 ? 257 HOH A O   1 
HETATM 1204 O O   . HOH C 3 .   ? -0.668  15.023  17.429  1.00 58.36 ? 258 HOH A O   1 
HETATM 1205 O O   . HOH C 3 .   ? -0.648  -17.909 -14.411 1.00 71.06 ? 259 HOH A O   1 
HETATM 1206 O O   . HOH C 3 .   ? 15.080  -6.658  3.785   1.00 46.42 ? 260 HOH A O   1 
HETATM 1207 O O   . HOH C 3 .   ? -5.884  -12.175 3.799   1.00 51.45 ? 261 HOH A O   1 
HETATM 1208 O O   . HOH C 3 .   ? 3.699   -13.948 -3.626  1.00 29.81 ? 262 HOH A O   1 
HETATM 1209 O O   . HOH C 3 .   ? 18.970  4.109   3.437   1.00 36.56 ? 263 HOH A O   1 
HETATM 1210 O O   . HOH C 3 .   ? -8.412  -5.385  17.147  1.00 48.69 ? 264 HOH A O   1 
HETATM 1211 O O   . HOH C 3 .   ? -3.742  0.961   10.651  1.00 30.80 ? 265 HOH A O   1 
HETATM 1212 O O   . HOH C 3 .   ? -7.724  10.272  14.111  1.00 40.22 ? 266 HOH A O   1 
HETATM 1213 O O   . HOH C 3 .   ? 7.429   4.421   15.687  1.00 52.91 ? 267 HOH A O   1 
HETATM 1214 O O   . HOH C 3 .   ? 14.716  8.412   9.917   1.00 61.06 ? 268 HOH A O   1 
HETATM 1215 O O   . HOH C 3 .   ? -1.953  -10.766 -21.118 1.00 47.07 ? 269 HOH A O   1 
HETATM 1216 O O   . HOH C 3 .   ? 12.239  -0.078  -12.966 1.00 48.33 ? 270 HOH A O   1 
HETATM 1217 O O   . HOH C 3 .   ? -12.333 2.857   17.768  1.00 46.50 ? 271 HOH A O   1 
HETATM 1218 O O   . HOH C 3 .   ? -23.423 3.208   6.458   1.00 55.93 ? 272 HOH A O   1 
HETATM 1219 O O   . HOH C 3 .   ? -12.585 -1.294  16.690  1.00 51.62 ? 273 HOH A O   1 
HETATM 1220 O O   . HOH C 3 .   ? -17.703 -9.211  -5.228  1.00 35.04 ? 274 HOH A O   1 
HETATM 1221 O O   . HOH C 3 .   ? 3.460   -13.811 -14.788 1.00 51.45 ? 275 HOH A O   1 
HETATM 1222 O O   . HOH C 3 .   ? 13.404  8.867   15.655  1.00 51.79 ? 276 HOH A O   1 
HETATM 1223 O O   . HOH C 3 .   ? 0.227   -14.617 1.438   1.00 38.23 ? 277 HOH A O   1 
HETATM 1224 O O   . HOH C 3 .   ? -2.274  -9.263  -18.401 1.00 45.87 ? 278 HOH A O   1 
HETATM 1225 O O   . HOH C 3 .   ? -0.972  -3.178  -17.937 1.00 46.27 ? 279 HOH A O   1 
HETATM 1226 O O   . HOH C 3 .   ? -10.850 -14.393 -4.054  1.00 44.99 ? 280 HOH A O   1 
HETATM 1227 O O   . HOH C 3 .   ? -11.595 -2.963  14.608  1.00 50.19 ? 281 HOH A O   1 
HETATM 1228 O O   . HOH C 3 .   ? -11.819 1.650   -4.289  1.00 33.99 ? 282 HOH A O   1 
HETATM 1229 O O   . HOH C 3 .   ? -18.002 -5.410  -11.525 1.00 44.18 ? 283 HOH A O   1 
HETATM 1230 O O   . HOH C 3 .   ? -5.316  16.220  16.070  1.00 50.46 ? 284 HOH A O   1 
HETATM 1231 O O   . HOH C 3 .   ? -4.373  16.958  11.722  1.00 53.18 ? 285 HOH A O   1 
HETATM 1232 O O   . HOH C 3 .   ? -2.340  -20.392 -4.104  1.00 47.04 ? 286 HOH A O   1 
HETATM 1233 O O   . HOH C 3 .   ? -13.722 -10.262 -7.289  1.00 48.23 ? 287 HOH A O   1 
HETATM 1234 O O   . HOH C 3 .   ? -5.908  -1.972  -17.021 1.00 61.46 ? 288 HOH A O   1 
HETATM 1235 O O   . HOH C 3 .   ? 22.769  7.867   -0.241  1.00 54.82 ? 289 HOH A O   1 
HETATM 1236 O O   . HOH C 3 .   ? 9.075   6.547   15.120  1.00 53.11 ? 290 HOH A O   1 
HETATM 1237 O O   . HOH C 3 .   ? 16.029  -0.692  8.999   1.00 53.16 ? 291 HOH A O   1 
HETATM 1238 O O   . HOH C 3 .   ? -11.474 -11.190 -18.997 1.00 45.19 ? 292 HOH A O   1 
HETATM 1239 O O   . HOH C 3 .   ? -4.612  -2.240  16.288  1.00 53.31 ? 293 HOH A O   1 
HETATM 1240 O O   . HOH C 3 .   ? 1.437   -5.250  -16.034 1.00 43.20 ? 294 HOH A O   1 
HETATM 1241 O O   . HOH C 3 .   ? 13.747  9.072   -6.678  1.00 30.35 ? 295 HOH A O   1 
HETATM 1242 O O   . HOH C 3 .   ? -5.827  -14.700 -0.914  1.00 25.73 ? 296 HOH A O   1 
HETATM 1243 O O   . HOH C 3 .   ? -7.641  -16.939 -2.601  1.00 31.54 ? 297 HOH A O   1 
HETATM 1244 O O   . HOH C 3 .   ? -3.052  6.136   17.843  1.00 61.98 ? 298 HOH A O   1 
HETATM 1245 O O   . HOH C 3 .   ? 12.285  -10.454 -13.101 1.00 33.67 ? 299 HOH A O   1 
HETATM 1246 O O   . HOH C 3 .   ? -6.000  -4.751  -13.276 1.00 79.75 ? 300 HOH A O   1 
HETATM 1247 O O   . HOH C 3 .   ? 8.632   11.239  -0.885  1.00 33.04 ? 301 HOH A O   1 
HETATM 1248 O O   . HOH C 3 .   ? 4.783   -1.955  -14.803 1.00 46.82 ? 302 HOH A O   1 
HETATM 1249 O O   . HOH C 3 .   ? 13.004  -12.519 -11.791 1.00 32.76 ? 303 HOH A O   1 
HETATM 1250 O O   . HOH C 3 .   ? 5.473   -5.578  -12.477 1.00 32.65 ? 304 HOH A O   1 
HETATM 1251 O O   . HOH C 3 .   ? -3.428  -4.949  11.991  1.00 39.96 ? 305 HOH A O   1 
HETATM 1252 O O   . HOH C 3 .   ? -0.721  5.168   -12.921 1.00 31.40 ? 306 HOH A O   1 
HETATM 1253 O O   . HOH C 3 .   ? 5.876   -3.541  -13.407 1.00 31.28 ? 307 HOH A O   1 
# 
loop_
_pdbx_poly_seq_scheme.asym_id 
_pdbx_poly_seq_scheme.entity_id 
_pdbx_poly_seq_scheme.seq_id 
_pdbx_poly_seq_scheme.mon_id 
_pdbx_poly_seq_scheme.ndb_seq_num 
_pdbx_poly_seq_scheme.pdb_seq_num 
_pdbx_poly_seq_scheme.auth_seq_num 
_pdbx_poly_seq_scheme.pdb_mon_id 
_pdbx_poly_seq_scheme.auth_mon_id 
_pdbx_poly_seq_scheme.pdb_strand_id 
_pdbx_poly_seq_scheme.pdb_ins_code 
_pdbx_poly_seq_scheme.hetero 
A 1 1   MET 1   1   1   MET MET A . n 
A 1 2   ARG 2   2   2   ARG ARG A . n 
A 1 3   VAL 3   3   3   VAL VAL A . n 
A 1 4   LEU 4   4   4   LEU LEU A . n 
A 1 5   LEU 5   5   5   LEU LEU A . n 
A 1 6   ILE 6   6   6   ILE ILE A . n 
A 1 7   HIS 7   7   7   HIS HIS A . n 
A 1 8   SER 8   8   8   SER SER A . n 
A 1 9   ASP 9   9   9   ASP ASP A . n 
A 1 10  TYR 10  10  10  TYR TYR A . n 
A 1 11  ILE 11  11  11  ILE ILE A . n 
A 1 12  GLU 12  12  12  GLU GLU A . n 
A 1 13  TYR 13  13  13  TYR TYR A . n 
A 1 14  GLU 14  14  14  GLU GLU A . n 
A 1 15  VAL 15  15  15  VAL VAL A . n 
A 1 16  LYS 16  16  16  LYS LYS A . n 
A 1 17  ASP 17  17  17  ASP ASP A . n 
A 1 18  LYS 18  18  18  LYS ALA A . n 
A 1 19  ALA 19  19  19  ALA ALA A . n 
A 1 20  LEU 20  20  20  LEU LEU A . n 
A 1 21  LYS 21  21  21  LYS LYS A . n 
A 1 22  ASN 22  22  22  ASN ASN A . n 
A 1 23  PRO 23  23  23  PRO PRO A . n 
A 1 24  GLU 24  24  24  GLU GLU A . n 
A 1 25  PRO 25  25  25  PRO PRO A . n 
A 1 26  ILE 26  26  26  ILE ILE A . n 
A 1 27  SER 27  27  27  SER SER A . n 
A 1 28  GLU 28  28  28  GLU GLU A . n 
A 1 29  ASP 29  29  29  ASP ASP A . n 
A 1 30  MET 30  30  30  MET MET A . n 
A 1 31  LYS 31  31  31  LYS LYS A . n 
A 1 32  ARG 32  32  32  ARG ARG A . n 
A 1 33  GLY 33  33  33  GLY GLY A . n 
A 1 34  ARG 34  34  34  ARG ARG A . n 
A 1 35  MET 35  35  35  MET MET A . n 
A 1 36  GLU 36  36  36  GLU GLU A . n 
A 1 37  GLU 37  37  37  GLU GLU A . n 
A 1 38  VAL 38  38  38  VAL VAL A . n 
A 1 39  LEU 39  39  39  LEU LEU A . n 
A 1 40  VAL 40  40  40  VAL VAL A . n 
A 1 41  ALA 41  41  41  ALA ALA A . n 
A 1 42  PHE 42  42  42  PHE PHE A . n 
A 1 43  ILE 43  43  43  ILE ILE A . n 
A 1 44  SER 44  44  44  SER SER A . n 
A 1 45  VAL 45  45  45  VAL VAL A . n 
A 1 46  GLU 46  46  46  GLU GLU A . n 
A 1 47  LYS 47  47  47  LYS LYS A . n 
A 1 48  VAL 48  48  48  VAL VAL A . n 
A 1 49  ASP 49  49  49  ASP ASP A . n 
A 1 50  GLU 50  50  50  GLU GLU A . n 
A 1 51  LYS 51  51  51  LYS LYS A . n 
A 1 52  ASN 52  52  52  ASN ASN A . n 
A 1 53  PRO 53  53  53  PRO PRO A . n 
A 1 54  GLU 54  54  54  GLU GLU A . n 
A 1 55  GLU 55  55  55  GLU GLU A . n 
A 1 56  VAL 56  56  56  VAL VAL A . n 
A 1 57  SER 57  57  57  SER SER A . n 
A 1 58  LEU 58  58  58  LEU LEU A . n 
A 1 59  LYS 59  59  59  LYS LYS A . n 
A 1 60  ALA 60  60  60  ALA ALA A . n 
A 1 61  ILE 61  61  61  ILE ILE A . n 
A 1 62  GLU 62  62  62  GLU GLU A . n 
A 1 63  GLU 63  63  63  GLU GLU A . n 
A 1 64  ILE 64  64  64  ILE ILE A . n 
A 1 65  SER 65  65  65  SER SER A . n 
A 1 66  LYS 66  66  66  LYS LYS A . n 
A 1 67  VAL 67  67  67  VAL VAL A . n 
A 1 68  ALA 68  68  68  ALA ALA A . n 
A 1 69  GLU 69  69  69  GLU GLU A . n 
A 1 70  GLN 70  70  70  GLN GLN A . n 
A 1 71  VAL 71  71  71  VAL VAL A . n 
A 1 72  LYS 72  72  72  LYS LYS A . n 
A 1 73  ALA 73  73  73  ALA ALA A . n 
A 1 74  GLU 74  74  74  GLU GLU A . n 
A 1 75  ASN 75  75  75  ASN ASN A . n 
A 1 76  VAL 76  76  76  VAL VAL A . n 
A 1 77  PHE 77  77  77  PHE PHE A . n 
A 1 78  VAL 78  78  78  VAL VAL A . n 
A 1 79  TYR 79  79  79  TYR TYR A . n 
A 1 80  PRO 80  80  80  PRO PRO A . n 
A 1 81  PHE 81  81  81  PHE PHE A . n 
A 1 82  ALA 82  82  82  ALA ALA A . n 
A 1 83  HIS 83  83  83  HIS HIS A . n 
A 1 84  LEU 84  84  84  LEU LEU A . n 
A 1 85  SER 85  85  85  SER SER A . n 
A 1 86  SER 86  86  86  SER SER A . n 
A 1 87  GLU 87  87  87  GLU GLU A . n 
A 1 88  LEU 88  88  88  LEU LEU A . n 
A 1 89  ALA 89  89  89  ALA ALA A . n 
A 1 90  LYS 90  90  90  LYS LYS A . n 
A 1 91  PRO 91  91  91  PRO PRO A . n 
A 1 92  SER 92  92  92  SER SER A . n 
A 1 93  VAL 93  93  93  VAL VAL A . n 
A 1 94  ALA 94  94  94  ALA ALA A . n 
A 1 95  MET 95  95  95  MET MET A . n 
A 1 96  ASP 96  96  96  ASP ASP A . n 
A 1 97  ILE 97  97  97  ILE ILE A . n 
A 1 98  LEU 98  98  98  LEU LEU A . n 
A 1 99  ASN 99  99  99  ASN ASN A . n 
A 1 100 ARG 100 100 100 ARG ARG A . n 
A 1 101 VAL 101 101 101 VAL VAL A . n 
A 1 102 TYR 102 102 102 TYR TYR A . n 
A 1 103 GLN 103 103 103 GLN GLN A . n 
A 1 104 GLY 104 104 104 GLY GLY A . n 
A 1 105 LEU 105 105 105 LEU LEU A . n 
A 1 106 LYS 106 106 106 LYS LYS A . n 
A 1 107 GLU 107 107 107 GLU GLU A . n 
A 1 108 ARG 108 108 108 ARG ARG A . n 
A 1 109 GLY 109 109 109 GLY GLY A . n 
A 1 110 PHE 110 110 110 PHE PHE A . n 
A 1 111 ASN 111 111 111 ASN ASN A . n 
A 1 112 VAL 112 112 112 VAL VAL A . n 
A 1 113 GLY 113 113 113 GLY GLY A . n 
A 1 114 LYS 114 114 114 LYS LYS A . n 
A 1 115 ALA 115 115 115 ALA ALA A . n 
A 1 116 PRO 116 116 116 PRO PRO A . n 
A 1 117 PHE 117 117 117 PHE PHE A . n 
A 1 118 GLY 118 118 118 GLY GLY A . n 
A 1 119 TYR 119 119 119 TYR TYR A . n 
A 1 120 TYR 120 120 120 TYR TYR A . n 
A 1 121 LYS 121 121 121 LYS LYS A . n 
A 1 122 ALA 122 122 122 ALA ALA A . n 
A 1 123 PHE 123 123 123 PHE PHE A . n 
A 1 124 LYS 124 124 124 LYS LYS A . n 
A 1 125 ILE 125 125 125 ILE ILE A . n 
A 1 126 SER 126 126 126 SER SER A . n 
A 1 127 CYS 127 127 127 CYS CYS A . n 
A 1 128 LYS 128 128 128 LYS LYS A . n 
A 1 129 GLY 129 129 129 GLY GLY A . n 
A 1 130 HIS 130 130 130 HIS HIS A . n 
A 1 131 PRO 131 131 131 PRO PRO A . n 
A 1 132 LEU 132 132 132 LEU LEU A . n 
A 1 133 ALA 133 133 133 ALA ALA A . n 
A 1 134 GLU 134 134 134 GLU GLU A . n 
A 1 135 LEU 135 135 135 LEU LEU A . n 
A 1 136 SER 136 136 136 SER SER A . n 
A 1 137 ARG 137 137 137 ARG ARG A . n 
A 1 138 THR 138 138 138 THR THR A . n 
A 1 139 ILE 139 139 139 ILE ILE A . n 
A 1 140 VAL 140 140 140 VAL VAL A . n 
A 1 141 PRO 141 141 141 PRO PRO A . n 
A 1 142 GLU 142 142 142 GLU GLU A . n 
A 1 143 GLU 143 143 143 GLU GLU A . n 
# 
loop_
_pdbx_nonpoly_scheme.asym_id 
_pdbx_nonpoly_scheme.entity_id 
_pdbx_nonpoly_scheme.mon_id 
_pdbx_nonpoly_scheme.ndb_seq_num 
_pdbx_nonpoly_scheme.pdb_seq_num 
_pdbx_nonpoly_scheme.auth_seq_num 
_pdbx_nonpoly_scheme.pdb_mon_id 
_pdbx_nonpoly_scheme.auth_mon_id 
_pdbx_nonpoly_scheme.pdb_strand_id 
_pdbx_nonpoly_scheme.pdb_ins_code 
B 2 SER 1   201 1   SER LSN A . 
C 3 HOH 1   202 1   HOH HOH A . 
C 3 HOH 2   203 2   HOH HOH A . 
C 3 HOH 3   204 3   HOH HOH A . 
C 3 HOH 4   205 4   HOH HOH A . 
C 3 HOH 5   206 5   HOH HOH A . 
C 3 HOH 6   207 6   HOH HOH A . 
C 3 HOH 7   208 7   HOH HOH A . 
C 3 HOH 8   209 8   HOH HOH A . 
C 3 HOH 9   210 9   HOH HOH A . 
C 3 HOH 10  211 10  HOH HOH A . 
C 3 HOH 11  212 11  HOH HOH A . 
C 3 HOH 12  213 12  HOH HOH A . 
C 3 HOH 13  214 13  HOH HOH A . 
C 3 HOH 14  215 14  HOH HOH A . 
C 3 HOH 15  216 15  HOH HOH A . 
C 3 HOH 16  217 16  HOH HOH A . 
C 3 HOH 17  218 17  HOH HOH A . 
C 3 HOH 18  219 18  HOH HOH A . 
C 3 HOH 19  220 19  HOH HOH A . 
C 3 HOH 20  221 20  HOH HOH A . 
C 3 HOH 21  222 21  HOH HOH A . 
C 3 HOH 22  223 22  HOH HOH A . 
C 3 HOH 23  224 23  HOH HOH A . 
C 3 HOH 24  225 24  HOH HOH A . 
C 3 HOH 25  226 25  HOH HOH A . 
C 3 HOH 26  227 26  HOH HOH A . 
C 3 HOH 27  228 27  HOH HOH A . 
C 3 HOH 28  229 28  HOH HOH A . 
C 3 HOH 29  230 29  HOH HOH A . 
C 3 HOH 30  231 30  HOH HOH A . 
C 3 HOH 31  232 31  HOH HOH A . 
C 3 HOH 32  233 32  HOH HOH A . 
C 3 HOH 33  234 33  HOH HOH A . 
C 3 HOH 34  235 34  HOH HOH A . 
C 3 HOH 35  236 35  HOH HOH A . 
C 3 HOH 36  237 36  HOH HOH A . 
C 3 HOH 37  238 37  HOH HOH A . 
C 3 HOH 38  239 38  HOH HOH A . 
C 3 HOH 39  240 39  HOH HOH A . 
C 3 HOH 40  241 40  HOH HOH A . 
C 3 HOH 41  242 41  HOH HOH A . 
C 3 HOH 42  243 42  HOH HOH A . 
C 3 HOH 43  244 43  HOH HOH A . 
C 3 HOH 44  245 44  HOH HOH A . 
C 3 HOH 45  246 45  HOH HOH A . 
C 3 HOH 46  247 46  HOH HOH A . 
C 3 HOH 47  248 47  HOH HOH A . 
C 3 HOH 48  249 48  HOH HOH A . 
C 3 HOH 49  250 49  HOH HOH A . 
C 3 HOH 50  251 50  HOH HOH A . 
C 3 HOH 51  252 51  HOH HOH A . 
C 3 HOH 52  253 52  HOH HOH A . 
C 3 HOH 53  254 53  HOH HOH A . 
C 3 HOH 54  255 54  HOH HOH A . 
C 3 HOH 55  256 55  HOH HOH A . 
C 3 HOH 56  257 56  HOH HOH A . 
C 3 HOH 57  258 57  HOH HOH A . 
C 3 HOH 58  259 58  HOH HOH A . 
C 3 HOH 59  260 59  HOH HOH A . 
C 3 HOH 60  261 60  HOH HOH A . 
C 3 HOH 61  262 61  HOH HOH A . 
C 3 HOH 62  263 62  HOH HOH A . 
C 3 HOH 63  264 63  HOH HOH A . 
C 3 HOH 64  265 64  HOH HOH A . 
C 3 HOH 65  266 65  HOH HOH A . 
C 3 HOH 66  267 66  HOH HOH A . 
C 3 HOH 67  268 67  HOH HOH A . 
C 3 HOH 68  269 68  HOH HOH A . 
C 3 HOH 69  270 69  HOH HOH A . 
C 3 HOH 70  271 70  HOH HOH A . 
C 3 HOH 71  272 71  HOH HOH A . 
C 3 HOH 72  273 72  HOH HOH A . 
C 3 HOH 73  274 73  HOH HOH A . 
C 3 HOH 74  275 74  HOH HOH A . 
C 3 HOH 75  276 75  HOH HOH A . 
C 3 HOH 76  277 76  HOH HOH A . 
C 3 HOH 77  278 77  HOH HOH A . 
C 3 HOH 78  279 78  HOH HOH A . 
C 3 HOH 79  280 79  HOH HOH A . 
C 3 HOH 80  281 80  HOH HOH A . 
C 3 HOH 81  282 81  HOH HOH A . 
C 3 HOH 82  283 82  HOH HOH A . 
C 3 HOH 83  284 83  HOH HOH A . 
C 3 HOH 84  285 84  HOH HOH A . 
C 3 HOH 85  286 85  HOH HOH A . 
C 3 HOH 86  287 86  HOH HOH A . 
C 3 HOH 87  288 87  HOH HOH A . 
C 3 HOH 88  289 88  HOH HOH A . 
C 3 HOH 89  290 89  HOH HOH A . 
C 3 HOH 90  291 90  HOH HOH A . 
C 3 HOH 91  292 91  HOH HOH A . 
C 3 HOH 92  293 92  HOH HOH A . 
C 3 HOH 93  294 93  HOH HOH A . 
C 3 HOH 94  295 94  HOH HOH A . 
C 3 HOH 95  296 95  HOH HOH A . 
C 3 HOH 96  297 96  HOH HOH A . 
C 3 HOH 97  298 97  HOH HOH A . 
C 3 HOH 98  299 98  HOH HOH A . 
C 3 HOH 99  300 99  HOH HOH A . 
C 3 HOH 100 301 100 HOH HOH A . 
C 3 HOH 101 302 101 HOH HOH A . 
C 3 HOH 102 303 102 HOH HOH A . 
C 3 HOH 103 304 103 HOH HOH A . 
C 3 HOH 104 305 104 HOH HOH A . 
C 3 HOH 105 306 105 HOH HOH A . 
C 3 HOH 106 307 106 HOH HOH A . 
# 
_pdbx_struct_assembly.id                   1 
_pdbx_struct_assembly.details              author_defined_assembly 
_pdbx_struct_assembly.method_details       ? 
_pdbx_struct_assembly.oligomeric_details   dimeric 
_pdbx_struct_assembly.oligomeric_count     2 
# 
_pdbx_struct_assembly_gen.assembly_id       1 
_pdbx_struct_assembly_gen.oper_expression   1,2 
_pdbx_struct_assembly_gen.asym_id_list      A,B,C 
# 
loop_
_pdbx_struct_oper_list.id 
_pdbx_struct_oper_list.type 
_pdbx_struct_oper_list.name 
_pdbx_struct_oper_list.symmetry_operation 
_pdbx_struct_oper_list.matrix[1][1] 
_pdbx_struct_oper_list.matrix[1][2] 
_pdbx_struct_oper_list.matrix[1][3] 
_pdbx_struct_oper_list.vector[1] 
_pdbx_struct_oper_list.matrix[2][1] 
_pdbx_struct_oper_list.matrix[2][2] 
_pdbx_struct_oper_list.matrix[2][3] 
_pdbx_struct_oper_list.vector[2] 
_pdbx_struct_oper_list.matrix[3][1] 
_pdbx_struct_oper_list.matrix[3][2] 
_pdbx_struct_oper_list.matrix[3][3] 
_pdbx_struct_oper_list.vector[3] 
1 'identity operation'         1_555 x,y,z              1.0000000000  0.0000000000 0.0000000000 0.0000000000 0.0000000000 1.0000000000  0.0000000000 0.0000000000  0.0000000000 0.0000000000 1.0000000000 0.0000000000   
2 'crystal symmetry operation' 6_765 -x+2,-x+y+1,-z+2/3 -0.6184742387 0.3465823502 0.7052448445 3.1257125996 0.3465823502 -0.6851606427 0.6406524551 20.1539400179 0.7052448445 0.6406524551 0.3036348814 -11.5953201809 
# 
loop_
_pdbx_audit_revision_history.ordinal 
_pdbx_audit_revision_history.data_content_type 
_pdbx_audit_revision_history.major_revision 
_pdbx_audit_revision_history.minor_revision 
_pdbx_audit_revision_history.revision_date 
1 'Structure model' 1 0 2006-08-29 
2 'Structure model' 1 1 2008-05-01 
3 'Structure model' 1 2 2011-07-13 
4 'Structure model' 1 3 2023-10-25 
# 
_pdbx_audit_revision_details.ordinal             1 
_pdbx_audit_revision_details.revision_ordinal    1 
_pdbx_audit_revision_details.data_content_type   'Structure model' 
_pdbx_audit_revision_details.provider            repository 
_pdbx_audit_revision_details.type                'Initial release' 
_pdbx_audit_revision_details.description         ? 
_pdbx_audit_revision_details.details             ? 
# 
loop_
_pdbx_audit_revision_group.ordinal 
_pdbx_audit_revision_group.revision_ordinal 
_pdbx_audit_revision_group.data_content_type 
_pdbx_audit_revision_group.group 
1 2 'Structure model' 'Version format compliance' 
2 3 'Structure model' 'Version format compliance' 
3 4 'Structure model' 'Data collection'           
4 4 'Structure model' 'Database references'       
5 4 'Structure model' 'Derived calculations'      
6 4 'Structure model' 'Refinement description'    
# 
loop_
_pdbx_audit_revision_category.ordinal 
_pdbx_audit_revision_category.revision_ordinal 
_pdbx_audit_revision_category.data_content_type 
_pdbx_audit_revision_category.category 
1 4 'Structure model' chem_comp_atom                
2 4 'Structure model' chem_comp_bond                
3 4 'Structure model' database_2                    
4 4 'Structure model' pdbx_initial_refinement_model 
5 4 'Structure model' struct_site                   
# 
loop_
_pdbx_audit_revision_item.ordinal 
_pdbx_audit_revision_item.revision_ordinal 
_pdbx_audit_revision_item.data_content_type 
_pdbx_audit_revision_item.item 
1 4 'Structure model' '_database_2.pdbx_DOI'                
2 4 'Structure model' '_database_2.pdbx_database_accession' 
3 4 'Structure model' '_struct_site.pdbx_auth_asym_id'      
4 4 'Structure model' '_struct_site.pdbx_auth_comp_id'      
5 4 'Structure model' '_struct_site.pdbx_auth_seq_id'       
# 
loop_
_software.name 
_software.classification 
_software.version 
_software.citation_id 
_software.pdbx_ordinal 
CNS       refinement       1.1        ? 1 
DENZO     'data reduction' .          ? 2 
SCALEPACK 'data scaling'   .          ? 3 
CCP4      phasing          '(MOLREP)' ? 4 
# 
loop_
_pdbx_validate_torsion.id 
_pdbx_validate_torsion.PDB_model_num 
_pdbx_validate_torsion.auth_comp_id 
_pdbx_validate_torsion.auth_asym_id 
_pdbx_validate_torsion.auth_seq_id 
_pdbx_validate_torsion.PDB_ins_code 
_pdbx_validate_torsion.label_alt_id 
_pdbx_validate_torsion.phi 
_pdbx_validate_torsion.psi 
1 1 LYS A 16  ? ? -120.93 -139.33 
2 1 ASN A 22  ? ? -117.86 67.01   
3 1 PRO A 23  ? ? -66.59  -170.95 
4 1 ASN A 52  ? ? -159.98 79.29   
5 1 GLU A 134 ? ? -155.51 87.17   
6 1 GLU A 142 ? ? -62.37  35.26   
# 
loop_
_pdbx_unobs_or_zero_occ_atoms.id 
_pdbx_unobs_or_zero_occ_atoms.PDB_model_num 
_pdbx_unobs_or_zero_occ_atoms.polymer_flag 
_pdbx_unobs_or_zero_occ_atoms.occupancy_flag 
_pdbx_unobs_or_zero_occ_atoms.auth_asym_id 
_pdbx_unobs_or_zero_occ_atoms.auth_comp_id 
_pdbx_unobs_or_zero_occ_atoms.auth_seq_id 
_pdbx_unobs_or_zero_occ_atoms.PDB_ins_code 
_pdbx_unobs_or_zero_occ_atoms.auth_atom_id 
_pdbx_unobs_or_zero_occ_atoms.label_alt_id 
_pdbx_unobs_or_zero_occ_atoms.label_asym_id 
_pdbx_unobs_or_zero_occ_atoms.label_comp_id 
_pdbx_unobs_or_zero_occ_atoms.label_seq_id 
_pdbx_unobs_or_zero_occ_atoms.label_atom_id 
1 1 Y 1 A LYS 18 ? CG ? A LYS 18 CG 
2 1 Y 1 A LYS 18 ? CD ? A LYS 18 CD 
3 1 Y 1 A LYS 18 ? CE ? A LYS 18 CE 
4 1 Y 1 A LYS 18 ? NZ ? A LYS 18 NZ 
# 
loop_
_chem_comp_atom.comp_id 
_chem_comp_atom.atom_id 
_chem_comp_atom.type_symbol 
_chem_comp_atom.pdbx_aromatic_flag 
_chem_comp_atom.pdbx_stereo_config 
_chem_comp_atom.pdbx_ordinal 
ALA N    N N N 1   
ALA CA   C N S 2   
ALA C    C N N 3   
ALA O    O N N 4   
ALA CB   C N N 5   
ALA OXT  O N N 6   
ALA H    H N N 7   
ALA H2   H N N 8   
ALA HA   H N N 9   
ALA HB1  H N N 10  
ALA HB2  H N N 11  
ALA HB3  H N N 12  
ALA HXT  H N N 13  
ARG N    N N N 14  
ARG CA   C N S 15  
ARG C    C N N 16  
ARG O    O N N 17  
ARG CB   C N N 18  
ARG CG   C N N 19  
ARG CD   C N N 20  
ARG NE   N N N 21  
ARG CZ   C N N 22  
ARG NH1  N N N 23  
ARG NH2  N N N 24  
ARG OXT  O N N 25  
ARG H    H N N 26  
ARG H2   H N N 27  
ARG HA   H N N 28  
ARG HB2  H N N 29  
ARG HB3  H N N 30  
ARG HG2  H N N 31  
ARG HG3  H N N 32  
ARG HD2  H N N 33  
ARG HD3  H N N 34  
ARG HE   H N N 35  
ARG HH11 H N N 36  
ARG HH12 H N N 37  
ARG HH21 H N N 38  
ARG HH22 H N N 39  
ARG HXT  H N N 40  
ASN N    N N N 41  
ASN CA   C N S 42  
ASN C    C N N 43  
ASN O    O N N 44  
ASN CB   C N N 45  
ASN CG   C N N 46  
ASN OD1  O N N 47  
ASN ND2  N N N 48  
ASN OXT  O N N 49  
ASN H    H N N 50  
ASN H2   H N N 51  
ASN HA   H N N 52  
ASN HB2  H N N 53  
ASN HB3  H N N 54  
ASN HD21 H N N 55  
ASN HD22 H N N 56  
ASN HXT  H N N 57  
ASP N    N N N 58  
ASP CA   C N S 59  
ASP C    C N N 60  
ASP O    O N N 61  
ASP CB   C N N 62  
ASP CG   C N N 63  
ASP OD1  O N N 64  
ASP OD2  O N N 65  
ASP OXT  O N N 66  
ASP H    H N N 67  
ASP H2   H N N 68  
ASP HA   H N N 69  
ASP HB2  H N N 70  
ASP HB3  H N N 71  
ASP HD2  H N N 72  
ASP HXT  H N N 73  
CYS N    N N N 74  
CYS CA   C N R 75  
CYS C    C N N 76  
CYS O    O N N 77  
CYS CB   C N N 78  
CYS SG   S N N 79  
CYS OXT  O N N 80  
CYS H    H N N 81  
CYS H2   H N N 82  
CYS HA   H N N 83  
CYS HB2  H N N 84  
CYS HB3  H N N 85  
CYS HG   H N N 86  
CYS HXT  H N N 87  
GLN N    N N N 88  
GLN CA   C N S 89  
GLN C    C N N 90  
GLN O    O N N 91  
GLN CB   C N N 92  
GLN CG   C N N 93  
GLN CD   C N N 94  
GLN OE1  O N N 95  
GLN NE2  N N N 96  
GLN OXT  O N N 97  
GLN H    H N N 98  
GLN H2   H N N 99  
GLN HA   H N N 100 
GLN HB2  H N N 101 
GLN HB3  H N N 102 
GLN HG2  H N N 103 
GLN HG3  H N N 104 
GLN HE21 H N N 105 
GLN HE22 H N N 106 
GLN HXT  H N N 107 
GLU N    N N N 108 
GLU CA   C N S 109 
GLU C    C N N 110 
GLU O    O N N 111 
GLU CB   C N N 112 
GLU CG   C N N 113 
GLU CD   C N N 114 
GLU OE1  O N N 115 
GLU OE2  O N N 116 
GLU OXT  O N N 117 
GLU H    H N N 118 
GLU H2   H N N 119 
GLU HA   H N N 120 
GLU HB2  H N N 121 
GLU HB3  H N N 122 
GLU HG2  H N N 123 
GLU HG3  H N N 124 
GLU HE2  H N N 125 
GLU HXT  H N N 126 
GLY N    N N N 127 
GLY CA   C N N 128 
GLY C    C N N 129 
GLY O    O N N 130 
GLY OXT  O N N 131 
GLY H    H N N 132 
GLY H2   H N N 133 
GLY HA2  H N N 134 
GLY HA3  H N N 135 
GLY HXT  H N N 136 
HIS N    N N N 137 
HIS CA   C N S 138 
HIS C    C N N 139 
HIS O    O N N 140 
HIS CB   C N N 141 
HIS CG   C Y N 142 
HIS ND1  N Y N 143 
HIS CD2  C Y N 144 
HIS CE1  C Y N 145 
HIS NE2  N Y N 146 
HIS OXT  O N N 147 
HIS H    H N N 148 
HIS H2   H N N 149 
HIS HA   H N N 150 
HIS HB2  H N N 151 
HIS HB3  H N N 152 
HIS HD1  H N N 153 
HIS HD2  H N N 154 
HIS HE1  H N N 155 
HIS HE2  H N N 156 
HIS HXT  H N N 157 
HOH O    O N N 158 
HOH H1   H N N 159 
HOH H2   H N N 160 
ILE N    N N N 161 
ILE CA   C N S 162 
ILE C    C N N 163 
ILE O    O N N 164 
ILE CB   C N S 165 
ILE CG1  C N N 166 
ILE CG2  C N N 167 
ILE CD1  C N N 168 
ILE OXT  O N N 169 
ILE H    H N N 170 
ILE H2   H N N 171 
ILE HA   H N N 172 
ILE HB   H N N 173 
ILE HG12 H N N 174 
ILE HG13 H N N 175 
ILE HG21 H N N 176 
ILE HG22 H N N 177 
ILE HG23 H N N 178 
ILE HD11 H N N 179 
ILE HD12 H N N 180 
ILE HD13 H N N 181 
ILE HXT  H N N 182 
LEU N    N N N 183 
LEU CA   C N S 184 
LEU C    C N N 185 
LEU O    O N N 186 
LEU CB   C N N 187 
LEU CG   C N N 188 
LEU CD1  C N N 189 
LEU CD2  C N N 190 
LEU OXT  O N N 191 
LEU H    H N N 192 
LEU H2   H N N 193 
LEU HA   H N N 194 
LEU HB2  H N N 195 
LEU HB3  H N N 196 
LEU HG   H N N 197 
LEU HD11 H N N 198 
LEU HD12 H N N 199 
LEU HD13 H N N 200 
LEU HD21 H N N 201 
LEU HD22 H N N 202 
LEU HD23 H N N 203 
LEU HXT  H N N 204 
LYS N    N N N 205 
LYS CA   C N S 206 
LYS C    C N N 207 
LYS O    O N N 208 
LYS CB   C N N 209 
LYS CG   C N N 210 
LYS CD   C N N 211 
LYS CE   C N N 212 
LYS NZ   N N N 213 
LYS OXT  O N N 214 
LYS H    H N N 215 
LYS H2   H N N 216 
LYS HA   H N N 217 
LYS HB2  H N N 218 
LYS HB3  H N N 219 
LYS HG2  H N N 220 
LYS HG3  H N N 221 
LYS HD2  H N N 222 
LYS HD3  H N N 223 
LYS HE2  H N N 224 
LYS HE3  H N N 225 
LYS HZ1  H N N 226 
LYS HZ2  H N N 227 
LYS HZ3  H N N 228 
LYS HXT  H N N 229 
MET N    N N N 230 
MET CA   C N S 231 
MET C    C N N 232 
MET O    O N N 233 
MET CB   C N N 234 
MET CG   C N N 235 
MET SD   S N N 236 
MET CE   C N N 237 
MET OXT  O N N 238 
MET H    H N N 239 
MET H2   H N N 240 
MET HA   H N N 241 
MET HB2  H N N 242 
MET HB3  H N N 243 
MET HG2  H N N 244 
MET HG3  H N N 245 
MET HE1  H N N 246 
MET HE2  H N N 247 
MET HE3  H N N 248 
MET HXT  H N N 249 
PHE N    N N N 250 
PHE CA   C N S 251 
PHE C    C N N 252 
PHE O    O N N 253 
PHE CB   C N N 254 
PHE CG   C Y N 255 
PHE CD1  C Y N 256 
PHE CD2  C Y N 257 
PHE CE1  C Y N 258 
PHE CE2  C Y N 259 
PHE CZ   C Y N 260 
PHE OXT  O N N 261 
PHE H    H N N 262 
PHE H2   H N N 263 
PHE HA   H N N 264 
PHE HB2  H N N 265 
PHE HB3  H N N 266 
PHE HD1  H N N 267 
PHE HD2  H N N 268 
PHE HE1  H N N 269 
PHE HE2  H N N 270 
PHE HZ   H N N 271 
PHE HXT  H N N 272 
PRO N    N N N 273 
PRO CA   C N S 274 
PRO C    C N N 275 
PRO O    O N N 276 
PRO CB   C N N 277 
PRO CG   C N N 278 
PRO CD   C N N 279 
PRO OXT  O N N 280 
PRO H    H N N 281 
PRO HA   H N N 282 
PRO HB2  H N N 283 
PRO HB3  H N N 284 
PRO HG2  H N N 285 
PRO HG3  H N N 286 
PRO HD2  H N N 287 
PRO HD3  H N N 288 
PRO HXT  H N N 289 
SER N    N N N 290 
SER CA   C N S 291 
SER C    C N N 292 
SER O    O N N 293 
SER CB   C N N 294 
SER OG   O N N 295 
SER OXT  O N N 296 
SER H    H N N 297 
SER H2   H N N 298 
SER HA   H N N 299 
SER HB2  H N N 300 
SER HB3  H N N 301 
SER HG   H N N 302 
SER HXT  H N N 303 
THR N    N N N 304 
THR CA   C N S 305 
THR C    C N N 306 
THR O    O N N 307 
THR CB   C N R 308 
THR OG1  O N N 309 
THR CG2  C N N 310 
THR OXT  O N N 311 
THR H    H N N 312 
THR H2   H N N 313 
THR HA   H N N 314 
THR HB   H N N 315 
THR HG1  H N N 316 
THR HG21 H N N 317 
THR HG22 H N N 318 
THR HG23 H N N 319 
THR HXT  H N N 320 
TYR N    N N N 321 
TYR CA   C N S 322 
TYR C    C N N 323 
TYR O    O N N 324 
TYR CB   C N N 325 
TYR CG   C Y N 326 
TYR CD1  C Y N 327 
TYR CD2  C Y N 328 
TYR CE1  C Y N 329 
TYR CE2  C Y N 330 
TYR CZ   C Y N 331 
TYR OH   O N N 332 
TYR OXT  O N N 333 
TYR H    H N N 334 
TYR H2   H N N 335 
TYR HA   H N N 336 
TYR HB2  H N N 337 
TYR HB3  H N N 338 
TYR HD1  H N N 339 
TYR HD2  H N N 340 
TYR HE1  H N N 341 
TYR HE2  H N N 342 
TYR HH   H N N 343 
TYR HXT  H N N 344 
VAL N    N N N 345 
VAL CA   C N S 346 
VAL C    C N N 347 
VAL O    O N N 348 
VAL CB   C N N 349 
VAL CG1  C N N 350 
VAL CG2  C N N 351 
VAL OXT  O N N 352 
VAL H    H N N 353 
VAL H2   H N N 354 
VAL HA   H N N 355 
VAL HB   H N N 356 
VAL HG11 H N N 357 
VAL HG12 H N N 358 
VAL HG13 H N N 359 
VAL HG21 H N N 360 
VAL HG22 H N N 361 
VAL HG23 H N N 362 
VAL HXT  H N N 363 
# 
loop_
_chem_comp_bond.comp_id 
_chem_comp_bond.atom_id_1 
_chem_comp_bond.atom_id_2 
_chem_comp_bond.value_order 
_chem_comp_bond.pdbx_aromatic_flag 
_chem_comp_bond.pdbx_stereo_config 
_chem_comp_bond.pdbx_ordinal 
ALA N   CA   sing N N 1   
ALA N   H    sing N N 2   
ALA N   H2   sing N N 3   
ALA CA  C    sing N N 4   
ALA CA  CB   sing N N 5   
ALA CA  HA   sing N N 6   
ALA C   O    doub N N 7   
ALA C   OXT  sing N N 8   
ALA CB  HB1  sing N N 9   
ALA CB  HB2  sing N N 10  
ALA CB  HB3  sing N N 11  
ALA OXT HXT  sing N N 12  
ARG N   CA   sing N N 13  
ARG N   H    sing N N 14  
ARG N   H2   sing N N 15  
ARG CA  C    sing N N 16  
ARG CA  CB   sing N N 17  
ARG CA  HA   sing N N 18  
ARG C   O    doub N N 19  
ARG C   OXT  sing N N 20  
ARG CB  CG   sing N N 21  
ARG CB  HB2  sing N N 22  
ARG CB  HB3  sing N N 23  
ARG CG  CD   sing N N 24  
ARG CG  HG2  sing N N 25  
ARG CG  HG3  sing N N 26  
ARG CD  NE   sing N N 27  
ARG CD  HD2  sing N N 28  
ARG CD  HD3  sing N N 29  
ARG NE  CZ   sing N N 30  
ARG NE  HE   sing N N 31  
ARG CZ  NH1  sing N N 32  
ARG CZ  NH2  doub N N 33  
ARG NH1 HH11 sing N N 34  
ARG NH1 HH12 sing N N 35  
ARG NH2 HH21 sing N N 36  
ARG NH2 HH22 sing N N 37  
ARG OXT HXT  sing N N 38  
ASN N   CA   sing N N 39  
ASN N   H    sing N N 40  
ASN N   H2   sing N N 41  
ASN CA  C    sing N N 42  
ASN CA  CB   sing N N 43  
ASN CA  HA   sing N N 44  
ASN C   O    doub N N 45  
ASN C   OXT  sing N N 46  
ASN CB  CG   sing N N 47  
ASN CB  HB2  sing N N 48  
ASN CB  HB3  sing N N 49  
ASN CG  OD1  doub N N 50  
ASN CG  ND2  sing N N 51  
ASN ND2 HD21 sing N N 52  
ASN ND2 HD22 sing N N 53  
ASN OXT HXT  sing N N 54  
ASP N   CA   sing N N 55  
ASP N   H    sing N N 56  
ASP N   H2   sing N N 57  
ASP CA  C    sing N N 58  
ASP CA  CB   sing N N 59  
ASP CA  HA   sing N N 60  
ASP C   O    doub N N 61  
ASP C   OXT  sing N N 62  
ASP CB  CG   sing N N 63  
ASP CB  HB2  sing N N 64  
ASP CB  HB3  sing N N 65  
ASP CG  OD1  doub N N 66  
ASP CG  OD2  sing N N 67  
ASP OD2 HD2  sing N N 68  
ASP OXT HXT  sing N N 69  
CYS N   CA   sing N N 70  
CYS N   H    sing N N 71  
CYS N   H2   sing N N 72  
CYS CA  C    sing N N 73  
CYS CA  CB   sing N N 74  
CYS CA  HA   sing N N 75  
CYS C   O    doub N N 76  
CYS C   OXT  sing N N 77  
CYS CB  SG   sing N N 78  
CYS CB  HB2  sing N N 79  
CYS CB  HB3  sing N N 80  
CYS SG  HG   sing N N 81  
CYS OXT HXT  sing N N 82  
GLN N   CA   sing N N 83  
GLN N   H    sing N N 84  
GLN N   H2   sing N N 85  
GLN CA  C    sing N N 86  
GLN CA  CB   sing N N 87  
GLN CA  HA   sing N N 88  
GLN C   O    doub N N 89  
GLN C   OXT  sing N N 90  
GLN CB  CG   sing N N 91  
GLN CB  HB2  sing N N 92  
GLN CB  HB3  sing N N 93  
GLN CG  CD   sing N N 94  
GLN CG  HG2  sing N N 95  
GLN CG  HG3  sing N N 96  
GLN CD  OE1  doub N N 97  
GLN CD  NE2  sing N N 98  
GLN NE2 HE21 sing N N 99  
GLN NE2 HE22 sing N N 100 
GLN OXT HXT  sing N N 101 
GLU N   CA   sing N N 102 
GLU N   H    sing N N 103 
GLU N   H2   sing N N 104 
GLU CA  C    sing N N 105 
GLU CA  CB   sing N N 106 
GLU CA  HA   sing N N 107 
GLU C   O    doub N N 108 
GLU C   OXT  sing N N 109 
GLU CB  CG   sing N N 110 
GLU CB  HB2  sing N N 111 
GLU CB  HB3  sing N N 112 
GLU CG  CD   sing N N 113 
GLU CG  HG2  sing N N 114 
GLU CG  HG3  sing N N 115 
GLU CD  OE1  doub N N 116 
GLU CD  OE2  sing N N 117 
GLU OE2 HE2  sing N N 118 
GLU OXT HXT  sing N N 119 
GLY N   CA   sing N N 120 
GLY N   H    sing N N 121 
GLY N   H2   sing N N 122 
GLY CA  C    sing N N 123 
GLY CA  HA2  sing N N 124 
GLY CA  HA3  sing N N 125 
GLY C   O    doub N N 126 
GLY C   OXT  sing N N 127 
GLY OXT HXT  sing N N 128 
HIS N   CA   sing N N 129 
HIS N   H    sing N N 130 
HIS N   H2   sing N N 131 
HIS CA  C    sing N N 132 
HIS CA  CB   sing N N 133 
HIS CA  HA   sing N N 134 
HIS C   O    doub N N 135 
HIS C   OXT  sing N N 136 
HIS CB  CG   sing N N 137 
HIS CB  HB2  sing N N 138 
HIS CB  HB3  sing N N 139 
HIS CG  ND1  sing Y N 140 
HIS CG  CD2  doub Y N 141 
HIS ND1 CE1  doub Y N 142 
HIS ND1 HD1  sing N N 143 
HIS CD2 NE2  sing Y N 144 
HIS CD2 HD2  sing N N 145 
HIS CE1 NE2  sing Y N 146 
HIS CE1 HE1  sing N N 147 
HIS NE2 HE2  sing N N 148 
HIS OXT HXT  sing N N 149 
HOH O   H1   sing N N 150 
HOH O   H2   sing N N 151 
ILE N   CA   sing N N 152 
ILE N   H    sing N N 153 
ILE N   H2   sing N N 154 
ILE CA  C    sing N N 155 
ILE CA  CB   sing N N 156 
ILE CA  HA   sing N N 157 
ILE C   O    doub N N 158 
ILE C   OXT  sing N N 159 
ILE CB  CG1  sing N N 160 
ILE CB  CG2  sing N N 161 
ILE CB  HB   sing N N 162 
ILE CG1 CD1  sing N N 163 
ILE CG1 HG12 sing N N 164 
ILE CG1 HG13 sing N N 165 
ILE CG2 HG21 sing N N 166 
ILE CG2 HG22 sing N N 167 
ILE CG2 HG23 sing N N 168 
ILE CD1 HD11 sing N N 169 
ILE CD1 HD12 sing N N 170 
ILE CD1 HD13 sing N N 171 
ILE OXT HXT  sing N N 172 
LEU N   CA   sing N N 173 
LEU N   H    sing N N 174 
LEU N   H2   sing N N 175 
LEU CA  C    sing N N 176 
LEU CA  CB   sing N N 177 
LEU CA  HA   sing N N 178 
LEU C   O    doub N N 179 
LEU C   OXT  sing N N 180 
LEU CB  CG   sing N N 181 
LEU CB  HB2  sing N N 182 
LEU CB  HB3  sing N N 183 
LEU CG  CD1  sing N N 184 
LEU CG  CD2  sing N N 185 
LEU CG  HG   sing N N 186 
LEU CD1 HD11 sing N N 187 
LEU CD1 HD12 sing N N 188 
LEU CD1 HD13 sing N N 189 
LEU CD2 HD21 sing N N 190 
LEU CD2 HD22 sing N N 191 
LEU CD2 HD23 sing N N 192 
LEU OXT HXT  sing N N 193 
LYS N   CA   sing N N 194 
LYS N   H    sing N N 195 
LYS N   H2   sing N N 196 
LYS CA  C    sing N N 197 
LYS CA  CB   sing N N 198 
LYS CA  HA   sing N N 199 
LYS C   O    doub N N 200 
LYS C   OXT  sing N N 201 
LYS CB  CG   sing N N 202 
LYS CB  HB2  sing N N 203 
LYS CB  HB3  sing N N 204 
LYS CG  CD   sing N N 205 
LYS CG  HG2  sing N N 206 
LYS CG  HG3  sing N N 207 
LYS CD  CE   sing N N 208 
LYS CD  HD2  sing N N 209 
LYS CD  HD3  sing N N 210 
LYS CE  NZ   sing N N 211 
LYS CE  HE2  sing N N 212 
LYS CE  HE3  sing N N 213 
LYS NZ  HZ1  sing N N 214 
LYS NZ  HZ2  sing N N 215 
LYS NZ  HZ3  sing N N 216 
LYS OXT HXT  sing N N 217 
MET N   CA   sing N N 218 
MET N   H    sing N N 219 
MET N   H2   sing N N 220 
MET CA  C    sing N N 221 
MET CA  CB   sing N N 222 
MET CA  HA   sing N N 223 
MET C   O    doub N N 224 
MET C   OXT  sing N N 225 
MET CB  CG   sing N N 226 
MET CB  HB2  sing N N 227 
MET CB  HB3  sing N N 228 
MET CG  SD   sing N N 229 
MET CG  HG2  sing N N 230 
MET CG  HG3  sing N N 231 
MET SD  CE   sing N N 232 
MET CE  HE1  sing N N 233 
MET CE  HE2  sing N N 234 
MET CE  HE3  sing N N 235 
MET OXT HXT  sing N N 236 
PHE N   CA   sing N N 237 
PHE N   H    sing N N 238 
PHE N   H2   sing N N 239 
PHE CA  C    sing N N 240 
PHE CA  CB   sing N N 241 
PHE CA  HA   sing N N 242 
PHE C   O    doub N N 243 
PHE C   OXT  sing N N 244 
PHE CB  CG   sing N N 245 
PHE CB  HB2  sing N N 246 
PHE CB  HB3  sing N N 247 
PHE CG  CD1  doub Y N 248 
PHE CG  CD2  sing Y N 249 
PHE CD1 CE1  sing Y N 250 
PHE CD1 HD1  sing N N 251 
PHE CD2 CE2  doub Y N 252 
PHE CD2 HD2  sing N N 253 
PHE CE1 CZ   doub Y N 254 
PHE CE1 HE1  sing N N 255 
PHE CE2 CZ   sing Y N 256 
PHE CE2 HE2  sing N N 257 
PHE CZ  HZ   sing N N 258 
PHE OXT HXT  sing N N 259 
PRO N   CA   sing N N 260 
PRO N   CD   sing N N 261 
PRO N   H    sing N N 262 
PRO CA  C    sing N N 263 
PRO CA  CB   sing N N 264 
PRO CA  HA   sing N N 265 
PRO C   O    doub N N 266 
PRO C   OXT  sing N N 267 
PRO CB  CG   sing N N 268 
PRO CB  HB2  sing N N 269 
PRO CB  HB3  sing N N 270 
PRO CG  CD   sing N N 271 
PRO CG  HG2  sing N N 272 
PRO CG  HG3  sing N N 273 
PRO CD  HD2  sing N N 274 
PRO CD  HD3  sing N N 275 
PRO OXT HXT  sing N N 276 
SER N   CA   sing N N 277 
SER N   H    sing N N 278 
SER N   H2   sing N N 279 
SER CA  C    sing N N 280 
SER CA  CB   sing N N 281 
SER CA  HA   sing N N 282 
SER C   O    doub N N 283 
SER C   OXT  sing N N 284 
SER CB  OG   sing N N 285 
SER CB  HB2  sing N N 286 
SER CB  HB3  sing N N 287 
SER OG  HG   sing N N 288 
SER OXT HXT  sing N N 289 
THR N   CA   sing N N 290 
THR N   H    sing N N 291 
THR N   H2   sing N N 292 
THR CA  C    sing N N 293 
THR CA  CB   sing N N 294 
THR CA  HA   sing N N 295 
THR C   O    doub N N 296 
THR C   OXT  sing N N 297 
THR CB  OG1  sing N N 298 
THR CB  CG2  sing N N 299 
THR CB  HB   sing N N 300 
THR OG1 HG1  sing N N 301 
THR CG2 HG21 sing N N 302 
THR CG2 HG22 sing N N 303 
THR CG2 HG23 sing N N 304 
THR OXT HXT  sing N N 305 
TYR N   CA   sing N N 306 
TYR N   H    sing N N 307 
TYR N   H2   sing N N 308 
TYR CA  C    sing N N 309 
TYR CA  CB   sing N N 310 
TYR CA  HA   sing N N 311 
TYR C   O    doub N N 312 
TYR C   OXT  sing N N 313 
TYR CB  CG   sing N N 314 
TYR CB  HB2  sing N N 315 
TYR CB  HB3  sing N N 316 
TYR CG  CD1  doub Y N 317 
TYR CG  CD2  sing Y N 318 
TYR CD1 CE1  sing Y N 319 
TYR CD1 HD1  sing N N 320 
TYR CD2 CE2  doub Y N 321 
TYR CD2 HD2  sing N N 322 
TYR CE1 CZ   doub Y N 323 
TYR CE1 HE1  sing N N 324 
TYR CE2 CZ   sing Y N 325 
TYR CE2 HE2  sing N N 326 
TYR CZ  OH   sing N N 327 
TYR OH  HH   sing N N 328 
TYR OXT HXT  sing N N 329 
VAL N   CA   sing N N 330 
VAL N   H    sing N N 331 
VAL N   H2   sing N N 332 
VAL CA  C    sing N N 333 
VAL CA  CB   sing N N 334 
VAL CA  HA   sing N N 335 
VAL C   O    doub N N 336 
VAL C   OXT  sing N N 337 
VAL CB  CG1  sing N N 338 
VAL CB  CG2  sing N N 339 
VAL CB  HB   sing N N 340 
VAL CG1 HG11 sing N N 341 
VAL CG1 HG12 sing N N 342 
VAL CG1 HG13 sing N N 343 
VAL CG2 HG21 sing N N 344 
VAL CG2 HG22 sing N N 345 
VAL CG2 HG23 sing N N 346 
VAL OXT HXT  sing N N 347 
# 
loop_
_pdbx_entity_nonpoly.entity_id 
_pdbx_entity_nonpoly.name 
_pdbx_entity_nonpoly.comp_id 
2 SERINE SER 
3 water  HOH 
# 
_pdbx_initial_refinement_model.id               1 
_pdbx_initial_refinement_model.entity_id_list   ? 
_pdbx_initial_refinement_model.type             'experimental model' 
_pdbx_initial_refinement_model.source_name      PDB 
_pdbx_initial_refinement_model.accession_code   1Y2Q 
_pdbx_initial_refinement_model.details          'PDB ENTRY 1Y2Q' 
# 
